data_2OP6
# 
_entry.id   2OP6 
# 
_audit_conform.dict_name       mmcif_pdbx.dic 
_audit_conform.dict_version    5.377 
_audit_conform.dict_location   http://mmcif.pdb.org/dictionaries/ascii/mmcif_pdbx.dic 
# 
loop_
_database_2.database_id 
_database_2.database_code 
_database_2.pdbx_database_accession 
_database_2.pdbx_DOI 
PDB   2OP6         pdb_00002op6 10.2210/pdb2op6/pdb 
RCSB  RCSB041414   ?            ?                   
WWPDB D_1000041414 ?            ?                   
# 
loop_
_pdbx_database_related.db_name 
_pdbx_database_related.db_id 
_pdbx_database_related.details 
_pdbx_database_related.content_type 
TargetDB APC90014.13 .                                                                    unspecified 
PDB      1YUW        'bovine hsc70(aa1-554)E213A/D214A mutant'                            unspecified 
PDB      1DKY        'SUBSTRATE BINDING DOMAIN OF DNAK IN COMPLEX WITH SUBSTRATE PEPTIDE' unspecified 
PDB      7HSC        'HEAT SHOCK COGNATE-70 KD SUBSTRATE BINDING DOMAIN OBTAINED BY NMR'  unspecified 
# 
_pdbx_database_status.status_code                     REL 
_pdbx_database_status.entry_id                        2OP6 
_pdbx_database_status.recvd_initial_deposition_date   2007-01-26 
_pdbx_database_status.deposit_site                    RCSB 
_pdbx_database_status.process_site                    RCSB 
_pdbx_database_status.status_code_sf                  REL 
_pdbx_database_status.status_code_mr                  ? 
_pdbx_database_status.SG_entry                        Y 
_pdbx_database_status.pdb_format_compatible           Y 
_pdbx_database_status.status_code_cs                  ? 
_pdbx_database_status.status_code_nmr_data            ? 
_pdbx_database_status.methods_development_category    ? 
# 
loop_
_audit_author.name 
_audit_author.pdbx_ordinal 
'Osipiuk, J.'                                   1 
'Duggan, E.'                                    2 
'Gu, M.'                                        3 
'Voisine, C.'                                   4 
'Morimoto, R.I.'                                5 
'Joachimiak, A.'                                6 
'Midwest Center for Structural Genomics (MCSG)' 7 
# 
_citation.id                        primary 
_citation.title                     
'X-ray structure of peptide-binding domain of Heat shock 70 kDa protein D precursor from C.elegans' 
_citation.journal_abbrev            'To be Published' 
_citation.journal_volume            ? 
_citation.page_first                ? 
_citation.page_last                 ? 
_citation.year                      ? 
_citation.journal_id_ASTM           ? 
_citation.country                   ? 
_citation.journal_id_ISSN           ? 
_citation.journal_id_CSD            0353 
_citation.book_publisher            ? 
_citation.pdbx_database_id_PubMed   ? 
_citation.pdbx_database_id_DOI      ? 
# 
loop_
_citation_author.citation_id 
_citation_author.name 
_citation_author.ordinal 
_citation_author.identifier_ORCID 
primary 'Osipiuk, J.'    1 ? 
primary 'Duggan, E.'     2 ? 
primary 'Gu, M.'         3 ? 
primary 'Voisine, C.'    4 ? 
primary 'Morimoto, R.I.' 5 ? 
primary 'Joachimiak, A.' 6 ? 
# 
_cell.entry_id           2OP6 
_cell.length_a           53.172 
_cell.length_b           26.688 
_cell.length_c           60.995 
_cell.angle_alpha        90.00 
_cell.angle_beta         115.14 
_cell.angle_gamma        90.00 
_cell.Z_PDB              2 
_cell.pdbx_unique_axis   ? 
_cell.length_a_esd       ? 
_cell.length_b_esd       ? 
_cell.length_c_esd       ? 
_cell.angle_alpha_esd    ? 
_cell.angle_beta_esd     ? 
_cell.angle_gamma_esd    ? 
# 
_symmetry.entry_id                         2OP6 
_symmetry.space_group_name_H-M             'P 1 21 1' 
_symmetry.pdbx_full_space_group_name_H-M   ? 
_symmetry.cell_setting                     ? 
_symmetry.Int_Tables_number                4 
_symmetry.space_group_name_Hall            ? 
# 
loop_
_entity.id 
_entity.type 
_entity.src_method 
_entity.pdbx_description 
_entity.formula_weight 
_entity.pdbx_number_of_molecules 
_entity.pdbx_ec 
_entity.pdbx_mutation 
_entity.pdbx_fragment 
_entity.details 
1 polymer man 'Heat shock 70 kDa protein D' 16546.467 1   ? ? 'hsp70 peptide-binding domain' ? 
2 water   nat water                         18.015    166 ? ? ?                              ? 
# 
_entity_poly.entity_id                      1 
_entity_poly.type                           'polypeptide(L)' 
_entity_poly.nstd_linkage                   no 
_entity_poly.nstd_monomer                   no 
_entity_poly.pdbx_seq_one_letter_code       
;SNADVNPLTLGIETVGGVMTKLIGRNTVIPTKKSQVFSTAADSQSAVSIVIYEGERPMVMDNHKLGNFDVTGIPPAPRGV
PQIEVTFEIDVNGILHVSAEDKGTGNKNKLTITNDHNRLSPEDIERMINDADKFAADDQAQKEKVESRNELE
;
_entity_poly.pdbx_seq_one_letter_code_can   
;SNADVNPLTLGIETVGGVMTKLIGRNTVIPTKKSQVFSTAADSQSAVSIVIYEGERPMVMDNHKLGNFDVTGIPPAPRGV
PQIEVTFEIDVNGILHVSAEDKGTGNKNKLTITNDHNRLSPEDIERMINDADKFAADDQAQKEKVESRNELE
;
_entity_poly.pdbx_strand_id                 A 
_entity_poly.pdbx_target_identifier         APC90014.13 
# 
loop_
_entity_poly_seq.entity_id 
_entity_poly_seq.num 
_entity_poly_seq.mon_id 
_entity_poly_seq.hetero 
1 1   SER n 
1 2   ASN n 
1 3   ALA n 
1 4   ASP n 
1 5   VAL n 
1 6   ASN n 
1 7   PRO n 
1 8   LEU n 
1 9   THR n 
1 10  LEU n 
1 11  GLY n 
1 12  ILE n 
1 13  GLU n 
1 14  THR n 
1 15  VAL n 
1 16  GLY n 
1 17  GLY n 
1 18  VAL n 
1 19  MET n 
1 20  THR n 
1 21  LYS n 
1 22  LEU n 
1 23  ILE n 
1 24  GLY n 
1 25  ARG n 
1 26  ASN n 
1 27  THR n 
1 28  VAL n 
1 29  ILE n 
1 30  PRO n 
1 31  THR n 
1 32  LYS n 
1 33  LYS n 
1 34  SER n 
1 35  GLN n 
1 36  VAL n 
1 37  PHE n 
1 38  SER n 
1 39  THR n 
1 40  ALA n 
1 41  ALA n 
1 42  ASP n 
1 43  SER n 
1 44  GLN n 
1 45  SER n 
1 46  ALA n 
1 47  VAL n 
1 48  SER n 
1 49  ILE n 
1 50  VAL n 
1 51  ILE n 
1 52  TYR n 
1 53  GLU n 
1 54  GLY n 
1 55  GLU n 
1 56  ARG n 
1 57  PRO n 
1 58  MET n 
1 59  VAL n 
1 60  MET n 
1 61  ASP n 
1 62  ASN n 
1 63  HIS n 
1 64  LYS n 
1 65  LEU n 
1 66  GLY n 
1 67  ASN n 
1 68  PHE n 
1 69  ASP n 
1 70  VAL n 
1 71  THR n 
1 72  GLY n 
1 73  ILE n 
1 74  PRO n 
1 75  PRO n 
1 76  ALA n 
1 77  PRO n 
1 78  ARG n 
1 79  GLY n 
1 80  VAL n 
1 81  PRO n 
1 82  GLN n 
1 83  ILE n 
1 84  GLU n 
1 85  VAL n 
1 86  THR n 
1 87  PHE n 
1 88  GLU n 
1 89  ILE n 
1 90  ASP n 
1 91  VAL n 
1 92  ASN n 
1 93  GLY n 
1 94  ILE n 
1 95  LEU n 
1 96  HIS n 
1 97  VAL n 
1 98  SER n 
1 99  ALA n 
1 100 GLU n 
1 101 ASP n 
1 102 LYS n 
1 103 GLY n 
1 104 THR n 
1 105 GLY n 
1 106 ASN n 
1 107 LYS n 
1 108 ASN n 
1 109 LYS n 
1 110 LEU n 
1 111 THR n 
1 112 ILE n 
1 113 THR n 
1 114 ASN n 
1 115 ASP n 
1 116 HIS n 
1 117 ASN n 
1 118 ARG n 
1 119 LEU n 
1 120 SER n 
1 121 PRO n 
1 122 GLU n 
1 123 ASP n 
1 124 ILE n 
1 125 GLU n 
1 126 ARG n 
1 127 MET n 
1 128 ILE n 
1 129 ASN n 
1 130 ASP n 
1 131 ALA n 
1 132 ASP n 
1 133 LYS n 
1 134 PHE n 
1 135 ALA n 
1 136 ALA n 
1 137 ASP n 
1 138 ASP n 
1 139 GLN n 
1 140 ALA n 
1 141 GLN n 
1 142 LYS n 
1 143 GLU n 
1 144 LYS n 
1 145 VAL n 
1 146 GLU n 
1 147 SER n 
1 148 ARG n 
1 149 ASN n 
1 150 GLU n 
1 151 LEU n 
1 152 GLU n 
# 
_entity_src_gen.entity_id                          1 
_entity_src_gen.pdbx_src_id                        1 
_entity_src_gen.pdbx_alt_source_flag               sample 
_entity_src_gen.pdbx_seq_type                      ? 
_entity_src_gen.pdbx_beg_seq_num                   ? 
_entity_src_gen.pdbx_end_seq_num                   ? 
_entity_src_gen.gene_src_common_name               ? 
_entity_src_gen.gene_src_genus                     Caenorhabditis 
_entity_src_gen.pdbx_gene_src_gene                 'hsp-4, hsp70d' 
_entity_src_gen.gene_src_species                   ? 
_entity_src_gen.gene_src_strain                    'Bristol N2' 
_entity_src_gen.gene_src_tissue                    ? 
_entity_src_gen.gene_src_tissue_fraction           ? 
_entity_src_gen.gene_src_details                   ? 
_entity_src_gen.pdbx_gene_src_fragment             ? 
_entity_src_gen.pdbx_gene_src_scientific_name      'Caenorhabditis elegans' 
_entity_src_gen.pdbx_gene_src_ncbi_taxonomy_id     6239 
_entity_src_gen.pdbx_gene_src_variant              ? 
_entity_src_gen.pdbx_gene_src_cell_line            ? 
_entity_src_gen.pdbx_gene_src_atcc                 ? 
_entity_src_gen.pdbx_gene_src_organ                ? 
_entity_src_gen.pdbx_gene_src_organelle            ? 
_entity_src_gen.pdbx_gene_src_cell                 ? 
_entity_src_gen.pdbx_gene_src_cellular_location    ? 
_entity_src_gen.host_org_common_name               ? 
_entity_src_gen.pdbx_host_org_scientific_name      'Escherichia coli BL21(DE3)' 
_entity_src_gen.pdbx_host_org_ncbi_taxonomy_id     469008 
_entity_src_gen.host_org_genus                     Escherichia 
_entity_src_gen.pdbx_host_org_gene                 ? 
_entity_src_gen.pdbx_host_org_organ                ? 
_entity_src_gen.host_org_species                   'Escherichia coli' 
_entity_src_gen.pdbx_host_org_tissue               ? 
_entity_src_gen.pdbx_host_org_tissue_fraction      ? 
_entity_src_gen.pdbx_host_org_strain               'BL21(DE3)' 
_entity_src_gen.pdbx_host_org_variant              ? 
_entity_src_gen.pdbx_host_org_cell_line            ? 
_entity_src_gen.pdbx_host_org_atcc                 ? 
_entity_src_gen.pdbx_host_org_culture_collection   ? 
_entity_src_gen.pdbx_host_org_cell                 ? 
_entity_src_gen.pdbx_host_org_organelle            ? 
_entity_src_gen.pdbx_host_org_cellular_location    ? 
_entity_src_gen.pdbx_host_org_vector_type          Plasmid 
_entity_src_gen.pdbx_host_org_vector               ? 
_entity_src_gen.host_org_details                   ? 
_entity_src_gen.expression_system_id               ? 
_entity_src_gen.plasmid_name                       pMCSG7 
_entity_src_gen.plasmid_details                    ? 
_entity_src_gen.pdbx_description                   ? 
# 
_struct_ref.id                         1 
_struct_ref.db_name                    UNP 
_struct_ref.db_code                    HSP7D_CAEEL 
_struct_ref.pdbx_db_accession          P20163 
_struct_ref.entity_id                  1 
_struct_ref.pdbx_seq_one_letter_code   
;DVNPLTLGIETVGGVMTKLIGRNTVIPTKKSQVFSTAADSQSAVSIVIYEGERPMVMDNHKLGNFDVTGIPPAPRGVPQI
EVTFEIDVNGILHVSAEDKGTGNKNKLTITNDHNRLSPEDIERMINDADKFAADDQAQKEKVESRNELE
;
_struct_ref.pdbx_align_begin           420 
_struct_ref.pdbx_db_isoform            ? 
# 
_struct_ref_seq.align_id                      1 
_struct_ref_seq.ref_id                        1 
_struct_ref_seq.pdbx_PDB_id_code              2OP6 
_struct_ref_seq.pdbx_strand_id                A 
_struct_ref_seq.seq_align_beg                 4 
_struct_ref_seq.pdbx_seq_align_beg_ins_code   ? 
_struct_ref_seq.seq_align_end                 152 
_struct_ref_seq.pdbx_seq_align_end_ins_code   ? 
_struct_ref_seq.pdbx_db_accession             P20163 
_struct_ref_seq.db_align_beg                  420 
_struct_ref_seq.pdbx_db_align_beg_ins_code    ? 
_struct_ref_seq.db_align_end                  568 
_struct_ref_seq.pdbx_db_align_end_ins_code    ? 
_struct_ref_seq.pdbx_auth_seq_align_beg       420 
_struct_ref_seq.pdbx_auth_seq_align_end       568 
# 
loop_
_struct_ref_seq_dif.align_id 
_struct_ref_seq_dif.pdbx_pdb_id_code 
_struct_ref_seq_dif.mon_id 
_struct_ref_seq_dif.pdbx_pdb_strand_id 
_struct_ref_seq_dif.seq_num 
_struct_ref_seq_dif.pdbx_pdb_ins_code 
_struct_ref_seq_dif.pdbx_seq_db_name 
_struct_ref_seq_dif.pdbx_seq_db_accession_code 
_struct_ref_seq_dif.db_mon_id 
_struct_ref_seq_dif.pdbx_seq_db_seq_num 
_struct_ref_seq_dif.details 
_struct_ref_seq_dif.pdbx_auth_seq_num 
_struct_ref_seq_dif.pdbx_ordinal 
1 2OP6 SER A 1 ? UNP P20163 ? ? 'cloning artifact' 417 1 
1 2OP6 ASN A 2 ? UNP P20163 ? ? 'cloning artifact' 418 2 
1 2OP6 ALA A 3 ? UNP P20163 ? ? 'cloning artifact' 419 3 
# 
loop_
_chem_comp.id 
_chem_comp.type 
_chem_comp.mon_nstd_flag 
_chem_comp.name 
_chem_comp.pdbx_synonyms 
_chem_comp.formula 
_chem_comp.formula_weight 
ALA 'L-peptide linking' y ALANINE         ? 'C3 H7 N O2'     89.093  
ARG 'L-peptide linking' y ARGININE        ? 'C6 H15 N4 O2 1' 175.209 
ASN 'L-peptide linking' y ASPARAGINE      ? 'C4 H8 N2 O3'    132.118 
ASP 'L-peptide linking' y 'ASPARTIC ACID' ? 'C4 H7 N O4'     133.103 
GLN 'L-peptide linking' y GLUTAMINE       ? 'C5 H10 N2 O3'   146.144 
GLU 'L-peptide linking' y 'GLUTAMIC ACID' ? 'C5 H9 N O4'     147.129 
GLY 'peptide linking'   y GLYCINE         ? 'C2 H5 N O2'     75.067  
HIS 'L-peptide linking' y HISTIDINE       ? 'C6 H10 N3 O2 1' 156.162 
HOH non-polymer         . WATER           ? 'H2 O'           18.015  
ILE 'L-peptide linking' y ISOLEUCINE      ? 'C6 H13 N O2'    131.173 
LEU 'L-peptide linking' y LEUCINE         ? 'C6 H13 N O2'    131.173 
LYS 'L-peptide linking' y LYSINE          ? 'C6 H15 N2 O2 1' 147.195 
MET 'L-peptide linking' y METHIONINE      ? 'C5 H11 N O2 S'  149.211 
PHE 'L-peptide linking' y PHENYLALANINE   ? 'C9 H11 N O2'    165.189 
PRO 'L-peptide linking' y PROLINE         ? 'C5 H9 N O2'     115.130 
SER 'L-peptide linking' y SERINE          ? 'C3 H7 N O3'     105.093 
THR 'L-peptide linking' y THREONINE       ? 'C4 H9 N O3'     119.119 
TYR 'L-peptide linking' y TYROSINE        ? 'C9 H11 N O3'    181.189 
VAL 'L-peptide linking' y VALINE          ? 'C5 H11 N O2'    117.146 
# 
_exptl.entry_id          2OP6 
_exptl.method            'X-RAY DIFFRACTION' 
_exptl.crystals_number   ? 
# 
_exptl_crystal.id                    1 
_exptl_crystal.density_meas          ? 
_exptl_crystal.density_Matthews      2.37 
_exptl_crystal.density_percent_sol   48.03 
_exptl_crystal.description           ? 
_exptl_crystal.F_000                 ? 
_exptl_crystal.preparation           ? 
# 
_exptl_crystal_grow.crystal_id      1 
_exptl_crystal_grow.method          'VAPOR DIFFUSION, HANGING DROP' 
_exptl_crystal_grow.temp            277 
_exptl_crystal_grow.temp_details    ? 
_exptl_crystal_grow.pH              7.5 
_exptl_crystal_grow.pdbx_details    
'1.4 M Tri-sodium citrate, 0.1 M HEPES buffer, pH 7.5, VAPOR DIFFUSION, HANGING DROP, temperature 277K' 
_exptl_crystal_grow.pdbx_pH_range   . 
# 
_diffrn.id                     1 
_diffrn.ambient_temp           100 
_diffrn.ambient_temp_details   ? 
_diffrn.crystal_id             1 
# 
_diffrn_detector.diffrn_id              1 
_diffrn_detector.detector               CCD 
_diffrn_detector.type                   SBC-3 
_diffrn_detector.pdbx_collection_date   2006-06-12 
_diffrn_detector.details                ? 
# 
_diffrn_radiation.diffrn_id                        1 
_diffrn_radiation.wavelength_id                    1 
_diffrn_radiation.pdbx_monochromatic_or_laue_m_l   M 
_diffrn_radiation.monochromator                    'double crystal' 
_diffrn_radiation.pdbx_diffrn_protocol             'SINGLE WAVELENGTH' 
_diffrn_radiation.pdbx_scattering_type             x-ray 
# 
_diffrn_radiation_wavelength.id           1 
_diffrn_radiation_wavelength.wavelength   0.97970 
_diffrn_radiation_wavelength.wt           1.0 
# 
_diffrn_source.diffrn_id                   1 
_diffrn_source.source                      SYNCHROTRON 
_diffrn_source.type                        'APS BEAMLINE 19-BM' 
_diffrn_source.pdbx_synchrotron_site       APS 
_diffrn_source.pdbx_synchrotron_beamline   19-BM 
_diffrn_source.pdbx_wavelength             ? 
_diffrn_source.pdbx_wavelength_list        0.97970 
# 
_reflns.entry_id                     2OP6 
_reflns.observed_criterion_sigma_F   0 
_reflns.observed_criterion_sigma_I   0 
_reflns.d_resolution_high            1.85 
_reflns.d_resolution_low             30.44 
_reflns.number_all                   12530 
_reflns.number_obs                   12530 
_reflns.percent_possible_obs         91.6 
_reflns.pdbx_Rmerge_I_obs            0.072 
_reflns.pdbx_Rsym_value              ? 
_reflns.pdbx_netI_over_sigmaI        15.1 
_reflns.B_iso_Wilson_estimate        28.6 
_reflns.pdbx_redundancy              3.2 
_reflns.R_free_details               ? 
_reflns.limit_h_max                  ? 
_reflns.limit_h_min                  ? 
_reflns.limit_k_max                  ? 
_reflns.limit_k_min                  ? 
_reflns.limit_l_max                  ? 
_reflns.limit_l_min                  ? 
_reflns.observed_criterion_F_max     ? 
_reflns.observed_criterion_F_min     ? 
_reflns.pdbx_chi_squared             ? 
_reflns.pdbx_scaling_rejects         ? 
_reflns.pdbx_ordinal                 1 
_reflns.pdbx_diffrn_id               1 
# 
_reflns_shell.d_res_high             1.85 
_reflns_shell.d_res_low              1.92 
_reflns_shell.percent_possible_all   55.2 
_reflns_shell.Rmerge_I_obs           0.334 
_reflns_shell.pdbx_Rsym_value        ? 
_reflns_shell.meanI_over_sigI_obs    1.97 
_reflns_shell.pdbx_redundancy        2.2 
_reflns_shell.percent_possible_obs   ? 
_reflns_shell.number_unique_all      754 
_reflns_shell.number_measured_all    ? 
_reflns_shell.number_measured_obs    ? 
_reflns_shell.number_unique_obs      ? 
_reflns_shell.pdbx_chi_squared       ? 
_reflns_shell.pdbx_ordinal           1 
_reflns_shell.pdbx_diffrn_id         1 
# 
_refine.entry_id                                 2OP6 
_refine.ls_number_reflns_obs                     11283 
_refine.ls_number_reflns_all                     11283 
_refine.pdbx_ls_sigma_I                          0 
_refine.pdbx_ls_sigma_F                          0 
_refine.pdbx_data_cutoff_high_absF               ? 
_refine.pdbx_data_cutoff_low_absF                ? 
_refine.pdbx_data_cutoff_high_rms_absF           ? 
_refine.ls_d_res_low                             30.44 
_refine.ls_d_res_high                            1.85 
_refine.ls_percent_reflns_obs                    91.20 
_refine.ls_R_factor_obs                          0.1735 
_refine.ls_R_factor_all                          0.1735 
_refine.ls_R_factor_R_work                       0.1689 
_refine.ls_R_factor_R_free                       0.2124 
_refine.ls_R_factor_R_free_error                 ? 
_refine.ls_R_factor_R_free_error_details         ? 
_refine.ls_percent_reflns_R_free                 9.9 
_refine.ls_number_reflns_R_free                  1237 
_refine.ls_number_parameters                     ? 
_refine.ls_number_restraints                     ? 
_refine.occupancy_min                            ? 
_refine.occupancy_max                            ? 
_refine.correlation_coeff_Fo_to_Fc               0.959 
_refine.correlation_coeff_Fo_to_Fc_free          0.937 
_refine.B_iso_mean                               23.253 
_refine.aniso_B[1][1]                            0.51 
_refine.aniso_B[2][2]                            -0.85 
_refine.aniso_B[3][3]                            0.10 
_refine.aniso_B[1][2]                            0.00 
_refine.aniso_B[1][3]                            -0.29 
_refine.aniso_B[2][3]                            0.00 
_refine.solvent_model_details                    MASK 
_refine.solvent_model_param_ksol                 ? 
_refine.solvent_model_param_bsol                 ? 
_refine.pdbx_solvent_vdw_probe_radii             1.20 
_refine.pdbx_solvent_ion_probe_radii             0.80 
_refine.pdbx_solvent_shrinkage_radii             0.80 
_refine.pdbx_ls_cross_valid_method               THROUGHOUT 
_refine.details                                  'HYDROGENS HAVE BEEN ADDED IN THE RIDING POSITIONS' 
_refine.pdbx_starting_model                      'PDB entry 1YUW' 
_refine.pdbx_method_to_determine_struct          'MOLECULAR REPLACEMENT' 
_refine.pdbx_isotropic_thermal_model             ? 
_refine.pdbx_stereochemistry_target_values       'MAXIMUM LIKELIHOOD' 
_refine.pdbx_stereochem_target_val_spec_case     ? 
_refine.pdbx_R_Free_selection_details            RANDOM 
_refine.pdbx_overall_ESU_R                       0.164 
_refine.pdbx_overall_ESU_R_Free                  0.147 
_refine.overall_SU_ML                            0.108 
_refine.overall_SU_B                             6.963 
_refine.ls_redundancy_reflns_obs                 ? 
_refine.B_iso_min                                ? 
_refine.B_iso_max                                ? 
_refine.overall_SU_R_Cruickshank_DPI             ? 
_refine.overall_SU_R_free                        ? 
_refine.ls_wR_factor_R_free                      ? 
_refine.ls_wR_factor_R_work                      ? 
_refine.overall_FOM_free_R_set                   ? 
_refine.overall_FOM_work_R_set                   ? 
_refine.pdbx_refine_id                           'X-RAY DIFFRACTION' 
_refine.pdbx_TLS_residual_ADP_flag               'LIKELY RESIDUAL' 
_refine.pdbx_diffrn_id                           1 
_refine.pdbx_overall_phase_error                 ? 
_refine.pdbx_overall_SU_R_free_Cruickshank_DPI   ? 
_refine.pdbx_overall_SU_R_Blow_DPI               ? 
_refine.pdbx_overall_SU_R_free_Blow_DPI          ? 
# 
_refine_hist.pdbx_refine_id                   'X-RAY DIFFRACTION' 
_refine_hist.cycle_id                         LAST 
_refine_hist.pdbx_number_atoms_protein        1145 
_refine_hist.pdbx_number_atoms_nucleic_acid   0 
_refine_hist.pdbx_number_atoms_ligand         0 
_refine_hist.number_atoms_solvent             166 
_refine_hist.number_atoms_total               1311 
_refine_hist.d_res_high                       1.85 
_refine_hist.d_res_low                        30.44 
# 
loop_
_refine_ls_restr.type 
_refine_ls_restr.dev_ideal 
_refine_ls_restr.dev_ideal_target 
_refine_ls_restr.weight 
_refine_ls_restr.number 
_refine_ls_restr.pdbx_refine_id 
_refine_ls_restr.pdbx_restraint_function 
r_bond_refined_d             0.017  0.022  ? 1251 'X-RAY DIFFRACTION' ? 
r_bond_other_d               ?      ?      ? ?    'X-RAY DIFFRACTION' ? 
r_angle_refined_deg          1.555  1.972  ? 1715 'X-RAY DIFFRACTION' ? 
r_angle_other_deg            ?      ?      ? ?    'X-RAY DIFFRACTION' ? 
r_dihedral_angle_1_deg       6.278  5.000  ? 175  'X-RAY DIFFRACTION' ? 
r_dihedral_angle_2_deg       36.029 26.129 ? 62   'X-RAY DIFFRACTION' ? 
r_dihedral_angle_3_deg       15.504 15.000 ? 237  'X-RAY DIFFRACTION' ? 
r_dihedral_angle_4_deg       16.900 15.000 ? 8    'X-RAY DIFFRACTION' ? 
r_chiral_restr               0.100  0.200  ? 200  'X-RAY DIFFRACTION' ? 
r_gen_planes_refined         0.005  0.020  ? 966  'X-RAY DIFFRACTION' ? 
r_gen_planes_other           ?      ?      ? ?    'X-RAY DIFFRACTION' ? 
r_nbd_refined                0.201  0.200  ? 531  'X-RAY DIFFRACTION' ? 
r_nbd_other                  ?      ?      ? ?    'X-RAY DIFFRACTION' ? 
r_nbtor_refined              0.301  0.200  ? 857  'X-RAY DIFFRACTION' ? 
r_nbtor_other                ?      ?      ? ?    'X-RAY DIFFRACTION' ? 
r_xyhbond_nbd_refined        0.161  0.200  ? 130  'X-RAY DIFFRACTION' ? 
r_xyhbond_nbd_other          ?      ?      ? ?    'X-RAY DIFFRACTION' ? 
r_metal_ion_refined          ?      ?      ? ?    'X-RAY DIFFRACTION' ? 
r_metal_ion_other            ?      ?      ? ?    'X-RAY DIFFRACTION' ? 
r_symmetry_vdw_refined       0.213  0.200  ? 36   'X-RAY DIFFRACTION' ? 
r_symmetry_vdw_other         ?      ?      ? ?    'X-RAY DIFFRACTION' ? 
r_symmetry_hbond_refined     0.149  0.200  ? 15   'X-RAY DIFFRACTION' ? 
r_symmetry_hbond_other       ?      ?      ? ?    'X-RAY DIFFRACTION' ? 
r_symmetry_metal_ion_refined ?      ?      ? ?    'X-RAY DIFFRACTION' ? 
r_symmetry_metal_ion_other   ?      ?      ? ?    'X-RAY DIFFRACTION' ? 
r_mcbond_it                  0.895  1.500  ? 811  'X-RAY DIFFRACTION' ? 
r_mcbond_other               ?      ?      ? ?    'X-RAY DIFFRACTION' ? 
r_mcangle_it                 1.335  2.000  ? 1303 'X-RAY DIFFRACTION' ? 
r_scbond_it                  2.322  3.000  ? 474  'X-RAY DIFFRACTION' ? 
r_scangle_it                 3.745  4.500  ? 398  'X-RAY DIFFRACTION' ? 
r_rigid_bond_restr           ?      ?      ? ?    'X-RAY DIFFRACTION' ? 
r_sphericity_free            ?      ?      ? ?    'X-RAY DIFFRACTION' ? 
r_sphericity_bonded          ?      ?      ? ?    'X-RAY DIFFRACTION' ? 
# 
_refine_ls_shell.pdbx_total_number_of_bins_used   20 
_refine_ls_shell.d_res_high                       1.85 
_refine_ls_shell.d_res_low                        1.90 
_refine_ls_shell.number_reflns_R_work             460 
_refine_ls_shell.R_factor_R_work                  0.248 
_refine_ls_shell.percent_reflns_obs               49.56 
_refine_ls_shell.R_factor_R_free                  0.257 
_refine_ls_shell.R_factor_R_free_error            ? 
_refine_ls_shell.percent_reflns_R_free            ? 
_refine_ls_shell.number_reflns_R_free             47 
_refine_ls_shell.number_reflns_all                ? 
_refine_ls_shell.R_factor_all                     ? 
_refine_ls_shell.number_reflns_obs                507 
_refine_ls_shell.redundancy_reflns_obs            ? 
_refine_ls_shell.pdbx_refine_id                   'X-RAY DIFFRACTION' 
# 
_struct.entry_id                  2OP6 
_struct.title                     'Peptide-binding domain of Heat shock 70 kDa protein D precursor from C.elegans' 
_struct.pdbx_model_details        ? 
_struct.pdbx_CASP_flag            ? 
_struct.pdbx_model_type_details   ? 
# 
_struct_keywords.entry_id        2OP6 
_struct_keywords.pdbx_keywords   'PEPTIDE BINDING PROTEIN' 
_struct_keywords.text            
;hsp70/peptide-binding domain, structural genomics, APC90014.13, PSI-2, Protein Structure Initiative, Midwest Center for Structural Genomics, MCSG, PEPTIDE BINDING PROTEIN
;
# 
loop_
_struct_asym.id 
_struct_asym.pdbx_blank_PDB_chainid_flag 
_struct_asym.pdbx_modified 
_struct_asym.entity_id 
_struct_asym.details 
A N N 1 ? 
B N N 2 ? 
# 
_struct_biol.id   1 
# 
loop_
_struct_conf.conf_type_id 
_struct_conf.id 
_struct_conf.pdbx_PDB_helix_id 
_struct_conf.beg_label_comp_id 
_struct_conf.beg_label_asym_id 
_struct_conf.beg_label_seq_id 
_struct_conf.pdbx_beg_PDB_ins_code 
_struct_conf.end_label_comp_id 
_struct_conf.end_label_asym_id 
_struct_conf.end_label_seq_id 
_struct_conf.pdbx_end_PDB_ins_code 
_struct_conf.beg_auth_comp_id 
_struct_conf.beg_auth_asym_id 
_struct_conf.beg_auth_seq_id 
_struct_conf.end_auth_comp_id 
_struct_conf.end_auth_asym_id 
_struct_conf.end_auth_seq_id 
_struct_conf.pdbx_PDB_helix_class 
_struct_conf.details 
_struct_conf.pdbx_PDB_helix_length 
HELX_P HELX_P1 1 MET A 58  ? ASN A 62  ? MET A 474 ASN A 478 5 ? 5  
HELX_P HELX_P2 2 SER A 120 ? PHE A 134 ? SER A 536 PHE A 550 1 ? 15 
HELX_P HELX_P3 3 PHE A 134 ? VAL A 145 ? PHE A 550 VAL A 561 1 ? 12 
# 
_struct_conf_type.id          HELX_P 
_struct_conf_type.criteria    ? 
_struct_conf_type.reference   ? 
# 
_struct_mon_prot_cis.pdbx_id                1 
_struct_mon_prot_cis.label_comp_id          ILE 
_struct_mon_prot_cis.label_seq_id           29 
_struct_mon_prot_cis.label_asym_id          A 
_struct_mon_prot_cis.label_alt_id           . 
_struct_mon_prot_cis.pdbx_PDB_ins_code      ? 
_struct_mon_prot_cis.auth_comp_id           ILE 
_struct_mon_prot_cis.auth_seq_id            445 
_struct_mon_prot_cis.auth_asym_id           A 
_struct_mon_prot_cis.pdbx_label_comp_id_2   PRO 
_struct_mon_prot_cis.pdbx_label_seq_id_2    30 
_struct_mon_prot_cis.pdbx_label_asym_id_2   A 
_struct_mon_prot_cis.pdbx_PDB_ins_code_2    ? 
_struct_mon_prot_cis.pdbx_auth_comp_id_2    PRO 
_struct_mon_prot_cis.pdbx_auth_seq_id_2     446 
_struct_mon_prot_cis.pdbx_auth_asym_id_2    A 
_struct_mon_prot_cis.pdbx_PDB_model_num     1 
_struct_mon_prot_cis.pdbx_omega_angle       0.76 
# 
loop_
_struct_sheet.id 
_struct_sheet.type 
_struct_sheet.number_strands 
_struct_sheet.details 
A ? 4 ? 
B ? 5 ? 
# 
loop_
_struct_sheet_order.sheet_id 
_struct_sheet_order.range_id_1 
_struct_sheet_order.range_id_2 
_struct_sheet_order.offset 
_struct_sheet_order.sense 
A 1 2 ? anti-parallel 
A 2 3 ? anti-parallel 
A 3 4 ? anti-parallel 
B 1 2 ? anti-parallel 
B 2 3 ? anti-parallel 
B 3 4 ? anti-parallel 
B 4 5 ? parallel      
# 
loop_
_struct_sheet_range.sheet_id 
_struct_sheet_range.id 
_struct_sheet_range.beg_label_comp_id 
_struct_sheet_range.beg_label_asym_id 
_struct_sheet_range.beg_label_seq_id 
_struct_sheet_range.pdbx_beg_PDB_ins_code 
_struct_sheet_range.end_label_comp_id 
_struct_sheet_range.end_label_asym_id 
_struct_sheet_range.end_label_seq_id 
_struct_sheet_range.pdbx_end_PDB_ins_code 
_struct_sheet_range.beg_auth_comp_id 
_struct_sheet_range.beg_auth_asym_id 
_struct_sheet_range.beg_auth_seq_id 
_struct_sheet_range.end_auth_comp_id 
_struct_sheet_range.end_auth_asym_id 
_struct_sheet_range.end_auth_seq_id 
A 1 VAL A 18  ? ILE A 23  ? VAL A 434 ILE A 439 
A 2 LEU A 10  ? THR A 14  ? LEU A 426 THR A 430 
A 3 VAL A 47  ? GLU A 53  ? VAL A 463 GLU A 469 
A 4 HIS A 63  ? VAL A 70  ? HIS A 479 VAL A 486 
B 1 LYS A 107 ? ILE A 112 ? LYS A 523 ILE A 528 
B 2 LEU A 95  ? ASP A 101 ? LEU A 511 ASP A 517 
B 3 ILE A 83  ? ILE A 89  ? ILE A 499 ILE A 505 
B 4 THR A 31  ? THR A 39  ? THR A 447 THR A 455 
B 5 GLU A 150 ? LEU A 151 ? GLU A 566 LEU A 567 
# 
loop_
_pdbx_struct_sheet_hbond.sheet_id 
_pdbx_struct_sheet_hbond.range_id_1 
_pdbx_struct_sheet_hbond.range_id_2 
_pdbx_struct_sheet_hbond.range_1_label_atom_id 
_pdbx_struct_sheet_hbond.range_1_label_comp_id 
_pdbx_struct_sheet_hbond.range_1_label_asym_id 
_pdbx_struct_sheet_hbond.range_1_label_seq_id 
_pdbx_struct_sheet_hbond.range_1_PDB_ins_code 
_pdbx_struct_sheet_hbond.range_1_auth_atom_id 
_pdbx_struct_sheet_hbond.range_1_auth_comp_id 
_pdbx_struct_sheet_hbond.range_1_auth_asym_id 
_pdbx_struct_sheet_hbond.range_1_auth_seq_id 
_pdbx_struct_sheet_hbond.range_2_label_atom_id 
_pdbx_struct_sheet_hbond.range_2_label_comp_id 
_pdbx_struct_sheet_hbond.range_2_label_asym_id 
_pdbx_struct_sheet_hbond.range_2_label_seq_id 
_pdbx_struct_sheet_hbond.range_2_PDB_ins_code 
_pdbx_struct_sheet_hbond.range_2_auth_atom_id 
_pdbx_struct_sheet_hbond.range_2_auth_comp_id 
_pdbx_struct_sheet_hbond.range_2_auth_asym_id 
_pdbx_struct_sheet_hbond.range_2_auth_seq_id 
A 1 2 O LEU A 22  ? O LEU A 438 N LEU A 10  ? N LEU A 426 
A 2 3 N GLY A 11  ? N GLY A 427 O TYR A 52  ? O TYR A 468 
A 3 4 N ILE A 49  ? N ILE A 465 O PHE A 68  ? O PHE A 484 
B 1 2 O ILE A 112 ? O ILE A 528 N LEU A 95  ? N LEU A 511 
B 2 3 O GLU A 100 ? O GLU A 516 N GLU A 84  ? N GLU A 500 
B 3 4 O VAL A 85  ? O VAL A 501 N GLN A 35  ? N GLN A 451 
B 4 5 N SER A 38  ? N SER A 454 O LEU A 151 ? O LEU A 567 
# 
_atom_sites.entry_id                    2OP6 
_atom_sites.fract_transf_matrix[1][1]   -0.00946162 
_atom_sites.fract_transf_matrix[1][2]   0.01704465 
_atom_sites.fract_transf_matrix[1][3]   0.00717802 
_atom_sites.fract_transf_matrix[2][1]   0.02250665 
_atom_sites.fract_transf_matrix[2][2]   0.02134556 
_atom_sites.fract_transf_matrix[2][3]   -0.02101948 
_atom_sites.fract_transf_matrix[3][1]   -0.01427665 
_atom_sites.fract_transf_matrix[3][2]   0.00552523 
_atom_sites.fract_transf_matrix[3][3]   -0.00967581 
_atom_sites.fract_transf_vector[1]      0.034356 
_atom_sites.fract_transf_vector[2]      -0.001371 
_atom_sites.fract_transf_vector[3]      0.273805 
# 
loop_
_atom_type.symbol 
C 
N 
O 
S 
# 
loop_
_atom_site.group_PDB 
_atom_site.id 
_atom_site.type_symbol 
_atom_site.label_atom_id 
_atom_site.label_alt_id 
_atom_site.label_comp_id 
_atom_site.label_asym_id 
_atom_site.label_entity_id 
_atom_site.label_seq_id 
_atom_site.pdbx_PDB_ins_code 
_atom_site.Cartn_x 
_atom_site.Cartn_y 
_atom_site.Cartn_z 
_atom_site.occupancy 
_atom_site.B_iso_or_equiv 
_atom_site.pdbx_formal_charge 
_atom_site.auth_seq_id 
_atom_site.auth_comp_id 
_atom_site.auth_asym_id 
_atom_site.auth_atom_id 
_atom_site.pdbx_PDB_model_num 
ATOM   1    N N   . ALA A 1 3   ? 19.975  -5.167  -12.013 1.00 27.85 ? 419 ALA A N   1 
ATOM   2    C CA  . ALA A 1 3   ? 19.305  -3.895  -11.587 1.00 27.97 ? 419 ALA A CA  1 
ATOM   3    C C   . ALA A 1 3   ? 18.780  -4.062  -10.165 1.00 27.70 ? 419 ALA A C   1 
ATOM   4    O O   . ALA A 1 3   ? 18.168  -5.092  -9.854  1.00 28.22 ? 419 ALA A O   1 
ATOM   5    C CB  . ALA A 1 3   ? 18.156  -3.515  -12.529 1.00 28.03 ? 419 ALA A CB  1 
ATOM   6    N N   . ASP A 1 4   ? 19.011  -3.046  -9.324  1.00 26.20 ? 420 ASP A N   1 
ATOM   7    C CA  . ASP A 1 4   ? 18.517  -3.030  -7.951  1.00 24.74 ? 420 ASP A CA  1 
ATOM   8    C C   . ASP A 1 4   ? 17.081  -2.486  -7.876  1.00 22.56 ? 420 ASP A C   1 
ATOM   9    O O   . ASP A 1 4   ? 16.831  -1.324  -8.147  1.00 20.63 ? 420 ASP A O   1 
ATOM   10   C CB  . ASP A 1 4   ? 19.464  -2.218  -7.068  1.00 26.39 ? 420 ASP A CB  1 
ATOM   11   C CG  . ASP A 1 4   ? 19.137  -2.365  -5.600  1.00 30.45 ? 420 ASP A CG  1 
ATOM   12   O OD1 . ASP A 1 4   ? 19.430  -1.414  -4.819  1.00 35.86 ? 420 ASP A OD1 1 
ATOM   13   O OD2 . ASP A 1 4   ? 18.595  -3.437  -5.233  1.00 32.95 ? 420 ASP A OD2 1 
ATOM   14   N N   . VAL A 1 5   ? 16.136  -3.345  -7.508  1.00 20.67 ? 421 VAL A N   1 
ATOM   15   C CA  . VAL A 1 5   ? 14.717  -3.023  -7.680  1.00 19.89 ? 421 VAL A CA  1 
ATOM   16   C C   . VAL A 1 5   ? 13.937  -3.599  -6.515  1.00 18.99 ? 421 VAL A C   1 
ATOM   17   O O   . VAL A 1 5   ? 14.451  -4.501  -5.837  1.00 19.48 ? 421 VAL A O   1 
ATOM   18   C CB  . VAL A 1 5   ? 14.160  -3.658  -8.989  1.00 19.27 ? 421 VAL A CB  1 
ATOM   19   C CG1 . VAL A 1 5   ? 14.857  -3.077  -10.275 1.00 20.60 ? 421 VAL A CG1 1 
ATOM   20   C CG2 . VAL A 1 5   ? 14.215  -5.173  -8.915  1.00 22.13 ? 421 VAL A CG2 1 
ATOM   21   N N   . ASN A 1 6   ? 12.719  -3.126  -6.277  1.00 18.32 ? 422 ASN A N   1 
ATOM   22   C CA  . ASN A 1 6   ? 11.852  -3.850  -5.292  1.00 17.84 ? 422 ASN A CA  1 
ATOM   23   C C   . ASN A 1 6   ? 11.336  -5.160  -5.922  1.00 17.20 ? 422 ASN A C   1 
ATOM   24   O O   . ASN A 1 6   ? 10.781  -5.130  -7.005  1.00 17.59 ? 422 ASN A O   1 
ATOM   25   C CB  . ASN A 1 6   ? 10.673  -2.991  -4.816  1.00 18.07 ? 422 ASN A CB  1 
ATOM   26   C CG  . ASN A 1 6   ? 9.798   -2.529  -5.959  1.00 19.53 ? 422 ASN A CG  1 
ATOM   27   O OD1 . ASN A 1 6   ? 10.302  -1.943  -6.905  1.00 18.17 ? 422 ASN A OD1 1 
ATOM   28   N ND2 . ASN A 1 6   ? 8.475   -2.776  -5.871  1.00 18.20 ? 422 ASN A ND2 1 
ATOM   29   N N   . PRO A 1 7   ? 11.537  -6.306  -5.244  1.00 16.80 ? 423 PRO A N   1 
ATOM   30   C CA  . PRO A 1 7   ? 11.133  -7.592  -5.776  1.00 16.38 ? 423 PRO A CA  1 
ATOM   31   C C   . PRO A 1 7   ? 9.631   -7.830  -5.754  1.00 16.56 ? 423 PRO A C   1 
ATOM   32   O O   . PRO A 1 7   ? 9.145   -8.607  -6.557  1.00 15.89 ? 423 PRO A O   1 
ATOM   33   C CB  . PRO A 1 7   ? 11.863  -8.594  -4.850  1.00 16.50 ? 423 PRO A CB  1 
ATOM   34   C CG  . PRO A 1 7   ? 11.951  -7.883  -3.558  1.00 17.21 ? 423 PRO A CG  1 
ATOM   35   C CD  . PRO A 1 7   ? 12.241  -6.445  -3.961  1.00 16.63 ? 423 PRO A CD  1 
ATOM   36   N N   . LEU A 1 8   ? 8.897   -7.152  -4.858  1.00 15.95 ? 424 LEU A N   1 
ATOM   37   C CA  . LEU A 1 8   ? 7.426   -7.259  -4.829  1.00 15.47 ? 424 LEU A CA  1 
ATOM   38   C C   . LEU A 1 8   ? 6.802   -5.885  -4.914  1.00 14.97 ? 424 LEU A C   1 
ATOM   39   O O   . LEU A 1 8   ? 7.381   -4.915  -4.440  1.00 14.62 ? 424 LEU A O   1 
ATOM   40   C CB  . LEU A 1 8   ? 6.893   -7.974  -3.552  1.00 14.94 ? 424 LEU A CB  1 
ATOM   41   C CG  . LEU A 1 8   ? 7.377   -9.387  -3.203  1.00 15.81 ? 424 LEU A CG  1 
ATOM   42   C CD1 . LEU A 1 8   ? 6.923   -9.785  -1.775  1.00 13.92 ? 424 LEU A CD1 1 
ATOM   43   C CD2 . LEU A 1 8   ? 6.955   -10.401 -4.256  1.00 16.47 ? 424 LEU A CD2 1 
ATOM   44   N N   . THR A 1 9   ? 5.608   -5.840  -5.498  1.00 15.06 ? 425 THR A N   1 
ATOM   45   C CA  . THR A 1 9   ? 4.751   -4.651  -5.503  1.00 14.78 ? 425 THR A CA  1 
ATOM   46   C C   . THR A 1 9   ? 4.481   -4.254  -4.053  1.00 14.24 ? 425 THR A C   1 
ATOM   47   O O   . THR A 1 9   ? 4.277   -5.122  -3.175  1.00 14.30 ? 425 THR A O   1 
ATOM   48   C CB  . THR A 1 9   ? 3.420   -4.951  -6.238  1.00 14.15 ? 425 THR A CB  1 
ATOM   49   O OG1 . THR A 1 9   ? 3.699   -5.342  -7.604  1.00 14.71 ? 425 THR A OG1 1 
ATOM   50   C CG2 . THR A 1 9   ? 2.491   -3.759  -6.248  1.00 14.44 ? 425 THR A CG2 1 
ATOM   51   N N   . LEU A 1 10  ? 4.499   -2.943  -3.823  1.00 12.48 ? 426 LEU A N   1 
ATOM   52   C CA  . LEU A 1 10  ? 4.246   -2.365  -2.516  1.00 12.12 ? 426 LEU A CA  1 
ATOM   53   C C   . LEU A 1 10  ? 3.026   -1.491  -2.602  1.00 12.21 ? 426 LEU A C   1 
ATOM   54   O O   . LEU A 1 10  ? 2.870   -0.706  -3.565  1.00 13.46 ? 426 LEU A O   1 
ATOM   55   C CB  . LEU A 1 10  ? 5.427   -1.524  -2.077  1.00 11.62 ? 426 LEU A CB  1 
ATOM   56   C CG  . LEU A 1 10  ? 6.698   -2.353  -1.873  1.00 13.17 ? 426 LEU A CG  1 
ATOM   57   C CD1 . LEU A 1 10  ? 7.890   -1.415  -1.837  1.00 14.81 ? 426 LEU A CD1 1 
ATOM   58   C CD2 . LEU A 1 10  ? 6.575   -3.173  -0.565  1.00 10.14 ? 426 LEU A CD2 1 
ATOM   59   N N   . GLY A 1 11  ? 2.140   -1.616  -1.628  1.00 11.37 ? 427 GLY A N   1 
ATOM   60   C CA  . GLY A 1 11  ? 0.925   -0.814  -1.683  1.00 11.04 ? 427 GLY A CA  1 
ATOM   61   C C   . GLY A 1 11  ? 0.136   -0.766  -0.409  1.00 11.42 ? 427 GLY A C   1 
ATOM   62   O O   . GLY A 1 11  ? 0.623   -1.180  0.635   1.00 11.05 ? 427 GLY A O   1 
ATOM   63   N N   . ILE A 1 12  ? -1.094  -0.255  -0.492  1.00 12.13 ? 428 ILE A N   1 
ATOM   64   C CA  . ILE A 1 12  ? -1.958  -0.190  0.683   1.00 13.88 ? 428 ILE A CA  1 
ATOM   65   C C   . ILE A 1 12  ? -3.313  -0.832  0.453   1.00 14.01 ? 428 ILE A C   1 
ATOM   66   O O   . ILE A 1 12  ? -3.726  -1.031  -0.675  1.00 14.58 ? 428 ILE A O   1 
ATOM   67   C CB  . ILE A 1 12  ? -2.087  1.257   1.293   1.00 14.69 ? 428 ILE A CB  1 
ATOM   68   C CG1 . ILE A 1 12  ? -2.874  2.214   0.400   1.00 14.23 ? 428 ILE A CG1 1 
ATOM   69   C CG2 . ILE A 1 12  ? -0.670  1.843   1.525   1.00 16.03 ? 428 ILE A CG2 1 
ATOM   70   C CD1 . ILE A 1 12  ? -3.114  3.592   1.074   1.00 14.24 ? 428 ILE A CD1 1 
ATOM   71   N N   . GLU A 1 13  ? -3.960  -1.215  1.546   1.00 14.11 ? 429 GLU A N   1 
ATOM   72   C CA  . GLU A 1 13  ? -5.304  -1.779  1.510   1.00 14.09 ? 429 GLU A CA  1 
ATOM   73   C C   . GLU A 1 13  ? -6.300  -0.642  1.299   1.00 13.58 ? 429 GLU A C   1 
ATOM   74   O O   . GLU A 1 13  ? -6.301  0.354   2.042   1.00 12.00 ? 429 GLU A O   1 
ATOM   75   C CB  . GLU A 1 13  ? -5.607  -2.456  2.853   1.00 15.13 ? 429 GLU A CB  1 
ATOM   76   C CG  . GLU A 1 13  ? -6.990  -3.139  2.868   1.00 18.62 ? 429 GLU A CG  1 
ATOM   77   C CD  . GLU A 1 13  ? -7.318  -3.759  4.184   1.00 22.22 ? 429 GLU A CD  1 
ATOM   78   O OE1 . GLU A 1 13  ? -6.430  -3.847  5.045   1.00 24.69 ? 429 GLU A OE1 1 
ATOM   79   O OE2 . GLU A 1 13  ? -8.471  -4.187  4.356   1.00 26.76 ? 429 GLU A OE2 1 
ATOM   80   N N   . THR A 1 14  ? -7.156  -0.798  0.300   1.00 12.43 ? 430 THR A N   1 
ATOM   81   C CA  . THR A 1 14  ? -8.309  0.112   0.125   1.00 13.15 ? 430 THR A CA  1 
ATOM   82   C C   . THR A 1 14  ? -9.607  -0.643  0.404   1.00 14.42 ? 430 THR A C   1 
ATOM   83   O O   . THR A 1 14  ? -9.605  -1.875  0.554   1.00 14.23 ? 430 THR A O   1 
ATOM   84   C CB  . THR A 1 14  ? -8.344  0.757   -1.287  1.00 13.23 ? 430 THR A CB  1 
ATOM   85   O OG1 . THR A 1 14  ? -8.178  -0.269  -2.293  1.00 11.92 ? 430 THR A OG1 1 
ATOM   86   C CG2 . THR A 1 14  ? -7.206  1.814   -1.416  1.00 12.23 ? 430 THR A CG2 1 
ATOM   87   N N   . VAL A 1 15  ? -10.719 0.089   0.447   1.00 14.73 ? 431 VAL A N   1 
ATOM   88   C CA  . VAL A 1 15  ? -11.958 -0.448  0.962   1.00 16.19 ? 431 VAL A CA  1 
ATOM   89   C C   . VAL A 1 15  ? -12.318 -1.764  0.218   1.00 16.42 ? 431 VAL A C   1 
ATOM   90   O O   . VAL A 1 15  ? -12.159 -1.880  -0.995  1.00 16.13 ? 431 VAL A O   1 
ATOM   91   C CB  . VAL A 1 15  ? -13.083 0.643   0.902   1.00 15.75 ? 431 VAL A CB  1 
ATOM   92   C CG1 . VAL A 1 15  ? -13.277 1.200   -0.531  1.00 18.10 ? 431 VAL A CG1 1 
ATOM   93   C CG2 . VAL A 1 15  ? -14.406 0.176   1.558   1.00 17.68 ? 431 VAL A CG2 1 
ATOM   94   N N   . GLY A 1 16  ? -12.765 -2.757  0.969   1.00 17.16 ? 432 GLY A N   1 
ATOM   95   C CA  . GLY A 1 16  ? -13.125 -4.083  0.406   1.00 17.40 ? 432 GLY A CA  1 
ATOM   96   C C   . GLY A 1 16  ? -11.975 -5.069  0.507   1.00 16.82 ? 432 GLY A C   1 
ATOM   97   O O   . GLY A 1 16  ? -12.038 -6.175  -0.026  1.00 18.09 ? 432 GLY A O   1 
ATOM   98   N N   . GLY A 1 17  ? -10.912 -4.657  1.189   1.00 17.31 ? 433 GLY A N   1 
ATOM   99   C CA  . GLY A 1 17  ? -9.680  -5.464  1.324   1.00 15.42 ? 433 GLY A CA  1 
ATOM   100  C C   . GLY A 1 17  ? -8.887  -5.559  0.030   1.00 16.27 ? 433 GLY A C   1 
ATOM   101  O O   . GLY A 1 17  ? -8.269  -6.607  -0.253  1.00 15.87 ? 433 GLY A O   1 
ATOM   102  N N   . VAL A 1 18  ? -8.867  -4.461  -0.731  1.00 16.28 ? 434 VAL A N   1 
ATOM   103  C CA  . VAL A 1 18  ? -8.298  -4.415  -2.078  1.00 16.04 ? 434 VAL A CA  1 
ATOM   104  C C   . VAL A 1 18  ? -6.834  -3.975  -2.050  1.00 16.01 ? 434 VAL A C   1 
ATOM   105  O O   . VAL A 1 18  ? -6.489  -3.062  -1.330  1.00 16.16 ? 434 VAL A O   1 
ATOM   106  C CB  . VAL A 1 18  ? -9.148  -3.490  -3.008  1.00 15.87 ? 434 VAL A CB  1 
ATOM   107  C CG1 . VAL A 1 18  ? -8.417  -3.175  -4.272  1.00 15.31 ? 434 VAL A CG1 1 
ATOM   108  C CG2 . VAL A 1 18  ? -10.521 -4.159  -3.352  1.00 15.83 ? 434 VAL A CG2 1 
ATOM   109  N N   . MET A 1 19  ? -5.963  -4.669  -2.773  1.00 16.21 ? 435 MET A N   1 
ATOM   110  C CA  . MET A 1 19  ? -4.559  -4.226  -2.883  1.00 15.90 ? 435 MET A CA  1 
ATOM   111  C C   . MET A 1 19  ? -4.436  -3.098  -3.868  1.00 16.45 ? 435 MET A C   1 
ATOM   112  O O   . MET A 1 19  ? -4.735  -3.277  -5.061  1.00 18.09 ? 435 MET A O   1 
ATOM   113  C CB  . MET A 1 19  ? -3.629  -5.365  -3.292  1.00 16.08 ? 435 MET A CB  1 
ATOM   114  C CG  . MET A 1 19  ? -2.191  -4.935  -3.526  1.00 15.71 ? 435 MET A CG  1 
ATOM   115  S SD  . MET A 1 19  ? -1.302  -4.660  -1.971  1.00 15.68 ? 435 MET A SD  1 
ATOM   116  C CE  . MET A 1 19  ? 0.379   -4.493  -2.535  1.00 15.65 ? 435 MET A CE  1 
ATOM   117  N N   . THR A 1 20  ? -4.005  -1.935  -3.377  1.00 15.82 ? 436 THR A N   1 
ATOM   118  C CA  . THR A 1 20  ? -3.783  -0.763  -4.246  1.00 15.39 ? 436 THR A CA  1 
ATOM   119  C C   . THR A 1 20  ? -2.306  -0.410  -4.274  1.00 14.99 ? 436 THR A C   1 
ATOM   120  O O   . THR A 1 20  ? -1.718  0.019   -3.266  1.00 13.59 ? 436 THR A O   1 
ATOM   121  C CB  . THR A 1 20  ? -4.684  0.464   -3.836  1.00 14.63 ? 436 THR A CB  1 
ATOM   122  O OG1 . THR A 1 20  ? -6.070  0.098   -4.003  1.00 15.52 ? 436 THR A OG1 1 
ATOM   123  C CG2 . THR A 1 20  ? -4.390  1.683   -4.707  1.00 12.79 ? 436 THR A CG2 1 
ATOM   124  N N   . LYS A 1 21  ? -1.713  -0.600  -5.446  1.00 16.01 ? 437 LYS A N   1 
ATOM   125  C CA  . LYS A 1 21  ? -0.268  -0.492  -5.599  1.00 17.00 ? 437 LYS A CA  1 
ATOM   126  C C   . LYS A 1 21  ? 0.188   0.983   -5.588  1.00 17.51 ? 437 LYS A C   1 
ATOM   127  O O   . LYS A 1 21  ? -0.492  1.902   -6.120  1.00 17.14 ? 437 LYS A O   1 
ATOM   128  C CB  . LYS A 1 21  ? 0.188   -1.174  -6.898  1.00 19.16 ? 437 LYS A CB  1 
ATOM   129  C CG  . LYS A 1 21  ? 0.793   -0.208  -7.894  1.00 22.16 ? 437 LYS A CG  1 
ATOM   130  C CD  . LYS A 1 21  ? 1.041   -0.766  -9.258  1.00 27.15 ? 437 LYS A CD  1 
ATOM   131  C CE  . LYS A 1 21  ? 0.873   0.398   -10.225 1.00 30.69 ? 437 LYS A CE  1 
ATOM   132  N NZ  . LYS A 1 21  ? 1.205   0.015   -11.635 1.00 37.59 ? 437 LYS A NZ  1 
ATOM   133  N N   . LEU A 1 22  ? 1.329   1.199   -4.950  1.00 16.80 ? 438 LEU A N   1 
ATOM   134  C CA  . LEU A 1 22  ? 1.994   2.482   -4.963  1.00 16.56 ? 438 LEU A CA  1 
ATOM   135  C C   . LEU A 1 22  ? 3.288   2.337   -5.703  1.00 16.54 ? 438 LEU A C   1 
ATOM   136  O O   . LEU A 1 22  ? 3.634   3.207   -6.501  1.00 17.55 ? 438 LEU A O   1 
ATOM   137  C CB  . LEU A 1 22  ? 2.281   3.005   -3.545  1.00 16.57 ? 438 LEU A CB  1 
ATOM   138  C CG  . LEU A 1 22  ? 1.256   3.913   -2.808  1.00 17.97 ? 438 LEU A CG  1 
ATOM   139  C CD1 . LEU A 1 22  ? 1.098   5.250   -3.492  1.00 17.63 ? 438 LEU A CD1 1 
ATOM   140  C CD2 . LEU A 1 22  ? -0.071  3.251   -2.569  1.00 15.58 ? 438 LEU A CD2 1 
ATOM   141  N N   . ILE A 1 23  ? 4.037   1.271   -5.443  1.00 15.21 ? 439 ILE A N   1 
ATOM   142  C CA  . ILE A 1 23  ? 5.292   1.066   -6.187  1.00 14.19 ? 439 ILE A CA  1 
ATOM   143  C C   . ILE A 1 23  ? 5.218   -0.298  -6.861  1.00 15.28 ? 439 ILE A C   1 
ATOM   144  O O   . ILE A 1 23  ? 5.216   -1.330  -6.187  1.00 14.39 ? 439 ILE A O   1 
ATOM   145  C CB  . ILE A 1 23  ? 6.542   1.139   -5.270  1.00 14.08 ? 439 ILE A CB  1 
ATOM   146  C CG1 . ILE A 1 23  ? 6.611   2.482   -4.522  1.00 10.81 ? 439 ILE A CG1 1 
ATOM   147  C CG2 . ILE A 1 23  ? 7.836   0.914   -6.137  1.00 13.01 ? 439 ILE A CG2 1 
ATOM   148  C CD1 . ILE A 1 23  ? 7.868   2.630   -3.677  1.00 15.22 ? 439 ILE A CD1 1 
ATOM   149  N N   . GLY A 1 24  ? 5.138   -0.350  -8.183  1.00 15.23 ? 440 GLY A N   1 
ATOM   150  C CA  . GLY A 1 24  ? 5.041   -1.688  -8.756  1.00 15.65 ? 440 GLY A CA  1 
ATOM   151  C C   . GLY A 1 24  ? 6.344   -2.466  -8.646  1.00 17.20 ? 440 GLY A C   1 
ATOM   152  O O   . GLY A 1 24  ? 7.424   -1.909  -8.475  1.00 16.26 ? 440 GLY A O   1 
ATOM   153  N N   . ARG A 1 25  ? 6.231   -3.778  -8.776  1.00 16.91 ? 441 ARG A N   1 
ATOM   154  C CA  . ARG A 1 25  ? 7.377   -4.677  -8.749  1.00 16.89 ? 441 ARG A CA  1 
ATOM   155  C C   . ARG A 1 25  ? 8.377   -4.252  -9.816  1.00 16.67 ? 441 ARG A C   1 
ATOM   156  O O   . ARG A 1 25  ? 7.960   -3.818  -10.887 1.00 16.96 ? 441 ARG A O   1 
ATOM   157  C CB  . ARG A 1 25  ? 6.839   -6.104  -9.030  1.00 18.09 ? 441 ARG A CB  1 
ATOM   158  C CG  . ARG A 1 25  ? 7.890   -7.118  -9.298  1.00 18.84 ? 441 ARG A CG  1 
ATOM   159  C CD  . ARG A 1 25  ? 7.352   -8.507  -9.145  1.00 25.55 ? 441 ARG A CD  1 
ATOM   160  N NE  . ARG A 1 25  ? 6.510   -8.869  -10.271 1.00 31.16 ? 441 ARG A NE  1 
ATOM   161  C CZ  . ARG A 1 25  ? 6.907   -9.653  -11.264 1.00 34.42 ? 441 ARG A CZ  1 
ATOM   162  N NH1 . ARG A 1 25  ? 6.063   -9.930  -12.250 1.00 35.97 ? 441 ARG A NH1 1 
ATOM   163  N NH2 . ARG A 1 25  ? 8.149   -10.145 -11.274 1.00 35.42 ? 441 ARG A NH2 1 
ATOM   164  N N   . ASN A 1 26  ? 9.669   -4.402  -9.536  1.00 15.80 ? 442 ASN A N   1 
ATOM   165  C CA  . ASN A 1 26  ? 10.751  -4.129  -10.480 1.00 17.52 ? 442 ASN A CA  1 
ATOM   166  C C   . ASN A 1 26  ? 10.982  -2.669  -10.810 1.00 16.39 ? 442 ASN A C   1 
ATOM   167  O O   . ASN A 1 26  ? 11.596  -2.351  -11.808 1.00 17.86 ? 442 ASN A O   1 
ATOM   168  C CB  . ASN A 1 26  ? 10.627  -5.019  -11.754 1.00 17.34 ? 442 ASN A CB  1 
ATOM   169  C CG  . ASN A 1 26  ? 10.796  -6.495  -11.432 1.00 22.31 ? 442 ASN A CG  1 
ATOM   170  O OD1 . ASN A 1 26  ? 11.607  -6.862  -10.593 1.00 26.75 ? 442 ASN A OD1 1 
ATOM   171  N ND2 . ASN A 1 26  ? 9.994   -7.336  -12.054 1.00 25.15 ? 442 ASN A ND2 1 
ATOM   172  N N   . THR A 1 27  ? 10.528  -1.775  -9.936  1.00 16.24 ? 443 THR A N   1 
ATOM   173  C CA  . THR A 1 27  ? 10.901  -0.388  -10.029 1.00 16.18 ? 443 THR A CA  1 
ATOM   174  C C   . THR A 1 27  ? 12.352  -0.227  -9.551  1.00 16.12 ? 443 THR A C   1 
ATOM   175  O O   . THR A 1 27  ? 12.746  -0.779  -8.509  1.00 16.63 ? 443 THR A O   1 
ATOM   176  C CB  . THR A 1 27  ? 9.983   0.455   -9.140  1.00 15.52 ? 443 THR A CB  1 
ATOM   177  O OG1 . THR A 1 27  ? 8.657   0.346   -9.640  1.00 13.87 ? 443 THR A OG1 1 
ATOM   178  C CG2 . THR A 1 27  ? 10.438  1.916   -9.166  1.00 15.45 ? 443 THR A CG2 1 
ATOM   179  N N   . VAL A 1 28  ? 13.145  0.551   -10.278 1.00 16.61 ? 444 VAL A N   1 
ATOM   180  C CA  . VAL A 1 28  ? 14.539  0.765   -9.881  1.00 16.25 ? 444 VAL A CA  1 
ATOM   181  C C   . VAL A 1 28  ? 14.579  1.620   -8.604  1.00 16.52 ? 444 VAL A C   1 
ATOM   182  O O   . VAL A 1 28  ? 13.918  2.654   -8.508  1.00 15.15 ? 444 VAL A O   1 
ATOM   183  C CB  . VAL A 1 28  ? 15.417  1.402   -11.037 1.00 16.19 ? 444 VAL A CB  1 
ATOM   184  C CG1 . VAL A 1 28  ? 16.859  1.665   -10.551 1.00 15.69 ? 444 VAL A CG1 1 
ATOM   185  C CG2 . VAL A 1 28  ? 15.464  0.470   -12.273 1.00 16.11 ? 444 VAL A CG2 1 
ATOM   186  N N   . ILE A 1 29  ? 15.421  1.198   -7.668  1.00 16.90 ? 445 ILE A N   1 
ATOM   187  C CA  . ILE A 1 29  ? 15.691  1.881   -6.394  1.00 16.56 ? 445 ILE A CA  1 
ATOM   188  C C   . ILE A 1 29  ? 16.839  2.915   -6.517  1.00 16.52 ? 445 ILE A C   1 
ATOM   189  O O   . ILE A 1 29  ? 17.833  2.620   -7.156  1.00 17.11 ? 445 ILE A O   1 
ATOM   190  C CB  . ILE A 1 29  ? 16.054  0.779   -5.334  1.00 16.80 ? 445 ILE A CB  1 
ATOM   191  C CG1 . ILE A 1 29  ? 14.839  -0.142  -5.094  1.00 17.72 ? 445 ILE A CG1 1 
ATOM   192  C CG2 . ILE A 1 29  ? 16.582  1.350   -3.972  1.00 17.68 ? 445 ILE A CG2 1 
ATOM   193  C CD1 . ILE A 1 29  ? 15.184  -1.326  -4.239  1.00 14.83 ? 445 ILE A CD1 1 
ATOM   194  N N   . PRO A 1 30  ? 16.761  4.078   -5.824  1.00 15.56 ? 446 PRO A N   1 
ATOM   195  C CA  . PRO A 1 30  ? 15.686  4.494   -4.920  1.00 15.60 ? 446 PRO A CA  1 
ATOM   196  C C   . PRO A 1 30  ? 14.530  5.125   -5.712  1.00 15.54 ? 446 PRO A C   1 
ATOM   197  O O   . PRO A 1 30  ? 14.687  5.510   -6.900  1.00 14.02 ? 446 PRO A O   1 
ATOM   198  C CB  . PRO A 1 30  ? 16.374  5.528   -4.021  1.00 15.17 ? 446 PRO A CB  1 
ATOM   199  C CG  . PRO A 1 30  ? 17.406  6.172   -4.940  1.00 14.43 ? 446 PRO A CG  1 
ATOM   200  C CD  . PRO A 1 30  ? 17.856  5.072   -5.881  1.00 15.59 ? 446 PRO A CD  1 
ATOM   201  N N   . THR A 1 31  ? 13.387  5.246   -5.064  1.00 14.84 ? 447 THR A N   1 
ATOM   202  C CA  . THR A 1 31  ? 12.206  5.757   -5.727  1.00 16.44 ? 447 THR A CA  1 
ATOM   203  C C   . THR A 1 31  ? 11.251  6.371   -4.691  1.00 15.84 ? 447 THR A C   1 
ATOM   204  O O   . THR A 1 31  ? 11.274  5.995   -3.525  1.00 15.55 ? 447 THR A O   1 
ATOM   205  C CB  . THR A 1 31  ? 11.515  4.621   -6.593  1.00 15.20 ? 447 THR A CB  1 
ATOM   206  O OG1 . THR A 1 31  ? 10.441  5.155   -7.358  1.00 17.49 ? 447 THR A OG1 1 
ATOM   207  C CG2 . THR A 1 31  ? 10.969  3.457   -5.747  1.00 16.82 ? 447 THR A CG2 1 
ATOM   208  N N   . LYS A 1 32  ? 10.422  7.312   -5.138  1.00 16.91 ? 448 LYS A N   1 
ATOM   209  C CA  . LYS A 1 32  ? 9.355   7.869   -4.319  1.00 16.38 ? 448 LYS A CA  1 
ATOM   210  C C   . LYS A 1 32  ? 8.091   8.050   -5.136  1.00 17.00 ? 448 LYS A C   1 
ATOM   211  O O   . LYS A 1 32  ? 8.132   8.600   -6.239  1.00 16.26 ? 448 LYS A O   1 
ATOM   212  C CB  . LYS A 1 32  ? 9.809   9.195   -3.718  1.00 18.48 ? 448 LYS A CB  1 
ATOM   213  C CG  . LYS A 1 32  ? 8.780   9.869   -2.840  1.00 19.20 ? 448 LYS A CG  1 
ATOM   214  C CD  . LYS A 1 32  ? 9.457   10.712  -1.767  1.00 22.58 ? 448 LYS A CD  1 
ATOM   215  C CE  . LYS A 1 32  ? 9.750   12.111  -2.158  1.00 28.24 ? 448 LYS A CE  1 
ATOM   216  N NZ  . LYS A 1 32  ? 10.504  12.868  -1.039  1.00 30.10 ? 448 LYS A NZ  1 
ATOM   217  N N   . LYS A 1 33  ? 6.971   7.569   -4.607  1.00 15.93 ? 449 LYS A N   1 
ATOM   218  C CA  A LYS A 1 33  ? 5.711   7.666   -5.332  0.60 16.67 ? 449 LYS A CA  1 
ATOM   219  C CA  B LYS A 1 33  ? 5.687   7.594   -5.315  0.40 16.77 ? 449 LYS A CA  1 
ATOM   220  C C   . LYS A 1 33  ? 4.618   8.052   -4.353  1.00 17.04 ? 449 LYS A C   1 
ATOM   221  O O   . LYS A 1 33  ? 4.563   7.557   -3.220  1.00 15.58 ? 449 LYS A O   1 
ATOM   222  C CB  A LYS A 1 33  ? 5.405   6.359   -6.106  0.60 16.95 ? 449 LYS A CB  1 
ATOM   223  C CB  B LYS A 1 33  ? 5.313   6.190   -5.825  0.40 17.02 ? 449 LYS A CB  1 
ATOM   224  C CG  A LYS A 1 33  ? 6.437   6.011   -7.295  0.60 19.76 ? 449 LYS A CG  1 
ATOM   225  C CG  B LYS A 1 33  ? 5.843   5.824   -7.229  0.40 19.60 ? 449 LYS A CG  1 
ATOM   226  C CD  A LYS A 1 33  ? 6.087   6.650   -8.684  0.60 17.63 ? 449 LYS A CD  1 
ATOM   227  C CD  B LYS A 1 33  ? 7.126   4.978   -7.179  0.40 19.94 ? 449 LYS A CD  1 
ATOM   228  C CE  A LYS A 1 33  ? 7.308   7.224   -9.479  0.60 20.52 ? 449 LYS A CE  1 
ATOM   229  C CE  B LYS A 1 33  ? 7.597   4.635   -8.574  0.40 19.82 ? 449 LYS A CE  1 
ATOM   230  N NZ  A LYS A 1 33  ? 7.974   6.322   -10.499 0.60 18.81 ? 449 LYS A NZ  1 
ATOM   231  N NZ  B LYS A 1 33  ? 8.265   5.758   -9.311  0.40 22.50 ? 449 LYS A NZ  1 
ATOM   232  N N   . SER A 1 34  ? 3.774   9.005   -4.759  1.00 17.18 ? 450 SER A N   1 
ATOM   233  C CA  A SER A 1 34  ? 2.626   9.401   -3.907  0.70 17.34 ? 450 SER A CA  1 
ATOM   234  C CA  B SER A 1 34  ? 2.631   9.365   -3.910  0.30 16.95 ? 450 SER A CA  1 
ATOM   235  C C   . SER A 1 34  ? 1.304   9.182   -4.649  1.00 17.65 ? 450 SER A C   1 
ATOM   236  O O   . SER A 1 34  ? 1.256   9.268   -5.903  1.00 16.47 ? 450 SER A O   1 
ATOM   237  C CB  A SER A 1 34  ? 2.714   10.884  -3.504  0.70 17.53 ? 450 SER A CB  1 
ATOM   238  C CB  B SER A 1 34  ? 2.766   10.797  -3.363  0.30 17.04 ? 450 SER A CB  1 
ATOM   239  O OG  A SER A 1 34  ? 3.914   11.169  -2.817  0.70 19.40 ? 450 SER A OG  1 
ATOM   240  O OG  B SER A 1 34  ? 2.861   11.761  -4.399  0.30 15.58 ? 450 SER A OG  1 
ATOM   241  N N   . GLN A 1 35  ? 0.225   8.939   -3.886  1.00 17.78 ? 451 GLN A N   1 
ATOM   242  C CA  . GLN A 1 35  ? -1.136  9.001   -4.423  1.00 19.26 ? 451 GLN A CA  1 
ATOM   243  C C   . GLN A 1 35  ? -2.023  9.618   -3.365  1.00 17.83 ? 451 GLN A C   1 
ATOM   244  O O   . GLN A 1 35  ? -1.708  9.559   -2.187  1.00 16.20 ? 451 GLN A O   1 
ATOM   245  C CB  . GLN A 1 35  ? -1.703  7.625   -4.815  1.00 18.38 ? 451 GLN A CB  1 
ATOM   246  C CG  . GLN A 1 35  ? -1.377  7.189   -6.248  1.00 25.04 ? 451 GLN A CG  1 
ATOM   247  C CD  . GLN A 1 35  ? -1.875  5.783   -6.538  1.00 24.53 ? 451 GLN A CD  1 
ATOM   248  O OE1 . GLN A 1 35  ? -3.037  5.466   -6.272  1.00 33.17 ? 451 GLN A OE1 1 
ATOM   249  N NE2 . GLN A 1 35  ? -0.994  4.929   -7.084  1.00 29.79 ? 451 GLN A NE2 1 
ATOM   250  N N   . VAL A 1 36  ? -3.134  10.193  -3.798  1.00 17.50 ? 452 VAL A N   1 
ATOM   251  C CA  . VAL A 1 36  ? -4.110  10.761  -2.870  1.00 17.34 ? 452 VAL A CA  1 
ATOM   252  C C   . VAL A 1 36  ? -5.268  9.758   -2.641  1.00 16.19 ? 452 VAL A C   1 
ATOM   253  O O   . VAL A 1 36  ? -5.728  9.111   -3.587  1.00 13.41 ? 452 VAL A O   1 
ATOM   254  C CB  . VAL A 1 36  ? -4.612  12.148  -3.381  1.00 18.15 ? 452 VAL A CB  1 
ATOM   255  C CG1 . VAL A 1 36  ? -5.624  12.749  -2.397  1.00 18.68 ? 452 VAL A CG1 1 
ATOM   256  C CG2 . VAL A 1 36  ? -3.411  13.137  -3.545  1.00 19.90 ? 452 VAL A CG2 1 
ATOM   257  N N   . PHE A 1 37  ? -5.718  9.626   -1.392  1.00 14.62 ? 453 PHE A N   1 
ATOM   258  C CA  . PHE A 1 37  ? -6.819  8.740   -1.040  1.00 14.50 ? 453 PHE A CA  1 
ATOM   259  C C   . PHE A 1 37  ? -7.861  9.533   -0.290  1.00 14.55 ? 453 PHE A C   1 
ATOM   260  O O   . PHE A 1 37  ? -7.612  10.667  0.078   1.00 14.59 ? 453 PHE A O   1 
ATOM   261  C CB  . PHE A 1 37  ? -6.286  7.589   -0.163  1.00 13.89 ? 453 PHE A CB  1 
ATOM   262  C CG  . PHE A 1 37  ? -5.368  6.671   -0.912  1.00 14.89 ? 453 PHE A CG  1 
ATOM   263  C CD1 . PHE A 1 37  ? -5.835  5.467   -1.413  1.00 12.89 ? 453 PHE A CD1 1 
ATOM   264  C CD2 . PHE A 1 37  ? -4.027  7.044   -1.160  1.00 13.48 ? 453 PHE A CD2 1 
ATOM   265  C CE1 . PHE A 1 37  ? -5.023  4.643   -2.128  1.00 15.03 ? 453 PHE A CE1 1 
ATOM   266  C CE2 . PHE A 1 37  ? -3.181  6.194   -1.891  1.00 14.16 ? 453 PHE A CE2 1 
ATOM   267  C CZ  . PHE A 1 37  ? -3.672  5.014   -2.370  1.00 13.54 ? 453 PHE A CZ  1 
ATOM   268  N N   . SER A 1 38  ? -9.017  8.936   -0.042  1.00 14.60 ? 454 SER A N   1 
ATOM   269  C CA  . SER A 1 38  ? -10.032 9.610   0.754   1.00 14.39 ? 454 SER A CA  1 
ATOM   270  C C   . SER A 1 38  ? -10.631 8.602   1.694   1.00 14.74 ? 454 SER A C   1 
ATOM   271  O O   . SER A 1 38  ? -10.139 7.441   1.774   1.00 15.94 ? 454 SER A O   1 
ATOM   272  C CB  . SER A 1 38  ? -11.116 10.241  -0.135  1.00 15.32 ? 454 SER A CB  1 
ATOM   273  O OG  . SER A 1 38  ? -11.988 11.046  0.647   1.00 14.78 ? 454 SER A OG  1 
ATOM   274  N N   . THR A 1 39  ? -11.674 9.013   2.414   1.00 14.46 ? 455 THR A N   1 
ATOM   275  C CA  . THR A 1 39  ? -12.372 8.152   3.388   1.00 14.65 ? 455 THR A CA  1 
ATOM   276  C C   . THR A 1 39  ? -13.405 7.265   2.705   1.00 16.36 ? 455 THR A C   1 
ATOM   277  O O   . THR A 1 39  ? -13.969 7.656   1.681   1.00 16.46 ? 455 THR A O   1 
ATOM   278  C CB  . THR A 1 39  ? -13.108 9.008   4.425   1.00 14.77 ? 455 THR A CB  1 
ATOM   279  O OG1 . THR A 1 39  ? -13.896 9.971   3.728   1.00 14.43 ? 455 THR A OG1 1 
ATOM   280  C CG2 . THR A 1 39  ? -12.095 9.757   5.344   1.00 14.94 ? 455 THR A CG2 1 
ATOM   281  N N   . ALA A 1 40  ? -13.644 6.068   3.276   1.00 16.28 ? 456 ALA A N   1 
ATOM   282  C CA  . ALA A 1 40  ? -14.556 5.092   2.699   1.00 16.46 ? 456 ALA A CA  1 
ATOM   283  C C   . ALA A 1 40  ? -15.995 5.264   3.190   1.00 17.78 ? 456 ALA A C   1 
ATOM   284  O O   . ALA A 1 40  ? -16.937 4.683   2.593   1.00 18.33 ? 456 ALA A O   1 
ATOM   285  C CB  . ALA A 1 40  ? -14.081 3.691   3.005   1.00 16.49 ? 456 ALA A CB  1 
ATOM   286  N N   . ALA A 1 41  ? -16.188 6.035   4.266   1.00 17.32 ? 457 ALA A N   1 
ATOM   287  C CA  . ALA A 1 41  ? -17.534 6.242   4.830   1.00 17.58 ? 457 ALA A CA  1 
ATOM   288  C C   . ALA A 1 41  ? -17.735 7.718   5.211   1.00 18.42 ? 457 ALA A C   1 
ATOM   289  O O   . ALA A 1 41  ? -16.746 8.462   5.439   1.00 18.86 ? 457 ALA A O   1 
ATOM   290  C CB  . ALA A 1 41  ? -17.733 5.352   6.080   1.00 17.57 ? 457 ALA A CB  1 
ATOM   291  N N   . ASP A 1 42  ? -19.008 8.131   5.297   1.00 17.90 ? 458 ASP A N   1 
ATOM   292  C CA  . ASP A 1 42  ? -19.361 9.463   5.826   1.00 17.81 ? 458 ASP A CA  1 
ATOM   293  C C   . ASP A 1 42  ? -18.825 9.635   7.251   1.00 17.86 ? 458 ASP A C   1 
ATOM   294  O O   . ASP A 1 42  ? -18.701 8.645   7.988   1.00 17.04 ? 458 ASP A O   1 
ATOM   295  C CB  . ASP A 1 42  ? -20.871 9.599   5.882   1.00 17.81 ? 458 ASP A CB  1 
ATOM   296  C CG  . ASP A 1 42  ? -21.473 9.771   4.542   1.00 19.66 ? 458 ASP A CG  1 
ATOM   297  O OD1 . ASP A 1 42  ? -20.702 10.064  3.590   1.00 18.49 ? 458 ASP A OD1 1 
ATOM   298  O OD2 . ASP A 1 42  ? -22.721 9.626   4.444   1.00 22.12 ? 458 ASP A OD2 1 
ATOM   299  N N   . SER A 1 43  ? -18.485 10.881  7.610   1.00 17.50 ? 459 SER A N   1 
ATOM   300  C CA  A SER A 1 43  ? -18.155 11.243  8.984   0.70 17.76 ? 459 SER A CA  1 
ATOM   301  C CA  B SER A 1 43  ? -18.135 11.275  8.975   0.30 17.79 ? 459 SER A CA  1 
ATOM   302  C C   . SER A 1 43  ? -16.974 10.459  9.557   1.00 18.07 ? 459 SER A C   1 
ATOM   303  O O   . SER A 1 43  ? -16.919 10.209  10.755  1.00 19.57 ? 459 SER A O   1 
ATOM   304  C CB  A SER A 1 43  ? -19.383 11.055  9.888   0.70 18.05 ? 459 SER A CB  1 
ATOM   305  C CB  B SER A 1 43  ? -19.372 11.210  9.889   0.30 17.85 ? 459 SER A CB  1 
ATOM   306  O OG  A SER A 1 43  ? -20.557 11.513  9.242   0.70 18.73 ? 459 SER A OG  1 
ATOM   307  O OG  B SER A 1 43  ? -19.467 12.355  10.727  0.30 17.40 ? 459 SER A OG  1 
ATOM   308  N N   . GLN A 1 44  ? -16.042 10.054  8.709   1.00 17.69 ? 460 GLN A N   1 
ATOM   309  C CA  . GLN A 1 44  ? -14.891 9.285   9.144   1.00 17.72 ? 460 GLN A CA  1 
ATOM   310  C C   . GLN A 1 44  ? -13.742 10.188  9.625   1.00 17.66 ? 460 GLN A C   1 
ATOM   311  O O   . GLN A 1 44  ? -13.249 11.036  8.871   1.00 18.13 ? 460 GLN A O   1 
ATOM   312  C CB  . GLN A 1 44  ? -14.457 8.364   7.997   1.00 18.11 ? 460 GLN A CB  1 
ATOM   313  C CG  . GLN A 1 44  ? -13.530 7.286   8.405   1.00 18.35 ? 460 GLN A CG  1 
ATOM   314  C CD  . GLN A 1 44  ? -13.205 6.397   7.229   1.00 17.50 ? 460 GLN A CD  1 
ATOM   315  O OE1 . GLN A 1 44  ? -14.084 6.073   6.452   1.00 15.87 ? 460 GLN A OE1 1 
ATOM   316  N NE2 . GLN A 1 44  ? -11.950 6.016   7.091   1.00 18.22 ? 460 GLN A NE2 1 
ATOM   317  N N   . SER A 1 45  ? -13.351 10.048  10.893  1.00 17.35 ? 461 SER A N   1 
ATOM   318  C CA  . SER A 1 45  ? -12.367 10.970  11.504  1.00 17.46 ? 461 SER A CA  1 
ATOM   319  C C   . SER A 1 45  ? -10.927 10.446  11.447  1.00 17.35 ? 461 SER A C   1 
ATOM   320  O O   . SER A 1 45  ? -9.986  11.131  11.832  1.00 17.22 ? 461 SER A O   1 
ATOM   321  C CB  . SER A 1 45  ? -12.742 11.250  12.969  1.00 18.32 ? 461 SER A CB  1 
ATOM   322  O OG  . SER A 1 45  ? -12.915 10.009  13.632  1.00 20.41 ? 461 SER A OG  1 
ATOM   323  N N   . ALA A 1 46  ? -10.750 9.219   10.993  1.00 16.91 ? 462 ALA A N   1 
ATOM   324  C CA  . ALA A 1 46  ? -9.394  8.705   10.813  1.00 16.46 ? 462 ALA A CA  1 
ATOM   325  C C   . ALA A 1 46  ? -9.344  7.745   9.665   1.00 15.92 ? 462 ALA A C   1 
ATOM   326  O O   . ALA A 1 46  ? -10.348 7.203   9.272   1.00 17.15 ? 462 ALA A O   1 
ATOM   327  C CB  . ALA A 1 46  ? -8.920  8.026   12.061  1.00 16.99 ? 462 ALA A CB  1 
ATOM   328  N N   . VAL A 1 47  ? -8.167  7.557   9.104   1.00 16.00 ? 463 VAL A N   1 
ATOM   329  C CA  . VAL A 1 47  ? -7.966  6.499   8.134   1.00 16.20 ? 463 VAL A CA  1 
ATOM   330  C C   . VAL A 1 47  ? -6.795  5.640   8.592   1.00 15.92 ? 463 VAL A C   1 
ATOM   331  O O   . VAL A 1 47  ? -5.895  6.130   9.246   1.00 16.61 ? 463 VAL A O   1 
ATOM   332  C CB  . VAL A 1 47  ? -7.651  7.057   6.704   1.00 16.10 ? 463 VAL A CB  1 
ATOM   333  C CG1 . VAL A 1 47  ? -8.912  7.699   6.042   1.00 16.66 ? 463 VAL A CG1 1 
ATOM   334  C CG2 . VAL A 1 47  ? -6.469  8.056   6.751   1.00 17.06 ? 463 VAL A CG2 1 
ATOM   335  N N   . SER A 1 48  ? -6.796  4.379   8.185   1.00 15.58 ? 464 SER A N   1 
ATOM   336  C CA  . SER A 1 48  ? -5.728  3.439   8.487   1.00 15.95 ? 464 SER A CA  1 
ATOM   337  C C   . SER A 1 48  ? -4.935  3.183   7.248   1.00 15.70 ? 464 SER A C   1 
ATOM   338  O O   . SER A 1 48  ? -5.480  2.808   6.218   1.00 16.27 ? 464 SER A O   1 
ATOM   339  C CB  . SER A 1 48  ? -6.303  2.121   9.050   1.00 17.31 ? 464 SER A CB  1 
ATOM   340  O OG  . SER A 1 48  ? -6.863  2.341   10.347  1.00 19.71 ? 464 SER A OG  1 
ATOM   341  N N   . ILE A 1 49  ? -3.630  3.442   7.324   1.00 14.18 ? 465 ILE A N   1 
ATOM   342  C CA  . ILE A 1 49  ? -2.720  3.137   6.246   1.00 14.01 ? 465 ILE A CA  1 
ATOM   343  C C   . ILE A 1 49  ? -2.118  1.739   6.532   1.00 14.07 ? 465 ILE A C   1 
ATOM   344  O O   . ILE A 1 49  ? -1.354  1.565   7.502   1.00 13.85 ? 465 ILE A O   1 
ATOM   345  C CB  . ILE A 1 49  ? -1.592  4.239   6.158   1.00 13.62 ? 465 ILE A CB  1 
ATOM   346  C CG1 . ILE A 1 49  ? -2.200  5.677   6.149   1.00 12.06 ? 465 ILE A CG1 1 
ATOM   347  C CG2 . ILE A 1 49  ? -0.585  3.957   4.972   1.00 13.33 ? 465 ILE A CG2 1 
ATOM   348  C CD1 . ILE A 1 49  ? -3.327  5.915   5.144   1.00 15.77 ? 465 ILE A CD1 1 
ATOM   349  N N   . VAL A 1 50  ? -2.479  0.746   5.712   1.00 12.70 ? 466 VAL A N   1 
ATOM   350  C CA  . VAL A 1 50  ? -2.150  -0.636  6.021   1.00 13.89 ? 466 VAL A CA  1 
ATOM   351  C C   . VAL A 1 50  ? -1.301  -1.114  4.843   1.00 12.76 ? 466 VAL A C   1 
ATOM   352  O O   . VAL A 1 50  ? -1.785  -1.200  3.737   1.00 12.19 ? 466 VAL A O   1 
ATOM   353  C CB  . VAL A 1 50  ? -3.413  -1.554  6.160   1.00 12.53 ? 466 VAL A CB  1 
ATOM   354  C CG1 . VAL A 1 50  ? -2.985  -2.871  6.776   1.00 15.42 ? 466 VAL A CG1 1 
ATOM   355  C CG2 . VAL A 1 50  ? -4.510  -0.886  7.027   1.00 16.24 ? 466 VAL A CG2 1 
ATOM   356  N N   . ILE A 1 51  ? -0.039  -1.399  5.118   1.00 14.06 ? 467 ILE A N   1 
ATOM   357  C CA  . ILE A 1 51  ? 1.017   -1.551  4.114   1.00 14.23 ? 467 ILE A CA  1 
ATOM   358  C C   . ILE A 1 51  ? 1.243   -3.018  3.757   1.00 13.94 ? 467 ILE A C   1 
ATOM   359  O O   . ILE A 1 51  ? 1.411   -3.871  4.643   1.00 14.45 ? 467 ILE A O   1 
ATOM   360  C CB  . ILE A 1 51  ? 2.327   -0.895  4.633   1.00 14.21 ? 467 ILE A CB  1 
ATOM   361  C CG1 . ILE A 1 51  ? 2.090   0.579   4.979   1.00 13.91 ? 467 ILE A CG1 1 
ATOM   362  C CG2 . ILE A 1 51  ? 3.524   -1.108  3.613   1.00 14.51 ? 467 ILE A CG2 1 
ATOM   363  C CD1 . ILE A 1 51  ? 2.892   1.083   6.236   1.00 12.17 ? 467 ILE A CD1 1 
ATOM   364  N N   . TYR A 1 52  ? 1.170   -3.316  2.459   1.00 12.74 ? 468 TYR A N   1 
ATOM   365  C CA  . TYR A 1 52  ? 1.328   -4.694  1.973   1.00 12.68 ? 468 TYR A CA  1 
ATOM   366  C C   . TYR A 1 52  ? 2.378   -4.819  0.885   1.00 12.81 ? 468 TYR A C   1 
ATOM   367  O O   . TYR A 1 52  ? 2.640   -3.880  0.150   1.00 12.15 ? 468 TYR A O   1 
ATOM   368  C CB  . TYR A 1 52  ? 0.015   -5.200  1.408   1.00 12.70 ? 468 TYR A CB  1 
ATOM   369  C CG  . TYR A 1 52  ? -0.954  -5.635  2.469   1.00 15.05 ? 468 TYR A CG  1 
ATOM   370  C CD1 . TYR A 1 52  ? -0.963  -6.953  2.936   1.00 14.61 ? 468 TYR A CD1 1 
ATOM   371  C CD2 . TYR A 1 52  ? -1.874  -4.721  3.017   1.00 16.97 ? 468 TYR A CD2 1 
ATOM   372  C CE1 . TYR A 1 52  ? -1.883  -7.375  3.918   1.00 16.62 ? 468 TYR A CE1 1 
ATOM   373  C CE2 . TYR A 1 52  ? -2.781  -5.124  4.010   1.00 15.31 ? 468 TYR A CE2 1 
ATOM   374  C CZ  . TYR A 1 52  ? -2.788  -6.436  4.449   1.00 17.04 ? 468 TYR A CZ  1 
ATOM   375  O OH  . TYR A 1 52  ? -3.681  -6.808  5.432   1.00 16.94 ? 468 TYR A OH  1 
ATOM   376  N N   . GLU A 1 53  ? 2.964   -5.996  0.793   1.00 12.51 ? 469 GLU A N   1 
ATOM   377  C CA  . GLU A 1 53  ? 3.835   -6.338  -0.315  1.00 13.62 ? 469 GLU A CA  1 
ATOM   378  C C   . GLU A 1 53  ? 3.277   -7.622  -0.936  1.00 14.59 ? 469 GLU A C   1 
ATOM   379  O O   . GLU A 1 53  ? 2.886   -8.564  -0.224  1.00 14.02 ? 469 GLU A O   1 
ATOM   380  C CB  . GLU A 1 53  ? 5.287   -6.535  0.159   1.00 12.62 ? 469 GLU A CB  1 
ATOM   381  C CG  . GLU A 1 53  ? 5.518   -7.801  1.019   1.00 13.52 ? 469 GLU A CG  1 
ATOM   382  C CD  . GLU A 1 53  ? 6.910   -7.873  1.633   1.00 16.39 ? 469 GLU A CD  1 
ATOM   383  O OE1 . GLU A 1 53  ? 7.829   -7.119  1.237   1.00 18.75 ? 469 GLU A OE1 1 
ATOM   384  O OE2 . GLU A 1 53  ? 7.083   -8.682  2.562   1.00 22.48 ? 469 GLU A OE2 1 
ATOM   385  N N   . GLY A 1 54  ? 3.220   -7.649  -2.265  1.00 15.01 ? 470 GLY A N   1 
ATOM   386  C CA  . GLY A 1 54  ? 2.898   -8.865  -2.964  1.00 15.95 ? 470 GLY A CA  1 
ATOM   387  C C   . GLY A 1 54  ? 2.104   -8.535  -4.219  1.00 16.63 ? 470 GLY A C   1 
ATOM   388  O O   . GLY A 1 54  ? 1.677   -7.339  -4.460  1.00 16.45 ? 470 GLY A O   1 
ATOM   389  N N   . GLU A 1 55  ? 1.890   -9.587  -5.002  1.00 15.80 ? 471 GLU A N   1 
ATOM   390  C CA  . GLU A 1 55  ? 1.404   -9.439  -6.378  1.00 16.16 ? 471 GLU A CA  1 
ATOM   391  C C   . GLU A 1 55  ? -0.094  -9.688  -6.559  1.00 16.69 ? 471 GLU A C   1 
ATOM   392  O O   . GLU A 1 55  ? -0.654  -9.460  -7.631  1.00 17.05 ? 471 GLU A O   1 
ATOM   393  C CB  . GLU A 1 55  ? 2.244   -10.326 -7.316  1.00 16.95 ? 471 GLU A CB  1 
ATOM   394  C CG  . GLU A 1 55  ? 3.753   -10.142 -7.170  1.00 15.20 ? 471 GLU A CG  1 
ATOM   395  C CD  . GLU A 1 55  ? 4.153   -8.649  -7.123  1.00 19.03 ? 471 GLU A CD  1 
ATOM   396  O OE1 . GLU A 1 55  ? 3.738   -7.857  -8.004  1.00 19.18 ? 471 GLU A OE1 1 
ATOM   397  O OE2 . GLU A 1 55  ? 4.883   -8.289  -6.190  1.00 19.73 ? 471 GLU A OE2 1 
ATOM   398  N N   . ARG A 1 56  ? -0.762  -10.120 -5.501  1.00 14.95 ? 472 ARG A N   1 
ATOM   399  C CA  . ARG A 1 56  ? -2.184  -10.482 -5.593  1.00 16.61 ? 472 ARG A CA  1 
ATOM   400  C C   . ARG A 1 56  ? -3.136  -9.287  -5.515  1.00 16.43 ? 472 ARG A C   1 
ATOM   401  O O   . ARG A 1 56  ? -2.809  -8.259  -4.897  1.00 16.29 ? 472 ARG A O   1 
ATOM   402  C CB  . ARG A 1 56  ? -2.550  -11.540 -4.531  1.00 14.89 ? 472 ARG A CB  1 
ATOM   403  C CG  . ARG A 1 56  ? -1.540  -12.712 -4.466  1.00 18.51 ? 472 ARG A CG  1 
ATOM   404  C CD  . ARG A 1 56  ? -1.422  -13.587 -5.762  1.00 21.33 ? 472 ARG A CD  1 
ATOM   405  N NE  . ARG A 1 56  ? -2.707  -14.196 -6.110  1.00 23.35 ? 472 ARG A NE  1 
ATOM   406  C CZ  . ARG A 1 56  ? -3.316  -15.187 -5.457  1.00 26.17 ? 472 ARG A CZ  1 
ATOM   407  N NH1 . ARG A 1 56  ? -2.766  -15.779 -4.401  1.00 27.01 ? 472 ARG A NH1 1 
ATOM   408  N NH2 . ARG A 1 56  ? -4.506  -15.595 -5.874  1.00 27.85 ? 472 ARG A NH2 1 
ATOM   409  N N   . PRO A 1 57  ? -4.318  -9.398  -6.160  1.00 18.03 ? 473 PRO A N   1 
ATOM   410  C CA  . PRO A 1 57  ? -5.287  -8.291  -6.083  1.00 18.40 ? 473 PRO A CA  1 
ATOM   411  C C   . PRO A 1 57  ? -5.960  -8.027  -4.732  1.00 17.95 ? 473 PRO A C   1 
ATOM   412  O O   . PRO A 1 57  ? -6.410  -6.895  -4.492  1.00 18.60 ? 473 PRO A O   1 
ATOM   413  C CB  . PRO A 1 57  ? -6.361  -8.679  -7.126  1.00 19.28 ? 473 PRO A CB  1 
ATOM   414  C CG  . PRO A 1 57  ? -6.250  -10.164 -7.274  1.00 19.60 ? 473 PRO A CG  1 
ATOM   415  C CD  . PRO A 1 57  ? -4.804  -10.496 -7.037  1.00 18.06 ? 473 PRO A CD  1 
ATOM   416  N N   . MET A 1 58  ? -6.062  -9.040  -3.878  1.00 16.32 ? 474 MET A N   1 
ATOM   417  C CA  . MET A 1 58  ? -6.698  -8.870  -2.547  1.00 17.08 ? 474 MET A CA  1 
ATOM   418  C C   . MET A 1 58  ? -5.638  -8.964  -1.463  1.00 16.09 ? 474 MET A C   1 
ATOM   419  O O   . MET A 1 58  ? -4.824  -9.866  -1.498  1.00 15.41 ? 474 MET A O   1 
ATOM   420  C CB  . MET A 1 58  ? -7.800  -9.932  -2.293  1.00 16.79 ? 474 MET A CB  1 
ATOM   421  C CG  . MET A 1 58  ? -8.913  -9.992  -3.365  1.00 19.11 ? 474 MET A CG  1 
ATOM   422  S SD  . MET A 1 58  ? -9.793  -8.397  -3.564  1.00 23.02 ? 474 MET A SD  1 
ATOM   423  C CE  . MET A 1 58  ? -10.813 -8.330  -2.100  1.00 22.32 ? 474 MET A CE  1 
ATOM   424  N N   . VAL A 1 59  ? -5.645  -8.048  -0.503  1.00 15.88 ? 475 VAL A N   1 
ATOM   425  C CA  . VAL A 1 59  ? -4.583  -8.045  0.530   1.00 15.99 ? 475 VAL A CA  1 
ATOM   426  C C   . VAL A 1 59  ? -4.512  -9.317  1.412   1.00 15.62 ? 475 VAL A C   1 
ATOM   427  O O   . VAL A 1 59  ? -3.487  -9.610  1.986   1.00 14.55 ? 475 VAL A O   1 
ATOM   428  C CB  . VAL A 1 59  ? -4.606  -6.784  1.416   1.00 15.60 ? 475 VAL A CB  1 
ATOM   429  C CG1 . VAL A 1 59  ? -4.368  -5.498  0.565   1.00 15.73 ? 475 VAL A CG1 1 
ATOM   430  C CG2 . VAL A 1 59  ? -5.883  -6.709  2.320   1.00 15.24 ? 475 VAL A CG2 1 
ATOM   431  N N   . MET A 1 60  ? -5.599  -10.077 1.509   1.00 15.77 ? 476 MET A N   1 
ATOM   432  C CA  . MET A 1 60  ? -5.548  -11.325 2.289   1.00 18.01 ? 476 MET A CA  1 
ATOM   433  C C   . MET A 1 60  ? -4.475  -12.312 1.784   1.00 16.07 ? 476 MET A C   1 
ATOM   434  O O   . MET A 1 60  ? -3.938  -13.125 2.575   1.00 15.62 ? 476 MET A O   1 
ATOM   435  C CB  . MET A 1 60  ? -6.906  -12.017 2.319   1.00 17.67 ? 476 MET A CB  1 
ATOM   436  C CG  . MET A 1 60  ? -7.414  -12.433 0.922   1.00 19.85 ? 476 MET A CG  1 
ATOM   437  S SD  . MET A 1 60  ? -8.999  -13.335 1.037   1.00 26.50 ? 476 MET A SD  1 
ATOM   438  C CE  . MET A 1 60  ? -8.452  -14.773 1.957   1.00 28.00 ? 476 MET A CE  1 
ATOM   439  N N   . ASP A 1 61  ? -4.176  -12.222 0.483   1.00 14.28 ? 477 ASP A N   1 
ATOM   440  C CA  . ASP A 1 61  ? -3.181  -13.053 -0.166  1.00 14.35 ? 477 ASP A CA  1 
ATOM   441  C C   . ASP A 1 61  ? -1.792  -12.420 -0.243  1.00 14.61 ? 477 ASP A C   1 
ATOM   442  O O   . ASP A 1 61  ? -0.868  -13.065 -0.744  1.00 14.65 ? 477 ASP A O   1 
ATOM   443  C CB  . ASP A 1 61  ? -3.654  -13.408 -1.578  1.00 14.44 ? 477 ASP A CB  1 
ATOM   444  C CG  . ASP A 1 61  ? -4.997  -14.146 -1.563  1.00 16.88 ? 477 ASP A CG  1 
ATOM   445  O OD1 . ASP A 1 61  ? -5.051  -15.140 -0.842  1.00 20.15 ? 477 ASP A OD1 1 
ATOM   446  O OD2 . ASP A 1 61  ? -5.942  -13.781 -2.290  1.00 19.18 ? 477 ASP A OD2 1 
ATOM   447  N N   . ASN A 1 62  ? -1.649  -11.187 0.257   1.00 14.02 ? 478 ASN A N   1 
ATOM   448  C CA  . ASN A 1 62  ? -0.354  -10.494 0.295   1.00 15.15 ? 478 ASN A CA  1 
ATOM   449  C C   . ASN A 1 62  ? 0.182   -10.407 1.716   1.00 14.79 ? 478 ASN A C   1 
ATOM   450  O O   . ASN A 1 62  ? -0.513  -10.817 2.678   1.00 15.28 ? 478 ASN A O   1 
ATOM   451  C CB  . ASN A 1 62  ? -0.440  -9.095  -0.346  1.00 13.36 ? 478 ASN A CB  1 
ATOM   452  C CG  . ASN A 1 62  ? -0.825  -9.170  -1.771  1.00 15.82 ? 478 ASN A CG  1 
ATOM   453  O OD1 . ASN A 1 62  ? -0.430  -10.110 -2.457  1.00 13.43 ? 478 ASN A OD1 1 
ATOM   454  N ND2 . ASN A 1 62  ? -1.625  -8.193  -2.246  1.00 13.22 ? 478 ASN A ND2 1 
ATOM   455  N N   . HIS A 1 63  ? 1.416   -9.922  1.838   1.00 14.45 ? 479 HIS A N   1 
ATOM   456  C CA  . HIS A 1 63  ? 2.094   -9.863  3.147   1.00 13.02 ? 479 HIS A CA  1 
ATOM   457  C C   . HIS A 1 63  ? 2.089   -8.449  3.737   1.00 13.16 ? 479 HIS A C   1 
ATOM   458  O O   . HIS A 1 63  ? 2.691   -7.536  3.181   1.00 12.04 ? 479 HIS A O   1 
ATOM   459  C CB  . HIS A 1 63  ? 3.518   -10.474 3.101   1.00 12.97 ? 479 HIS A CB  1 
ATOM   460  C CG  . HIS A 1 63  ? 4.255   -10.361 4.415   1.00 13.21 ? 479 HIS A CG  1 
ATOM   461  N ND1 . HIS A 1 63  ? 5.431   -9.649  4.547   1.00 16.94 ? 479 HIS A ND1 1 
ATOM   462  C CD2 . HIS A 1 63  ? 3.935   -10.784 5.655   1.00 14.94 ? 479 HIS A CD2 1 
ATOM   463  C CE1 . HIS A 1 63  ? 5.836   -9.693  5.802   1.00 17.42 ? 479 HIS A CE1 1 
ATOM   464  N NE2 . HIS A 1 63  ? 4.935   -10.364 6.501   1.00 16.96 ? 479 HIS A NE2 1 
ATOM   465  N N   . LYS A 1 64  ? 1.385   -8.272  4.850   1.00 13.78 ? 480 LYS A N   1 
ATOM   466  C CA  . LYS A 1 64  ? 1.373   -6.996  5.588   1.00 13.24 ? 480 LYS A CA  1 
ATOM   467  C C   . LYS A 1 64  ? 2.719   -6.668  6.233   1.00 13.51 ? 480 LYS A C   1 
ATOM   468  O O   . LYS A 1 64  ? 3.353   -7.529  6.876   1.00 12.72 ? 480 LYS A O   1 
ATOM   469  C CB  . LYS A 1 64  ? 0.328   -7.061  6.689   1.00 13.87 ? 480 LYS A CB  1 
ATOM   470  C CG  . LYS A 1 64  ? 0.151   -5.777  7.496   1.00 15.47 ? 480 LYS A CG  1 
ATOM   471  C CD  . LYS A 1 64  ? -0.923  -6.086  8.539   1.00 18.74 ? 480 LYS A CD  1 
ATOM   472  C CE  . LYS A 1 64  ? -1.463  -4.893  9.187   1.00 22.55 ? 480 LYS A CE  1 
ATOM   473  N NZ  . LYS A 1 64  ? -2.723  -5.314  9.935   1.00 23.37 ? 480 LYS A NZ  1 
ATOM   474  N N   . LEU A 1 65  ? 3.151   -5.414  6.091   1.00 13.94 ? 481 LEU A N   1 
ATOM   475  C CA  . LEU A 1 65  ? 4.417   -4.987  6.626   1.00 14.22 ? 481 LEU A CA  1 
ATOM   476  C C   . LEU A 1 65  ? 4.239   -4.036  7.789   1.00 14.54 ? 481 LEU A C   1 
ATOM   477  O O   . LEU A 1 65  ? 5.170   -3.824  8.560   1.00 16.66 ? 481 LEU A O   1 
ATOM   478  C CB  . LEU A 1 65  ? 5.231   -4.272  5.520   1.00 14.97 ? 481 LEU A CB  1 
ATOM   479  C CG  . LEU A 1 65  ? 5.824   -5.087  4.366   1.00 17.41 ? 481 LEU A CG  1 
ATOM   480  C CD1 . LEU A 1 65  ? 6.238   -4.142  3.262   1.00 16.25 ? 481 LEU A CD1 1 
ATOM   481  C CD2 . LEU A 1 65  ? 7.014   -5.947  4.791   1.00 15.37 ? 481 LEU A CD2 1 
ATOM   482  N N   . GLY A 1 66  ? 3.064   -3.439  7.933   1.00 15.66 ? 482 GLY A N   1 
ATOM   483  C CA  . GLY A 1 66  ? 2.912   -2.423  8.951   1.00 13.88 ? 482 GLY A CA  1 
ATOM   484  C C   . GLY A 1 66  ? 1.629   -1.670  8.798   1.00 13.94 ? 482 GLY A C   1 
ATOM   485  O O   . GLY A 1 66  ? 0.916   -1.849  7.835   1.00 13.36 ? 482 GLY A O   1 
ATOM   486  N N   . ASN A 1 67  ? 1.309   -0.811  9.758   1.00 13.53 ? 483 ASN A N   1 
ATOM   487  C CA  . ASN A 1 67  ? 0.125   0.009   9.599   1.00 14.42 ? 483 ASN A CA  1 
ATOM   488  C C   . ASN A 1 67  ? 0.245   1.192   10.514  1.00 13.73 ? 483 ASN A C   1 
ATOM   489  O O   . ASN A 1 67  ? 0.967   1.117   11.517  1.00 13.51 ? 483 ASN A O   1 
ATOM   490  C CB  . ASN A 1 67  ? -1.146  -0.772  9.912   1.00 16.49 ? 483 ASN A CB  1 
ATOM   491  C CG  . ASN A 1 67  ? -1.197  -1.240  11.326  1.00 21.44 ? 483 ASN A CG  1 
ATOM   492  O OD1 . ASN A 1 67  ? -1.664  -0.526  12.226  1.00 29.59 ? 483 ASN A OD1 1 
ATOM   493  N ND2 . ASN A 1 67  ? -0.701  -2.429  11.551  1.00 25.87 ? 483 ASN A ND2 1 
ATOM   494  N N   . PHE A 1 68  ? -0.448  2.279   10.190  1.00 12.51 ? 484 PHE A N   1 
ATOM   495  C CA  . PHE A 1 68  ? -0.543  3.402   11.121  1.00 13.08 ? 484 PHE A CA  1 
ATOM   496  C C   . PHE A 1 68  ? -1.763  4.219   10.728  1.00 14.32 ? 484 PHE A C   1 
ATOM   497  O O   . PHE A 1 68  ? -2.312  4.014   9.648   1.00 15.14 ? 484 PHE A O   1 
ATOM   498  C CB  . PHE A 1 68  ? 0.751   4.239   11.056  1.00 12.77 ? 484 PHE A CB  1 
ATOM   499  C CG  . PHE A 1 68  ? 0.989   4.895   9.729   1.00 13.11 ? 484 PHE A CG  1 
ATOM   500  C CD1 . PHE A 1 68  ? 0.386   6.122   9.434   1.00 11.42 ? 484 PHE A CD1 1 
ATOM   501  C CD2 . PHE A 1 68  ? 1.829   4.312   8.794   1.00 12.91 ? 484 PHE A CD2 1 
ATOM   502  C CE1 . PHE A 1 68  ? 0.613   6.765   8.183   1.00 14.35 ? 484 PHE A CE1 1 
ATOM   503  C CE2 . PHE A 1 68  ? 2.087   4.956   7.524   1.00 14.02 ? 484 PHE A CE2 1 
ATOM   504  C CZ  . PHE A 1 68  ? 1.455   6.185   7.232   1.00 12.97 ? 484 PHE A CZ  1 
ATOM   505  N N   . ASP A 1 69  ? -2.162  5.159   11.564  1.00 14.72 ? 485 ASP A N   1 
ATOM   506  C CA  . ASP A 1 69  ? -3.364  5.950   11.305  1.00 15.88 ? 485 ASP A CA  1 
ATOM   507  C C   . ASP A 1 69  ? -3.052  7.438   11.122  1.00 15.74 ? 485 ASP A C   1 
ATOM   508  O O   . ASP A 1 69  ? -2.055  7.950   11.642  1.00 16.44 ? 485 ASP A O   1 
ATOM   509  C CB  . ASP A 1 69  ? -4.350  5.836   12.473  1.00 16.11 ? 485 ASP A CB  1 
ATOM   510  C CG  . ASP A 1 69  ? -5.053  4.491   12.555  1.00 21.24 ? 485 ASP A CG  1 
ATOM   511  O OD1 . ASP A 1 69  ? -4.834  3.557   11.752  1.00 22.58 ? 485 ASP A OD1 1 
ATOM   512  O OD2 . ASP A 1 69  ? -5.856  4.370   13.489  1.00 25.69 ? 485 ASP A OD2 1 
ATOM   513  N N   . VAL A 1 70  ? -3.921  8.120   10.373  1.00 15.82 ? 486 VAL A N   1 
ATOM   514  C CA  . VAL A 1 70  ? -3.975  9.581   10.389  1.00 16.96 ? 486 VAL A CA  1 
ATOM   515  C C   . VAL A 1 70  ? -5.325  9.911   10.994  1.00 16.37 ? 486 VAL A C   1 
ATOM   516  O O   . VAL A 1 70  ? -6.348  9.411   10.544  1.00 17.12 ? 486 VAL A O   1 
ATOM   517  C CB  . VAL A 1 70  ? -3.877  10.178  8.987   1.00 17.14 ? 486 VAL A CB  1 
ATOM   518  C CG1 . VAL A 1 70  ? -3.976  11.718  9.051   1.00 19.25 ? 486 VAL A CG1 1 
ATOM   519  C CG2 . VAL A 1 70  ? -2.574  9.697   8.249   1.00 15.71 ? 486 VAL A CG2 1 
ATOM   520  N N   . THR A 1 71  ? -5.340  10.759  12.007  1.00 17.76 ? 487 THR A N   1 
ATOM   521  C CA  . THR A 1 71  ? -6.549  11.001  12.774  1.00 17.55 ? 487 THR A CA  1 
ATOM   522  C C   . THR A 1 71  ? -6.851  12.510  12.771  1.00 18.27 ? 487 THR A C   1 
ATOM   523  O O   . THR A 1 71  ? -6.091  13.303  12.200  1.00 18.71 ? 487 THR A O   1 
ATOM   524  C CB  . THR A 1 71  ? -6.364  10.516  14.228  1.00 18.69 ? 487 THR A CB  1 
ATOM   525  O OG1 . THR A 1 71  ? -5.345  11.310  14.814  1.00 17.53 ? 487 THR A OG1 1 
ATOM   526  C CG2 . THR A 1 71  ? -5.894  9.024   14.304  1.00 18.82 ? 487 THR A CG2 1 
ATOM   527  N N   . GLY A 1 72  ? -7.963  12.922  13.399  1.00 18.21 ? 488 GLY A N   1 
ATOM   528  C CA  . GLY A 1 72  ? -8.311  14.347  13.482  1.00 17.89 ? 488 GLY A CA  1 
ATOM   529  C C   . GLY A 1 72  ? -8.853  14.878  12.160  1.00 17.89 ? 488 GLY A C   1 
ATOM   530  O O   . GLY A 1 72  ? -8.727  16.074  11.888  1.00 17.89 ? 488 GLY A O   1 
ATOM   531  N N   . ILE A 1 73  ? -9.436  13.993  11.332  1.00 17.04 ? 489 ILE A N   1 
ATOM   532  C CA  . ILE A 1 73  ? -10.050 14.387  10.049  1.00 17.06 ? 489 ILE A CA  1 
ATOM   533  C C   . ILE A 1 73  ? -11.423 14.998  10.357  1.00 17.49 ? 489 ILE A C   1 
ATOM   534  O O   . ILE A 1 73  ? -12.263 14.329  10.926  1.00 18.30 ? 489 ILE A O   1 
ATOM   535  C CB  . ILE A 1 73  ? -10.199 13.192  9.039   1.00 16.18 ? 489 ILE A CB  1 
ATOM   536  C CG1 . ILE A 1 73  ? -8.840  12.458  8.822   1.00 16.23 ? 489 ILE A CG1 1 
ATOM   537  C CG2 . ILE A 1 73  ? -10.802 13.687  7.663   1.00 15.33 ? 489 ILE A CG2 1 
ATOM   538  C CD1 . ILE A 1 73  ? -8.964  11.149  7.975   1.00 16.58 ? 489 ILE A CD1 1 
ATOM   539  N N   . PRO A 1 74  ? -11.637 16.266  10.007  1.00 19.21 ? 490 PRO A N   1 
ATOM   540  C CA  . PRO A 1 74  ? -12.933 16.921  10.310  1.00 19.82 ? 490 PRO A CA  1 
ATOM   541  C C   . PRO A 1 74  ? -14.061 16.162  9.608   1.00 20.25 ? 490 PRO A C   1 
ATOM   542  O O   . PRO A 1 74  ? -13.856 15.668  8.456   1.00 20.69 ? 490 PRO A O   1 
ATOM   543  C CB  . PRO A 1 74  ? -12.786 18.324  9.689   1.00 19.78 ? 490 PRO A CB  1 
ATOM   544  C CG  . PRO A 1 74  ? -11.327 18.527  9.505   1.00 20.28 ? 490 PRO A CG  1 
ATOM   545  C CD  . PRO A 1 74  ? -10.699 17.171  9.320   1.00 18.74 ? 490 PRO A CD  1 
ATOM   546  N N   . PRO A 1 75  ? -15.231 16.016  10.278  1.00 21.01 ? 491 PRO A N   1 
ATOM   547  C CA  . PRO A 1 75  ? -16.267 15.208  9.635   1.00 20.25 ? 491 PRO A CA  1 
ATOM   548  C C   . PRO A 1 75  ? -16.686 15.747  8.270   1.00 18.82 ? 491 PRO A C   1 
ATOM   549  O O   . PRO A 1 75  ? -16.957 16.937  8.112   1.00 18.90 ? 491 PRO A O   1 
ATOM   550  C CB  . PRO A 1 75  ? -17.453 15.238  10.630  1.00 21.35 ? 491 PRO A CB  1 
ATOM   551  C CG  . PRO A 1 75  ? -17.181 16.389  11.547  1.00 22.96 ? 491 PRO A CG  1 
ATOM   552  C CD  . PRO A 1 75  ? -15.654 16.531  11.596  1.00 21.16 ? 491 PRO A CD  1 
ATOM   553  N N   . ALA A 1 76  ? -16.732 14.861  7.295   1.00 16.16 ? 492 ALA A N   1 
ATOM   554  C CA  . ALA A 1 76  ? -17.101 15.194  5.951   1.00 16.24 ? 492 ALA A CA  1 
ATOM   555  C C   . ALA A 1 76  ? -17.635 13.930  5.312   1.00 17.09 ? 492 ALA A C   1 
ATOM   556  O O   . ALA A 1 76  ? -17.335 12.811  5.783   1.00 15.92 ? 492 ALA A O   1 
ATOM   557  C CB  . ALA A 1 76  ? -15.878 15.711  5.150   1.00 15.93 ? 492 ALA A CB  1 
ATOM   558  N N   . PRO A 1 77  ? -18.421 14.085  4.235   1.00 18.01 ? 493 PRO A N   1 
ATOM   559  C CA  . PRO A 1 77  ? -18.851 12.909  3.492   1.00 18.17 ? 493 PRO A CA  1 
ATOM   560  C C   . PRO A 1 77  ? -17.734 12.062  2.863   1.00 18.57 ? 493 PRO A C   1 
ATOM   561  O O   . PRO A 1 77  ? -16.642 12.557  2.536   1.00 17.08 ? 493 PRO A O   1 
ATOM   562  C CB  . PRO A 1 77  ? -19.694 13.527  2.363   1.00 19.26 ? 493 PRO A CB  1 
ATOM   563  C CG  . PRO A 1 77  ? -20.247 14.805  2.986   1.00 19.14 ? 493 PRO A CG  1 
ATOM   564  C CD  . PRO A 1 77  ? -19.006 15.326  3.651   1.00 18.23 ? 493 PRO A CD  1 
ATOM   565  N N   . ARG A 1 78  ? -18.070 10.789  2.677   1.00 18.14 ? 494 ARG A N   1 
ATOM   566  C CA  A ARG A 1 78  ? -17.267 9.837   1.914   0.70 18.53 ? 494 ARG A CA  1 
ATOM   567  C CA  B ARG A 1 78  ? -17.236 9.841   1.945   0.30 18.10 ? 494 ARG A CA  1 
ATOM   568  C C   . ARG A 1 78  ? -16.635 10.477  0.688   1.00 17.73 ? 494 ARG A C   1 
ATOM   569  O O   . ARG A 1 78  ? -17.325 11.135  -0.079  1.00 17.32 ? 494 ARG A O   1 
ATOM   570  C CB  A ARG A 1 78  ? -18.155 8.672   1.473   0.70 18.42 ? 494 ARG A CB  1 
ATOM   571  C CB  B ARG A 1 78  ? -18.086 8.619   1.578   0.30 17.99 ? 494 ARG A CB  1 
ATOM   572  C CG  A ARG A 1 78  ? -17.492 7.777   0.461   0.70 20.99 ? 494 ARG A CG  1 
ATOM   573  C CG  B ARG A 1 78  ? -17.325 7.411   1.046   0.30 18.61 ? 494 ARG A CG  1 
ATOM   574  C CD  A ARG A 1 78  ? -18.314 6.578   0.046   0.70 22.98 ? 494 ARG A CD  1 
ATOM   575  C CD  B ARG A 1 78  ? -18.217 6.592   0.101   0.30 19.49 ? 494 ARG A CD  1 
ATOM   576  N NE  A ARG A 1 78  ? -17.427 5.425   0.080   0.70 27.25 ? 494 ARG A NE  1 
ATOM   577  N NE  B ARG A 1 78  ? -18.717 7.452   -0.968  0.30 20.80 ? 494 ARG A NE  1 
ATOM   578  C CZ  A ARG A 1 78  ? -17.743 4.195   -0.314  0.70 28.24 ? 494 ARG A CZ  1 
ATOM   579  C CZ  B ARG A 1 78  ? -19.551 7.093   -1.936  0.30 21.65 ? 494 ARG A CZ  1 
ATOM   580  N NH1 A ARG A 1 78  ? -18.944 3.957   -0.825  0.70 30.03 ? 494 ARG A NH1 1 
ATOM   581  N NH1 B ARG A 1 78  ? -20.015 5.847   -2.023  0.30 22.33 ? 494 ARG A NH1 1 
ATOM   582  N NH2 A ARG A 1 78  ? -16.838 3.221   -0.205  0.70 22.75 ? 494 ARG A NH2 1 
ATOM   583  N NH2 B ARG A 1 78  ? -19.915 7.999   -2.834  0.30 20.94 ? 494 ARG A NH2 1 
ATOM   584  N N   . GLY A 1 79  ? -15.333 10.289  0.490   1.00 17.93 ? 495 GLY A N   1 
ATOM   585  C CA  . GLY A 1 79  ? -14.653 10.776  -0.739  1.00 17.21 ? 495 GLY A CA  1 
ATOM   586  C C   . GLY A 1 79  ? -14.215 12.245  -0.721  1.00 18.09 ? 495 GLY A C   1 
ATOM   587  O O   . GLY A 1 79  ? -13.557 12.715  -1.624  1.00 16.68 ? 495 GLY A O   1 
ATOM   588  N N   . VAL A 1 80  ? -14.549 12.981  0.327   1.00 18.07 ? 496 VAL A N   1 
ATOM   589  C CA  . VAL A 1 80  ? -14.189 14.396  0.393   1.00 18.23 ? 496 VAL A CA  1 
ATOM   590  C C   . VAL A 1 80  ? -12.787 14.657  0.940   1.00 17.95 ? 496 VAL A C   1 
ATOM   591  O O   . VAL A 1 80  ? -12.014 15.370  0.267   1.00 16.56 ? 496 VAL A O   1 
ATOM   592  C CB  . VAL A 1 80  ? -15.286 15.259  1.115   1.00 18.53 ? 496 VAL A CB  1 
ATOM   593  C CG1 . VAL A 1 80  ? -14.810 16.682  1.333   1.00 19.27 ? 496 VAL A CG1 1 
ATOM   594  C CG2 . VAL A 1 80  ? -16.568 15.224  0.318   1.00 18.36 ? 496 VAL A CG2 1 
ATOM   595  N N   . PRO A 1 81  ? -12.442 14.105  2.138   1.00 17.91 ? 497 PRO A N   1 
ATOM   596  C CA  . PRO A 1 81  ? -11.069 14.354  2.615   1.00 18.02 ? 497 PRO A CA  1 
ATOM   597  C C   . PRO A 1 81  ? -10.002 13.913  1.617   1.00 18.18 ? 497 PRO A C   1 
ATOM   598  O O   . PRO A 1 81  ? -10.205 12.937  0.893   1.00 18.75 ? 497 PRO A O   1 
ATOM   599  C CB  . PRO A 1 81  ? -10.957 13.452  3.862   1.00 17.58 ? 497 PRO A CB  1 
ATOM   600  C CG  . PRO A 1 81  ? -12.348 13.358  4.382   1.00 17.93 ? 497 PRO A CG  1 
ATOM   601  C CD  . PRO A 1 81  ? -13.230 13.327  3.125   1.00 16.82 ? 497 PRO A CD  1 
ATOM   602  N N   . GLN A 1 82  ? -8.866  14.608  1.608   1.00 17.89 ? 498 GLN A N   1 
ATOM   603  C CA  . GLN A 1 82  ? -7.778  14.275  0.711   1.00 17.77 ? 498 GLN A CA  1 
ATOM   604  C C   . GLN A 1 82  ? -6.550  13.931  1.544   1.00 17.65 ? 498 GLN A C   1 
ATOM   605  O O   . GLN A 1 82  ? -5.971  14.808  2.174   1.00 17.16 ? 498 GLN A O   1 
ATOM   606  C CB  . GLN A 1 82  ? -7.456  15.435  -0.248  1.00 18.01 ? 498 GLN A CB  1 
ATOM   607  C CG  . GLN A 1 82  ? -8.622  15.876  -1.109  1.00 22.43 ? 498 GLN A CG  1 
ATOM   608  C CD  . GLN A 1 82  ? -9.005  14.857  -2.122  1.00 27.29 ? 498 GLN A CD  1 
ATOM   609  O OE1 . GLN A 1 82  ? -8.344  14.724  -3.165  1.00 31.69 ? 498 GLN A OE1 1 
ATOM   610  N NE2 . GLN A 1 82  ? -10.082 14.116  -1.842  1.00 28.60 ? 498 GLN A NE2 1 
ATOM   611  N N   . ILE A 1 83  ? -6.174  12.655  1.529   1.00 16.69 ? 499 ILE A N   1 
ATOM   612  C CA  . ILE A 1 83  ? -5.040  12.137  2.321   1.00 16.26 ? 499 ILE A CA  1 
ATOM   613  C C   . ILE A 1 83  ? -3.934  11.674  1.354   1.00 16.11 ? 499 ILE A C   1 
ATOM   614  O O   . ILE A 1 83  ? -4.097  10.702  0.599   1.00 15.42 ? 499 ILE A O   1 
ATOM   615  C CB  . ILE A 1 83  ? -5.476  10.998  3.274   1.00 16.58 ? 499 ILE A CB  1 
ATOM   616  C CG1 . ILE A 1 83  ? -6.585  11.495  4.238   1.00 18.68 ? 499 ILE A CG1 1 
ATOM   617  C CG2 . ILE A 1 83  ? -4.269  10.467  4.113   1.00 16.73 ? 499 ILE A CG2 1 
ATOM   618  C CD1 . ILE A 1 83  ? -7.926  11.127  3.850   1.00 20.85 ? 499 ILE A CD1 1 
ATOM   619  N N   . GLU A 1 84  ? -2.812  12.378  1.351   1.00 15.08 ? 500 GLU A N   1 
ATOM   620  C CA  . GLU A 1 84  ? -1.768  12.005  0.407   1.00 14.75 ? 500 GLU A CA  1 
ATOM   621  C C   . GLU A 1 84  ? -0.862  10.975  1.060   1.00 13.17 ? 500 GLU A C   1 
ATOM   622  O O   . GLU A 1 84  ? -0.354  11.194  2.168   1.00 12.29 ? 500 GLU A O   1 
ATOM   623  C CB  . GLU A 1 84  ? -0.968  13.212  -0.045  1.00 16.48 ? 500 GLU A CB  1 
ATOM   624  C CG  . GLU A 1 84  ? 0.149   12.812  -0.976  1.00 19.79 ? 500 GLU A CG  1 
ATOM   625  C CD  . GLU A 1 84  ? 0.609   13.990  -1.788  1.00 30.12 ? 500 GLU A CD  1 
ATOM   626  O OE1 . GLU A 1 84  ? 0.432   13.935  -3.038  1.00 35.73 ? 500 GLU A OE1 1 
ATOM   627  O OE2 . GLU A 1 84  ? 1.113   14.958  -1.164  1.00 29.85 ? 500 GLU A OE2 1 
ATOM   628  N N   . VAL A 1 85  ? -0.724  9.835   0.397   1.00 12.88 ? 501 VAL A N   1 
ATOM   629  C CA  . VAL A 1 85  ? 0.140   8.728   0.879   1.00 13.31 ? 501 VAL A CA  1 
ATOM   630  C C   . VAL A 1 85  ? 1.377   8.595   0.026   1.00 14.25 ? 501 VAL A C   1 
ATOM   631  O O   . VAL A 1 85  ? 1.299   8.429   -1.229  1.00 14.79 ? 501 VAL A O   1 
ATOM   632  C CB  . VAL A 1 85  ? -0.597  7.338   0.913   1.00 12.71 ? 501 VAL A CB  1 
ATOM   633  C CG1 . VAL A 1 85  ? 0.324   6.295   1.476   1.00 15.08 ? 501 VAL A CG1 1 
ATOM   634  C CG2 . VAL A 1 85  ? -1.915  7.408   1.757   1.00 13.17 ? 501 VAL A CG2 1 
ATOM   635  N N   . THR A 1 86  ? 2.525   8.625   0.704   1.00 14.30 ? 502 THR A N   1 
ATOM   636  C CA  . THR A 1 86  ? 3.840   8.510   0.051   1.00 13.57 ? 502 THR A CA  1 
ATOM   637  C C   . THR A 1 86  ? 4.588   7.190   0.414   1.00 13.00 ? 502 THR A C   1 
ATOM   638  O O   . THR A 1 86  ? 4.756   6.892   1.594   1.00 13.99 ? 502 THR A O   1 
ATOM   639  C CB  . THR A 1 86  ? 4.697   9.779   0.359   1.00 12.94 ? 502 THR A CB  1 
ATOM   640  O OG1 . THR A 1 86  ? 3.967   10.963  -0.041  1.00 14.64 ? 502 THR A OG1 1 
ATOM   641  C CG2 . THR A 1 86  ? 6.049   9.732   -0.382  1.00 13.18 ? 502 THR A CG2 1 
ATOM   642  N N   . PHE A 1 87  ? 5.020   6.420   -0.591  1.00 11.98 ? 503 PHE A N   1 
ATOM   643  C CA  . PHE A 1 87  ? 5.997   5.345   -0.377  1.00 12.21 ? 503 PHE A CA  1 
ATOM   644  C C   . PHE A 1 87  ? 7.384   5.787   -0.932  1.00 13.04 ? 503 PHE A C   1 
ATOM   645  O O   . PHE A 1 87  ? 7.501   6.164   -2.105  1.00 13.58 ? 503 PHE A O   1 
ATOM   646  C CB  . PHE A 1 87  ? 5.582   4.080   -1.112  1.00 10.92 ? 503 PHE A CB  1 
ATOM   647  C CG  . PHE A 1 87  ? 4.516   3.246   -0.406  1.00 13.32 ? 503 PHE A CG  1 
ATOM   648  C CD1 . PHE A 1 87  ? 3.424   3.833   0.205   1.00 12.46 ? 503 PHE A CD1 1 
ATOM   649  C CD2 . PHE A 1 87  ? 4.614   1.844   -0.428  1.00 13.36 ? 503 PHE A CD2 1 
ATOM   650  C CE1 . PHE A 1 87  ? 2.432   3.054   0.852   1.00 10.90 ? 503 PHE A CE1 1 
ATOM   651  C CE2 . PHE A 1 87  ? 3.681   1.057   0.213   1.00 13.16 ? 503 PHE A CE2 1 
ATOM   652  C CZ  . PHE A 1 87  ? 2.554   1.676   0.857   1.00 12.14 ? 503 PHE A CZ  1 
ATOM   653  N N   . GLU A 1 88  ? 8.412   5.726   -0.103  1.00 12.46 ? 504 GLU A N   1 
ATOM   654  C CA  . GLU A 1 88  ? 9.777   6.047   -0.567  1.00 12.72 ? 504 GLU A CA  1 
ATOM   655  C C   . GLU A 1 88  ? 10.737  4.946   -0.188  1.00 14.30 ? 504 GLU A C   1 
ATOM   656  O O   . GLU A 1 88  ? 10.850  4.644   0.991   1.00 15.03 ? 504 GLU A O   1 
ATOM   657  C CB  . GLU A 1 88  ? 10.291  7.309   0.083   1.00 13.04 ? 504 GLU A CB  1 
ATOM   658  C CG  . GLU A 1 88  ? 11.735  7.597   -0.333  1.00 15.10 ? 504 GLU A CG  1 
ATOM   659  C CD  . GLU A 1 88  ? 12.318  8.862   0.237   1.00 23.36 ? 504 GLU A CD  1 
ATOM   660  O OE1 . GLU A 1 88  ? 11.803  9.413   1.250   1.00 24.83 ? 504 GLU A OE1 1 
ATOM   661  O OE2 . GLU A 1 88  ? 13.337  9.295   -0.343  1.00 23.38 ? 504 GLU A OE2 1 
ATOM   662  N N   . ILE A 1 89  ? 11.407  4.351   -1.180  1.00 13.37 ? 505 ILE A N   1 
ATOM   663  C CA  . ILE A 1 89  ? 12.503  3.422   -0.931  1.00 13.25 ? 505 ILE A CA  1 
ATOM   664  C C   . ILE A 1 89  ? 13.744  4.287   -1.114  1.00 14.68 ? 505 ILE A C   1 
ATOM   665  O O   . ILE A 1 89  ? 13.960  4.915   -2.189  1.00 14.47 ? 505 ILE A O   1 
ATOM   666  C CB  . ILE A 1 89  ? 12.512  2.203   -1.899  1.00 13.37 ? 505 ILE A CB  1 
ATOM   667  C CG1 . ILE A 1 89  ? 11.163  1.454   -1.844  1.00 12.11 ? 505 ILE A CG1 1 
ATOM   668  C CG2 . ILE A 1 89  ? 13.667  1.253   -1.576  1.00 11.71 ? 505 ILE A CG2 1 
ATOM   669  C CD1 . ILE A 1 89  ? 10.987  0.343   -2.942  1.00 13.50 ? 505 ILE A CD1 1 
ATOM   670  N N   . ASP A 1 90  ? 14.505  4.377   -0.033  1.00 14.43 ? 506 ASP A N   1 
ATOM   671  C CA  . ASP A 1 90  ? 15.640  5.246   0.002   1.00 14.48 ? 506 ASP A CA  1 
ATOM   672  C C   . ASP A 1 90  ? 16.858  4.554   -0.612  1.00 14.35 ? 506 ASP A C   1 
ATOM   673  O O   . ASP A 1 90  ? 16.763  3.389   -1.054  1.00 13.49 ? 506 ASP A O   1 
ATOM   674  C CB  . ASP A 1 90  ? 15.860  5.791   1.444   1.00 15.19 ? 506 ASP A CB  1 
ATOM   675  C CG  . ASP A 1 90  ? 16.428  4.748   2.449   1.00 15.95 ? 506 ASP A CG  1 
ATOM   676  O OD1 . ASP A 1 90  ? 16.967  3.676   2.074   1.00 14.98 ? 506 ASP A OD1 1 
ATOM   677  O OD2 . ASP A 1 90  ? 16.385  5.034   3.661   1.00 15.14 ? 506 ASP A OD2 1 
ATOM   678  N N   . VAL A 1 91  ? 17.987  5.269   -0.659  1.00 13.96 ? 507 VAL A N   1 
ATOM   679  C CA  A VAL A 1 91  ? 19.195  4.754   -1.319  0.60 15.14 ? 507 VAL A CA  1 
ATOM   680  C CA  B VAL A 1 91  ? 19.163  4.765   -1.336  0.40 14.89 ? 507 VAL A CA  1 
ATOM   681  C C   . VAL A 1 91  ? 19.697  3.463   -0.694  1.00 15.62 ? 507 VAL A C   1 
ATOM   682  O O   . VAL A 1 91  ? 20.420  2.664   -1.359  1.00 16.30 ? 507 VAL A O   1 
ATOM   683  C CB  A VAL A 1 91  ? 20.363  5.786   -1.317  0.60 15.44 ? 507 VAL A CB  1 
ATOM   684  C CB  B VAL A 1 91  ? 20.233  5.885   -1.428  0.40 14.92 ? 507 VAL A CB  1 
ATOM   685  C CG1 A VAL A 1 91  ? 20.079  6.881   -2.275  0.60 14.56 ? 507 VAL A CG1 1 
ATOM   686  C CG1 B VAL A 1 91  ? 20.825  6.203   -0.033  0.40 15.35 ? 507 VAL A CG1 1 
ATOM   687  C CG2 A VAL A 1 91  ? 20.613  6.340   0.122   0.60 15.63 ? 507 VAL A CG2 1 
ATOM   688  C CG2 B VAL A 1 91  ? 21.281  5.512   -2.405  0.40 13.43 ? 507 VAL A CG2 1 
ATOM   689  N N   . ASN A 1 92  ? 19.332  3.237   0.578   1.00 15.17 ? 508 ASN A N   1 
ATOM   690  C CA  . ASN A 1 92  ? 19.738  2.021   1.319   1.00 15.49 ? 508 ASN A CA  1 
ATOM   691  C C   . ASN A 1 92  ? 18.781  0.844   1.129   1.00 16.49 ? 508 ASN A C   1 
ATOM   692  O O   . ASN A 1 92  ? 19.005  -0.248  1.693   1.00 15.62 ? 508 ASN A O   1 
ATOM   693  C CB  . ASN A 1 92  ? 19.897  2.317   2.834   1.00 14.93 ? 508 ASN A CB  1 
ATOM   694  C CG  . ASN A 1 92  ? 20.883  3.486   3.123   1.00 14.78 ? 508 ASN A CG  1 
ATOM   695  O OD1 . ASN A 1 92  ? 22.008  3.532   2.594   1.00 14.61 ? 508 ASN A OD1 1 
ATOM   696  N ND2 . ASN A 1 92  ? 20.464  4.407   3.979   1.00 15.03 ? 508 ASN A ND2 1 
ATOM   697  N N   . GLY A 1 93  ? 17.726  1.062   0.336   1.00 14.82 ? 509 GLY A N   1 
ATOM   698  C CA  . GLY A 1 93  ? 16.710  0.057   0.091   1.00 14.72 ? 509 GLY A CA  1 
ATOM   699  C C   . GLY A 1 93  ? 15.643  0.003   1.168   1.00 14.11 ? 509 GLY A C   1 
ATOM   700  O O   . GLY A 1 93  ? 14.909  -0.964  1.239   1.00 15.80 ? 509 GLY A O   1 
ATOM   701  N N   . ILE A 1 94  ? 15.594  0.993   2.047   1.00 14.18 ? 510 ILE A N   1 
ATOM   702  C CA  A ILE A 1 94  ? 14.650  0.989   3.148   0.60 13.57 ? 510 ILE A CA  1 
ATOM   703  C CA  B ILE A 1 94  ? 14.660  1.000   3.160   0.40 13.54 ? 510 ILE A CA  1 
ATOM   704  C C   . ILE A 1 94  ? 13.385  1.752   2.760   1.00 13.18 ? 510 ILE A C   1 
ATOM   705  O O   . ILE A 1 94  ? 13.459  2.841   2.218   1.00 14.00 ? 510 ILE A O   1 
ATOM   706  C CB  A ILE A 1 94  ? 15.279  1.548   4.466   0.60 14.10 ? 510 ILE A CB  1 
ATOM   707  C CB  B ILE A 1 94  ? 15.312  1.601   4.447   0.40 13.95 ? 510 ILE A CB  1 
ATOM   708  C CG1 A ILE A 1 94  ? 16.405  0.619   4.942   0.60 13.55 ? 510 ILE A CG1 1 
ATOM   709  C CG1 B ILE A 1 94  ? 16.481  0.710   4.894   0.40 13.64 ? 510 ILE A CG1 1 
ATOM   710  C CG2 A ILE A 1 94  ? 14.204  1.779   5.566   0.60 12.11 ? 510 ILE A CG2 1 
ATOM   711  C CG2 B ILE A 1 94  ? 14.272  1.763   5.575   0.40 12.74 ? 510 ILE A CG2 1 
ATOM   712  C CD1 A ILE A 1 94  ? 15.999  -0.834  5.194   0.60 12.67 ? 510 ILE A CD1 1 
ATOM   713  C CD1 B ILE A 1 94  ? 17.485  1.374   5.845   0.40 13.08 ? 510 ILE A CD1 1 
ATOM   714  N N   . LEU A 1 95  ? 12.239  1.141   3.019   1.00 12.72 ? 511 LEU A N   1 
ATOM   715  C CA  . LEU A 1 95  ? 10.948  1.730   2.710   1.00 12.29 ? 511 LEU A CA  1 
ATOM   716  C C   . LEU A 1 95  ? 10.398  2.578   3.866   1.00 11.63 ? 511 LEU A C   1 
ATOM   717  O O   . LEU A 1 95  ? 10.330  2.118   5.007   1.00 11.38 ? 511 LEU A O   1 
ATOM   718  C CB  . LEU A 1 95  ? 9.945   0.610   2.355   1.00 12.90 ? 511 LEU A CB  1 
ATOM   719  C CG  . LEU A 1 95  ? 8.466   1.034   2.237   1.00 13.27 ? 511 LEU A CG  1 
ATOM   720  C CD1 . LEU A 1 95  ? 8.251   1.969   0.990   1.00 8.58  ? 511 LEU A CD1 1 
ATOM   721  C CD2 . LEU A 1 95  ? 7.562   -0.240  2.253   1.00 13.15 ? 511 LEU A CD2 1 
ATOM   722  N N   . HIS A 1 96  ? 9.933   3.782   3.528   1.00 12.45 ? 512 HIS A N   1 
ATOM   723  C CA  . HIS A 1 96  ? 9.339   4.713   4.471   1.00 13.16 ? 512 HIS A CA  1 
ATOM   724  C C   . HIS A 1 96  ? 7.987   5.134   3.893   1.00 14.44 ? 512 HIS A C   1 
ATOM   725  O O   . HIS A 1 96  ? 7.923   5.581   2.726   1.00 14.84 ? 512 HIS A O   1 
ATOM   726  C CB  . HIS A 1 96  ? 10.180  5.964   4.633   1.00 13.56 ? 512 HIS A CB  1 
ATOM   727  C CG  . HIS A 1 96  ? 11.622  5.704   4.898   1.00 15.03 ? 512 HIS A CG  1 
ATOM   728  N ND1 . HIS A 1 96  ? 12.123  5.484   6.175   1.00 16.26 ? 512 HIS A ND1 1 
ATOM   729  C CD2 . HIS A 1 96  ? 12.680  5.650   4.052   1.00 13.81 ? 512 HIS A CD2 1 
ATOM   730  C CE1 . HIS A 1 96  ? 13.430  5.275   6.090   1.00 14.95 ? 512 HIS A CE1 1 
ATOM   731  N NE2 . HIS A 1 96  ? 13.790  5.365   4.816   1.00 15.80 ? 512 HIS A NE2 1 
ATOM   732  N N   . VAL A 1 97  ? 6.925   4.998   4.699   1.00 13.36 ? 513 VAL A N   1 
ATOM   733  C CA  . VAL A 1 97  ? 5.562   5.299   4.248   1.00 13.05 ? 513 VAL A CA  1 
ATOM   734  C C   . VAL A 1 97  ? 5.080   6.449   5.094   1.00 14.09 ? 513 VAL A C   1 
ATOM   735  O O   . VAL A 1 97  ? 5.215   6.432   6.311   1.00 14.23 ? 513 VAL A O   1 
ATOM   736  C CB  . VAL A 1 97  ? 4.613   4.070   4.419   1.00 14.66 ? 513 VAL A CB  1 
ATOM   737  C CG1 . VAL A 1 97  ? 3.147   4.435   4.079   1.00 13.25 ? 513 VAL A CG1 1 
ATOM   738  C CG2 . VAL A 1 97  ? 5.113   2.854   3.587   1.00 13.23 ? 513 VAL A CG2 1 
ATOM   739  N N   . SER A 1 98  ? 4.520   7.468   4.455   1.00 14.57 ? 514 SER A N   1 
ATOM   740  C CA  . SER A 1 98  ? 3.973   8.560   5.225   1.00 15.11 ? 514 SER A CA  1 
ATOM   741  C C   . SER A 1 98  ? 2.637   8.924   4.646   1.00 14.46 ? 514 SER A C   1 
ATOM   742  O O   . SER A 1 98  ? 2.321   8.551   3.504   1.00 13.48 ? 514 SER A O   1 
ATOM   743  C CB  . SER A 1 98  ? 4.939   9.747   5.253   1.00 16.51 ? 514 SER A CB  1 
ATOM   744  O OG  . SER A 1 98  ? 5.461   10.001  3.980   1.00 20.66 ? 514 SER A OG  1 
ATOM   745  N N   . ALA A 1 99  ? 1.829   9.613   5.441   1.00 14.75 ? 515 ALA A N   1 
ATOM   746  C CA  . ALA A 1 99  ? 0.501   10.064  4.960   1.00 14.65 ? 515 ALA A CA  1 
ATOM   747  C C   . ALA A 1 99  ? 0.210   11.407  5.610   1.00 15.17 ? 515 ALA A C   1 
ATOM   748  O O   . ALA A 1 99  ? 0.648   11.676  6.747   1.00 14.87 ? 515 ALA A O   1 
ATOM   749  C CB  . ALA A 1 99  ? -0.601  9.068   5.309   1.00 15.14 ? 515 ALA A CB  1 
ATOM   750  N N   . GLU A 1 100 ? -0.535  12.234  4.896   1.00 14.71 ? 516 GLU A N   1 
ATOM   751  C CA  A GLU A 1 100 ? -0.890  13.538  5.398   0.70 15.45 ? 516 GLU A CA  1 
ATOM   752  C CA  B GLU A 1 100 ? -0.882  13.547  5.385   0.30 14.86 ? 516 GLU A CA  1 
ATOM   753  C C   . GLU A 1 100 ? -2.256  13.934  4.881   1.00 14.81 ? 516 GLU A C   1 
ATOM   754  O O   . GLU A 1 100 ? -2.520  13.810  3.706   1.00 13.92 ? 516 GLU A O   1 
ATOM   755  C CB  A GLU A 1 100 ? 0.127   14.578  4.931   0.70 16.19 ? 516 GLU A CB  1 
ATOM   756  C CB  B GLU A 1 100 ? 0.148   14.554  4.886   0.30 15.09 ? 516 GLU A CB  1 
ATOM   757  C CG  A GLU A 1 100 ? -0.184  15.985  5.409   0.70 18.76 ? 516 GLU A CG  1 
ATOM   758  C CG  B GLU A 1 100 ? -0.272  15.999  4.995   0.30 15.24 ? 516 GLU A CG  1 
ATOM   759  C CD  A GLU A 1 100 ? 0.708   17.016  4.760   0.70 25.30 ? 516 GLU A CD  1 
ATOM   760  C CD  B GLU A 1 100 ? 0.820   16.914  4.531   0.30 17.59 ? 516 GLU A CD  1 
ATOM   761  O OE1 A GLU A 1 100 ? 1.598   16.623  3.952   0.70 26.83 ? 516 GLU A OE1 1 
ATOM   762  O OE1 B GLU A 1 100 ? 1.944   16.791  5.087   0.30 16.89 ? 516 GLU A OE1 1 
ATOM   763  O OE2 A GLU A 1 100 ? 0.514   18.218  5.051   0.70 24.01 ? 516 GLU A OE2 1 
ATOM   764  O OE2 B GLU A 1 100 ? 0.554   17.723  3.605   0.30 14.28 ? 516 GLU A OE2 1 
ATOM   765  N N   . ASP A 1 101 ? -3.098  14.407  5.786   1.00 15.05 ? 517 ASP A N   1 
ATOM   766  C CA  . ASP A 1 101 ? -4.381  14.991  5.406   1.00 16.50 ? 517 ASP A CA  1 
ATOM   767  C C   . ASP A 1 101 ? -4.048  16.387  4.867   1.00 16.26 ? 517 ASP A C   1 
ATOM   768  O O   . ASP A 1 101 ? -3.528  17.267  5.572   1.00 16.02 ? 517 ASP A O   1 
ATOM   769  C CB  . ASP A 1 101 ? -5.340  14.996  6.593   1.00 16.54 ? 517 ASP A CB  1 
ATOM   770  C CG  . ASP A 1 101 ? -6.688  15.705  6.283   1.00 18.98 ? 517 ASP A CG  1 
ATOM   771  O OD1 . ASP A 1 101 ? -6.809  16.386  5.258   1.00 20.58 ? 517 ASP A OD1 1 
ATOM   772  O OD2 . ASP A 1 101 ? -7.650  15.578  7.076   1.00 23.98 ? 517 ASP A OD2 1 
ATOM   773  N N   . LYS A 1 102 ? -4.294  16.585  3.577   1.00 17.93 ? 518 LYS A N   1 
ATOM   774  C CA  . LYS A 1 102 ? -3.889  17.852  2.928   1.00 18.34 ? 518 LYS A CA  1 
ATOM   775  C C   . LYS A 1 102 ? -4.624  19.041  3.529   1.00 18.15 ? 518 LYS A C   1 
ATOM   776  O O   . LYS A 1 102 ? -4.100  20.148  3.543   1.00 18.27 ? 518 LYS A O   1 
ATOM   777  C CB  . LYS A 1 102 ? -4.186  17.780  1.451   1.00 18.26 ? 518 LYS A CB  1 
ATOM   778  C CG  . LYS A 1 102 ? -3.251  16.853  0.684   1.00 20.07 ? 518 LYS A CG  1 
ATOM   779  C CD  . LYS A 1 102 ? -3.837  16.705  -0.742  1.00 25.54 ? 518 LYS A CD  1 
ATOM   780  C CE  . LYS A 1 102 ? -2.790  16.447  -1.788  1.00 26.59 ? 518 LYS A CE  1 
ATOM   781  N NZ  . LYS A 1 102 ? -3.409  16.570  -3.130  1.00 30.54 ? 518 LYS A NZ  1 
ATOM   782  N N   . GLY A 1 103 ? -5.844  18.796  4.002   1.00 18.02 ? 519 GLY A N   1 
ATOM   783  C CA  . GLY A 1 103 ? -6.690  19.820  4.656   1.00 18.13 ? 519 GLY A CA  1 
ATOM   784  C C   . GLY A 1 103 ? -6.240  20.371  6.019   1.00 17.30 ? 519 GLY A C   1 
ATOM   785  O O   . GLY A 1 103 ? -6.514  21.525  6.342   1.00 16.86 ? 519 GLY A O   1 
ATOM   786  N N   . THR A 1 104 ? -5.589  19.543  6.824   1.00 16.01 ? 520 THR A N   1 
ATOM   787  C CA  . THR A 1 104 ? -5.277  19.886  8.196   1.00 15.97 ? 520 THR A CA  1 
ATOM   788  C C   . THR A 1 104 ? -3.753  19.865  8.415   1.00 17.10 ? 520 THR A C   1 
ATOM   789  O O   . THR A 1 104 ? -3.272  20.416  9.387   1.00 17.87 ? 520 THR A O   1 
ATOM   790  C CB  . THR A 1 104 ? -5.886  18.852  9.178   1.00 15.36 ? 520 THR A CB  1 
ATOM   791  O OG1 . THR A 1 104 ? -5.334  17.549  8.928   1.00 15.35 ? 520 THR A OG1 1 
ATOM   792  C CG2 . THR A 1 104 ? -7.363  18.744  9.029   1.00 16.65 ? 520 THR A CG2 1 
ATOM   793  N N   . GLY A 1 105 ? -3.001  19.199  7.540   1.00 16.55 ? 521 GLY A N   1 
ATOM   794  C CA  . GLY A 1 105 ? -1.580  18.996  7.809   1.00 17.91 ? 521 GLY A CA  1 
ATOM   795  C C   . GLY A 1 105 ? -1.262  17.867  8.812   1.00 18.51 ? 521 GLY A C   1 
ATOM   796  O O   . GLY A 1 105 ? -0.080  17.600  9.090   1.00 19.30 ? 521 GLY A O   1 
ATOM   797  N N   . ASN A 1 106 ? -2.294  17.205  9.364   1.00 18.26 ? 522 ASN A N   1 
ATOM   798  C CA  . ASN A 1 106 ? -2.107  16.066  10.262  1.00 18.44 ? 522 ASN A CA  1 
ATOM   799  C C   . ASN A 1 106 ? -1.403  14.978  9.487   1.00 18.71 ? 522 ASN A C   1 
ATOM   800  O O   . ASN A 1 106 ? -1.780  14.687  8.319   1.00 18.08 ? 522 ASN A O   1 
ATOM   801  C CB  . ASN A 1 106 ? -3.447  15.510  10.798  1.00 17.69 ? 522 ASN A CB  1 
ATOM   802  C CG  . ASN A 1 106 ? -4.087  16.429  11.834  1.00 21.20 ? 522 ASN A CG  1 
ATOM   803  O OD1 . ASN A 1 106 ? -3.504  17.453  12.220  1.00 20.53 ? 522 ASN A OD1 1 
ATOM   804  N ND2 . ASN A 1 106 ? -5.288  16.077  12.285  1.00 19.93 ? 522 ASN A ND2 1 
ATOM   805  N N   . LYS A 1 107 ? -0.367  14.420  10.103  1.00 17.51 ? 523 LYS A N   1 
ATOM   806  C CA  . LYS A 1 107 ? 0.432   13.421  9.422   1.00 18.41 ? 523 LYS A CA  1 
ATOM   807  C C   . LYS A 1 107 ? 0.931   12.307  10.326  1.00 17.16 ? 523 LYS A C   1 
ATOM   808  O O   . LYS A 1 107 ? 0.880   12.395  11.559  1.00 17.61 ? 523 LYS A O   1 
ATOM   809  C CB  . LYS A 1 107 ? 1.552   14.055  8.572   1.00 18.77 ? 523 LYS A CB  1 
ATOM   810  C CG  . LYS A 1 107 ? 2.581   14.819  9.352   1.00 23.55 ? 523 LYS A CG  1 
ATOM   811  C CD  . LYS A 1 107 ? 3.215   15.947  8.490   1.00 27.18 ? 523 LYS A CD  1 
ATOM   812  C CE  . LYS A 1 107 ? 4.395   16.573  9.229   1.00 31.47 ? 523 LYS A CE  1 
ATOM   813  N NZ  . LYS A 1 107 ? 3.988   17.535  10.309  1.00 33.55 ? 523 LYS A NZ  1 
ATOM   814  N N   . ASN A 1 108 ? 1.355   11.219  9.702   1.00 16.22 ? 524 ASN A N   1 
ATOM   815  C CA  . ASN A 1 108 ? 1.987   10.127  10.422  1.00 15.47 ? 524 ASN A CA  1 
ATOM   816  C C   . ASN A 1 108 ? 2.884   9.394   9.430   1.00 15.39 ? 524 ASN A C   1 
ATOM   817  O O   . ASN A 1 108 ? 2.814   9.663   8.219   1.00 12.89 ? 524 ASN A O   1 
ATOM   818  C CB  . ASN A 1 108 ? 0.930   9.208   11.057  1.00 15.77 ? 524 ASN A CB  1 
ATOM   819  C CG  . ASN A 1 108 ? 1.459   8.433   12.298  1.00 17.59 ? 524 ASN A CG  1 
ATOM   820  O OD1 . ASN A 1 108 ? 2.630   8.536   12.672  1.00 15.33 ? 524 ASN A OD1 1 
ATOM   821  N ND2 . ASN A 1 108 ? 0.602   7.609   12.881  1.00 18.57 ? 524 ASN A ND2 1 
ATOM   822  N N   . LYS A 1 109 ? 3.720   8.493   9.942   1.00 15.46 ? 525 LYS A N   1 
ATOM   823  C CA  A LYS A 1 109 ? 4.723   7.816   9.130   0.60 16.09 ? 525 LYS A CA  1 
ATOM   824  C CA  B LYS A 1 109 ? 4.699   7.794   9.116   0.40 15.96 ? 525 LYS A CA  1 
ATOM   825  C C   . LYS A 1 109 ? 5.151   6.537   9.829   1.00 16.39 ? 525 LYS A C   1 
ATOM   826  O O   . LYS A 1 109 ? 4.976   6.406   11.065  1.00 16.52 ? 525 LYS A O   1 
ATOM   827  C CB  A LYS A 1 109 ? 5.949   8.726   8.940   0.60 15.91 ? 525 LYS A CB  1 
ATOM   828  C CB  B LYS A 1 109 ? 5.922   8.683   8.815   0.40 15.87 ? 525 LYS A CB  1 
ATOM   829  C CG  A LYS A 1 109 ? 6.334   9.476   10.232  0.60 16.89 ? 525 LYS A CG  1 
ATOM   830  C CG  B LYS A 1 109 ? 6.925   8.790   9.975   0.40 16.73 ? 525 LYS A CG  1 
ATOM   831  C CD  A LYS A 1 109 ? 7.632   10.280  10.137  0.60 17.72 ? 525 LYS A CD  1 
ATOM   832  C CD  B LYS A 1 109 ? 8.047   9.798   9.709   0.40 16.77 ? 525 LYS A CD  1 
ATOM   833  C CE  A LYS A 1 109 ? 8.087   10.772  11.545  0.60 18.77 ? 525 LYS A CE  1 
ATOM   834  C CE  B LYS A 1 109 ? 9.107   9.788   10.836  0.40 18.18 ? 525 LYS A CE  1 
ATOM   835  N NZ  A LYS A 1 109 ? 9.574   11.038  11.637  0.60 21.91 ? 525 LYS A NZ  1 
ATOM   836  N NZ  B LYS A 1 109 ? 10.446  10.342  10.396  0.40 19.32 ? 525 LYS A NZ  1 
ATOM   837  N N   . LEU A 1 110 ? 5.734   5.610   9.057   1.00 15.46 ? 526 LEU A N   1 
ATOM   838  C CA  . LEU A 1 110 ? 6.308   4.376   9.573   1.00 15.43 ? 526 LEU A CA  1 
ATOM   839  C C   . LEU A 1 110 ? 7.436   3.978   8.646   1.00 15.72 ? 526 LEU A C   1 
ATOM   840  O O   . LEU A 1 110 ? 7.294   4.040   7.419   1.00 15.88 ? 526 LEU A O   1 
ATOM   841  C CB  . LEU A 1 110 ? 5.270   3.254   9.615   1.00 15.45 ? 526 LEU A CB  1 
ATOM   842  C CG  . LEU A 1 110 ? 5.624   1.941   10.307  1.00 15.26 ? 526 LEU A CG  1 
ATOM   843  C CD1 . LEU A 1 110 ? 5.628   2.169   11.835  1.00 17.64 ? 526 LEU A CD1 1 
ATOM   844  C CD2 . LEU A 1 110 ? 4.593   0.862   9.942   1.00 15.69 ? 526 LEU A CD2 1 
ATOM   845  N N   . THR A 1 111 ? 8.552   3.573   9.235   1.00 16.00 ? 527 THR A N   1 
ATOM   846  C CA  . THR A 1 111 ? 9.678   3.014   8.472   1.00 15.41 ? 527 THR A CA  1 
ATOM   847  C C   . THR A 1 111 ? 9.627   1.514   8.570   1.00 16.74 ? 527 THR A C   1 
ATOM   848  O O   . THR A 1 111 ? 9.436   0.969   9.663   1.00 16.48 ? 527 THR A O   1 
ATOM   849  C CB  . THR A 1 111 ? 11.028  3.560   9.012   1.00 15.07 ? 527 THR A CB  1 
ATOM   850  O OG1 . THR A 1 111 ? 11.054  4.971   8.773   1.00 12.93 ? 527 THR A OG1 1 
ATOM   851  C CG2 . THR A 1 111 ? 12.232  2.909   8.306   1.00 12.87 ? 527 THR A CG2 1 
ATOM   852  N N   . ILE A 1 112 ? 9.720   0.844   7.419   1.00 17.15 ? 528 ILE A N   1 
ATOM   853  C CA  . ILE A 1 112 ? 9.672   -0.607  7.336   1.00 18.63 ? 528 ILE A CA  1 
ATOM   854  C C   . ILE A 1 112 ? 11.130  -1.047  7.214   1.00 19.63 ? 528 ILE A C   1 
ATOM   855  O O   . ILE A 1 112 ? 11.741  -0.869  6.176   1.00 19.15 ? 528 ILE A O   1 
ATOM   856  C CB  . ILE A 1 112 ? 8.877   -1.119  6.088   1.00 19.18 ? 528 ILE A CB  1 
ATOM   857  C CG1 . ILE A 1 112 ? 7.444   -0.561  6.018   1.00 21.33 ? 528 ILE A CG1 1 
ATOM   858  C CG2 . ILE A 1 112 ? 8.900   -2.655  6.007   1.00 19.33 ? 528 ILE A CG2 1 
ATOM   859  C CD1 . ILE A 1 112 ? 6.557   -0.930  7.211   1.00 19.93 ? 528 ILE A CD1 1 
ATOM   860  N N   . THR A 1 113 ? 11.685  -1.587  8.292   1.00 20.47 ? 529 THR A N   1 
ATOM   861  C CA  . THR A 1 113 ? 13.097  -1.957  8.308   1.00 22.87 ? 529 THR A CA  1 
ATOM   862  C C   . THR A 1 113 ? 13.207  -3.312  7.633   1.00 23.28 ? 529 THR A C   1 
ATOM   863  O O   . THR A 1 113 ? 12.209  -4.011  7.487   1.00 23.14 ? 529 THR A O   1 
ATOM   864  C CB  . THR A 1 113 ? 13.622  -2.083  9.763   1.00 23.45 ? 529 THR A CB  1 
ATOM   865  O OG1 . THR A 1 113 ? 12.883  -3.106  10.461  1.00 23.61 ? 529 THR A OG1 1 
ATOM   866  C CG2 . THR A 1 113 ? 13.453  -0.759  10.501  1.00 24.38 ? 529 THR A CG2 1 
ATOM   867  N N   . ASN A 1 114 ? 14.391  -3.692  7.190   1.00 23.80 ? 530 ASN A N   1 
ATOM   868  C CA  A ASN A 1 114 ? 14.572  -5.003  6.580   0.60 24.74 ? 530 ASN A CA  1 
ATOM   869  C CA  B ASN A 1 114 ? 14.505  -5.022  6.588   0.40 24.38 ? 530 ASN A CA  1 
ATOM   870  C C   . ASN A 1 114 ? 14.868  -6.078  7.636   1.00 24.57 ? 530 ASN A C   1 
ATOM   871  O O   . ASN A 1 114 ? 15.139  -7.231  7.311   1.00 24.69 ? 530 ASN A O   1 
ATOM   872  C CB  A ASN A 1 114 ? 15.681  -4.939  5.518   0.60 25.21 ? 530 ASN A CB  1 
ATOM   873  C CB  B ASN A 1 114 ? 15.479  -5.036  5.402   0.40 24.68 ? 530 ASN A CB  1 
ATOM   874  C CG  A ASN A 1 114 ? 15.276  -4.130  4.284   0.60 26.50 ? 530 ASN A CG  1 
ATOM   875  C CG  B ASN A 1 114 ? 15.263  -6.235  4.476   0.40 24.67 ? 530 ASN A CG  1 
ATOM   876  O OD1 A ASN A 1 114 ? 14.097  -3.834  4.081   0.60 28.05 ? 530 ASN A OD1 1 
ATOM   877  O OD1 B ASN A 1 114 ? 14.127  -6.635  4.199   0.40 25.40 ? 530 ASN A OD1 1 
ATOM   878  N ND2 A ASN A 1 114 ? 16.258  -3.791  3.443   0.60 25.75 ? 530 ASN A ND2 1 
ATOM   879  N ND2 B ASN A 1 114 ? 16.357  -6.813  4.001   0.40 25.24 ? 530 ASN A ND2 1 
ATOM   880  N N   . ASP A 1 115 ? 14.798  -5.674  8.900   1.00 23.94 ? 531 ASP A N   1 
ATOM   881  C CA  . ASP A 1 115 ? 15.356  -6.420  10.011  1.00 24.05 ? 531 ASP A CA  1 
ATOM   882  C C   . ASP A 1 115 ? 14.459  -7.450  10.680  1.00 24.41 ? 531 ASP A C   1 
ATOM   883  O O   . ASP A 1 115 ? 14.975  -8.436  11.251  1.00 23.39 ? 531 ASP A O   1 
ATOM   884  C CB  . ASP A 1 115 ? 15.777  -5.423  11.099  1.00 23.72 ? 531 ASP A CB  1 
ATOM   885  C CG  . ASP A 1 115 ? 16.794  -4.422  10.613  1.00 26.65 ? 531 ASP A CG  1 
ATOM   886  O OD1 . ASP A 1 115 ? 17.682  -4.833  9.821   1.00 28.38 ? 531 ASP A OD1 1 
ATOM   887  O OD2 . ASP A 1 115 ? 16.724  -3.241  11.046  1.00 26.47 ? 531 ASP A OD2 1 
ATOM   888  N N   . HIS A 1 116 ? 13.146  -7.182  10.722  1.00 22.60 ? 532 HIS A N   1 
ATOM   889  C CA  . HIS A 1 116 ? 12.264  -8.012  11.506  1.00 23.19 ? 532 HIS A CA  1 
ATOM   890  C C   . HIS A 1 116 ? 11.042  -8.416  10.737  1.00 23.30 ? 532 HIS A C   1 
ATOM   891  O O   . HIS A 1 116 ? 10.444  -7.603  10.019  1.00 23.45 ? 532 HIS A O   1 
ATOM   892  C CB  . HIS A 1 116 ? 11.856  -7.308  12.809  1.00 24.16 ? 532 HIS A CB  1 
ATOM   893  C CG  . HIS A 1 116 ? 13.019  -6.903  13.643  1.00 24.58 ? 532 HIS A CG  1 
ATOM   894  N ND1 . HIS A 1 116 ? 13.724  -7.803  14.408  1.00 26.83 ? 532 HIS A ND1 1 
ATOM   895  C CD2 . HIS A 1 116 ? 13.641  -5.710  13.786  1.00 24.18 ? 532 HIS A CD2 1 
ATOM   896  C CE1 . HIS A 1 116 ? 14.713  -7.175  15.015  1.00 26.89 ? 532 HIS A CE1 1 
ATOM   897  N NE2 . HIS A 1 116 ? 14.693  -5.908  14.639  1.00 28.06 ? 532 HIS A NE2 1 
ATOM   898  N N   . ASN A 1 117 ? 10.705  -9.695  10.880  1.00 23.44 ? 533 ASN A N   1 
ATOM   899  C CA  . ASN A 1 117 ? 9.443   -10.252 10.393  1.00 24.14 ? 533 ASN A CA  1 
ATOM   900  C C   . ASN A 1 117 ? 9.312   -10.094 8.868   1.00 24.12 ? 533 ASN A C   1 
ATOM   901  O O   . ASN A 1 117 ? 8.254   -9.752  8.346   1.00 23.53 ? 533 ASN A O   1 
ATOM   902  C CB  . ASN A 1 117 ? 8.253   -9.638  11.168  1.00 23.67 ? 533 ASN A CB  1 
ATOM   903  C CG  . ASN A 1 117 ? 8.375   -9.834  12.697  1.00 23.74 ? 533 ASN A CG  1 
ATOM   904  O OD1 . ASN A 1 117 ? 8.458   -8.842  13.480  1.00 22.74 ? 533 ASN A OD1 1 
ATOM   905  N ND2 . ASN A 1 117 ? 8.390   -11.104 13.132  1.00 19.13 ? 533 ASN A ND2 1 
ATOM   906  N N   . ARG A 1 118 ? 10.422  -10.333 8.175   1.00 24.29 ? 534 ARG A N   1 
ATOM   907  C CA  . ARG A 1 118 ? 10.466  -10.211 6.738   1.00 24.63 ? 534 ARG A CA  1 
ATOM   908  C C   . ARG A 1 118 ? 10.407  -11.591 6.103   1.00 24.59 ? 534 ARG A C   1 
ATOM   909  O O   . ARG A 1 118 ? 10.807  -12.610 6.733   1.00 23.84 ? 534 ARG A O   1 
ATOM   910  C CB  . ARG A 1 118 ? 11.741  -9.504  6.260   1.00 25.39 ? 534 ARG A CB  1 
ATOM   911  C CG  . ARG A 1 118 ? 11.868  -7.944  6.491   1.00 28.88 ? 534 ARG A CG  1 
ATOM   912  C CD  . ARG A 1 118 ? 10.621  -7.049  6.309   1.00 31.85 ? 534 ARG A CD  1 
ATOM   913  N NE  . ARG A 1 118 ? 10.182  -6.825  4.922   1.00 31.61 ? 534 ARG A NE  1 
ATOM   914  C CZ  . ARG A 1 118 ? 10.497  -5.756  4.168   1.00 34.67 ? 534 ARG A CZ  1 
ATOM   915  N NH1 . ARG A 1 118 ? 11.309  -4.809  4.639   1.00 35.19 ? 534 ARG A NH1 1 
ATOM   916  N NH2 . ARG A 1 118 ? 10.002  -5.634  2.919   1.00 31.32 ? 534 ARG A NH2 1 
ATOM   917  N N   . LEU A 1 119 ? 9.956   -11.603 4.845   1.00 23.50 ? 535 LEU A N   1 
ATOM   918  C CA  . LEU A 1 119 ? 9.897   -12.815 4.032   1.00 23.70 ? 535 LEU A CA  1 
ATOM   919  C C   . LEU A 1 119 ? 11.289  -13.228 3.543   1.00 23.85 ? 535 LEU A C   1 
ATOM   920  O O   . LEU A 1 119 ? 12.168  -12.377 3.303   1.00 23.80 ? 535 LEU A O   1 
ATOM   921  C CB  . LEU A 1 119 ? 9.035   -12.573 2.802   1.00 23.60 ? 535 LEU A CB  1 
ATOM   922  C CG  . LEU A 1 119 ? 7.609   -12.042 2.907   1.00 25.41 ? 535 LEU A CG  1 
ATOM   923  C CD1 . LEU A 1 119 ? 7.096   -11.747 1.499   1.00 24.34 ? 535 LEU A CD1 1 
ATOM   924  C CD2 . LEU A 1 119 ? 6.718   -13.063 3.591   1.00 26.27 ? 535 LEU A CD2 1 
ATOM   925  N N   . SER A 1 120 ? 11.470  -14.529 3.363   1.00 24.73 ? 536 SER A N   1 
ATOM   926  C CA  . SER A 1 120 ? 12.713  -15.052 2.829   1.00 24.86 ? 536 SER A CA  1 
ATOM   927  C C   . SER A 1 120 ? 12.719  -14.903 1.293   1.00 25.03 ? 536 SER A C   1 
ATOM   928  O O   . SER A 1 120 ? 11.665  -14.688 0.687   1.00 24.85 ? 536 SER A O   1 
ATOM   929  C CB  . SER A 1 120 ? 12.846  -16.514 3.226   1.00 24.44 ? 536 SER A CB  1 
ATOM   930  O OG  . SER A 1 120 ? 11.923  -17.271 2.485   1.00 25.72 ? 536 SER A OG  1 
ATOM   931  N N   . PRO A 1 121 ? 13.910  -14.990 0.665   1.00 25.08 ? 537 PRO A N   1 
ATOM   932  C CA  . PRO A 1 121 ? 13.995  -15.112 -0.792  1.00 25.37 ? 537 PRO A CA  1 
ATOM   933  C C   . PRO A 1 121 ? 13.053  -16.175 -1.393  1.00 25.01 ? 537 PRO A C   1 
ATOM   934  O O   . PRO A 1 121 ? 12.453  -15.943 -2.431  1.00 25.48 ? 537 PRO A O   1 
ATOM   935  C CB  . PRO A 1 121 ? 15.463  -15.496 -1.008  1.00 25.32 ? 537 PRO A CB  1 
ATOM   936  C CG  . PRO A 1 121 ? 16.155  -14.808 0.076   1.00 25.48 ? 537 PRO A CG  1 
ATOM   937  C CD  . PRO A 1 121 ? 15.249  -14.930 1.270   1.00 25.17 ? 537 PRO A CD  1 
ATOM   938  N N   . GLU A 1 122 ? 12.951  -17.329 -0.739  1.00 25.54 ? 538 GLU A N   1 
ATOM   939  C CA  A GLU A 1 122 ? 12.089  -18.399 -1.214  0.70 25.75 ? 538 GLU A CA  1 
ATOM   940  C CA  B GLU A 1 122 ? 12.066  -18.436 -1.143  0.30 25.31 ? 538 GLU A CA  1 
ATOM   941  C C   . GLU A 1 122 ? 10.590  -18.035 -1.130  1.00 25.35 ? 538 GLU A C   1 
ATOM   942  O O   . GLU A 1 122 ? 9.842   -18.344 -2.060  1.00 25.19 ? 538 GLU A O   1 
ATOM   943  C CB  A GLU A 1 122 ? 12.434  -19.731 -0.531  0.70 26.17 ? 538 GLU A CB  1 
ATOM   944  C CB  B GLU A 1 122 ? 12.255  -19.646 -0.220  0.30 25.37 ? 538 GLU A CB  1 
ATOM   945  C CG  A GLU A 1 122 ? 12.869  -19.632 0.944   0.70 28.73 ? 538 GLU A CG  1 
ATOM   946  C CG  B GLU A 1 122 ? 13.641  -20.299 -0.251  0.30 25.37 ? 538 GLU A CG  1 
ATOM   947  C CD  A GLU A 1 122 ? 14.365  -19.288 1.180   0.70 31.21 ? 538 GLU A CD  1 
ATOM   948  C CD  B GLU A 1 122 ? 13.870  -21.255 0.927   0.30 25.44 ? 538 GLU A CD  1 
ATOM   949  O OE1 A GLU A 1 122 ? 14.868  -18.251 0.679   0.70 30.83 ? 538 GLU A OE1 1 
ATOM   950  O OE1 B GLU A 1 122 ? 15.031  -21.362 1.389   0.30 26.04 ? 538 GLU A OE1 1 
ATOM   951  O OE2 A GLU A 1 122 ? 15.038  -20.052 1.915   0.70 33.32 ? 538 GLU A OE2 1 
ATOM   952  O OE2 B GLU A 1 122 ? 12.899  -21.890 1.399   0.30 24.77 ? 538 GLU A OE2 1 
ATOM   953  N N   . ASP A 1 123 ? 10.168  -17.372 -0.041  1.00 25.18 ? 539 ASP A N   1 
ATOM   954  C CA  . ASP A 1 123 ? 8.817   -16.807 0.086   1.00 24.61 ? 539 ASP A CA  1 
ATOM   955  C C   . ASP A 1 123 ? 8.562   -15.831 -1.051  1.00 24.47 ? 539 ASP A C   1 
ATOM   956  O O   . ASP A 1 123 ? 7.518   -15.879 -1.698  1.00 24.65 ? 539 ASP A O   1 
ATOM   957  C CB  . ASP A 1 123 ? 8.661   -16.014 1.381   1.00 25.34 ? 539 ASP A CB  1 
ATOM   958  C CG  . ASP A 1 123 ? 8.731   -16.876 2.638   1.00 26.96 ? 539 ASP A CG  1 
ATOM   959  O OD1 . ASP A 1 123 ? 8.414   -18.079 2.571   1.00 30.85 ? 539 ASP A OD1 1 
ATOM   960  O OD2 . ASP A 1 123 ? 9.100   -16.333 3.710   1.00 28.56 ? 539 ASP A OD2 1 
ATOM   961  N N   . ILE A 1 124 ? 9.507   -14.933 -1.296  1.00 24.48 ? 540 ILE A N   1 
ATOM   962  C CA  . ILE A 1 124 ? 9.340   -13.935 -2.357  1.00 25.29 ? 540 ILE A CA  1 
ATOM   963  C C   . ILE A 1 124 ? 9.197   -14.586 -3.725  1.00 25.99 ? 540 ILE A C   1 
ATOM   964  O O   . ILE A 1 124 ? 8.300   -14.225 -4.477  1.00 25.38 ? 540 ILE A O   1 
ATOM   965  C CB  . ILE A 1 124 ? 10.477  -12.891 -2.343  1.00 25.67 ? 540 ILE A CB  1 
ATOM   966  C CG1 . ILE A 1 124 ? 10.349  -12.022 -1.072  1.00 24.64 ? 540 ILE A CG1 1 
ATOM   967  C CG2 . ILE A 1 124 ? 10.493  -12.010 -3.664  1.00 25.73 ? 540 ILE A CG2 1 
ATOM   968  C CD1 . ILE A 1 124 ? 11.593  -11.275 -0.742  1.00 23.46 ? 540 ILE A CD1 1 
ATOM   969  N N   . GLU A 1 125 ? 10.071  -15.550 -4.036  1.00 27.40 ? 541 GLU A N   1 
ATOM   970  C CA  A GLU A 1 125 ? 10.013  -16.366 -5.253  0.60 28.29 ? 541 GLU A CA  1 
ATOM   971  C CA  B GLU A 1 125 ? 9.959   -16.276 -5.299  0.40 27.92 ? 541 GLU A CA  1 
ATOM   972  C C   . GLU A 1 125 ? 8.619   -16.996 -5.441  1.00 28.11 ? 541 GLU A C   1 
ATOM   973  O O   . GLU A 1 125 ? 8.049   -16.976 -6.522  1.00 28.86 ? 541 GLU A O   1 
ATOM   974  C CB  A GLU A 1 125 ? 11.097  -17.461 -5.144  0.60 27.89 ? 541 GLU A CB  1 
ATOM   975  C CB  B GLU A 1 125 ? 11.121  -17.253 -5.514  0.40 27.94 ? 541 GLU A CB  1 
ATOM   976  C CG  A GLU A 1 125 ? 11.434  -18.214 -6.424  0.60 29.92 ? 541 GLU A CG  1 
ATOM   977  C CG  B GLU A 1 125 ? 10.910  -18.214 -6.690  0.40 29.33 ? 541 GLU A CG  1 
ATOM   978  C CD  A GLU A 1 125 ? 12.561  -19.266 -6.259  0.60 29.62 ? 541 GLU A CD  1 
ATOM   979  C CD  B GLU A 1 125 ? 11.114  -17.576 -8.061  0.40 30.38 ? 541 GLU A CD  1 
ATOM   980  O OE1 A GLU A 1 125 ? 12.913  -19.644 -5.108  0.60 30.36 ? 541 GLU A OE1 1 
ATOM   981  O OE1 B GLU A 1 125 ? 12.069  -17.995 -8.748  0.40 29.95 ? 541 GLU A OE1 1 
ATOM   982  O OE2 A GLU A 1 125 ? 13.090  -19.717 -7.304  0.60 31.05 ? 541 GLU A OE2 1 
ATOM   983  O OE2 B GLU A 1 125 ? 10.335  -16.668 -8.456  0.40 31.02 ? 541 GLU A OE2 1 
ATOM   984  N N   . ARG A 1 126 ? 8.102   -17.591 -4.364  1.00 27.70 ? 542 ARG A N   1 
ATOM   985  C CA  A ARG A 1 126 ? 6.830   -18.313 -4.405  0.60 27.95 ? 542 ARG A CA  1 
ATOM   986  C CA  B ARG A 1 126 ? 6.832   -18.315 -4.407  0.40 27.64 ? 542 ARG A CA  1 
ATOM   987  C C   . ARG A 1 126 ? 5.668   -17.371 -4.675  1.00 27.88 ? 542 ARG A C   1 
ATOM   988  O O   . ARG A 1 126 ? 4.764   -17.691 -5.463  1.00 27.92 ? 542 ARG A O   1 
ATOM   989  C CB  A ARG A 1 126 ? 6.610   -19.071 -3.094  0.60 27.95 ? 542 ARG A CB  1 
ATOM   990  C CB  B ARG A 1 126 ? 6.609   -19.087 -3.102  0.40 27.55 ? 542 ARG A CB  1 
ATOM   991  C CG  A ARG A 1 126 ? 5.335   -19.886 -3.002  0.60 28.70 ? 542 ARG A CG  1 
ATOM   992  C CG  B ARG A 1 126 ? 5.215   -19.662 -2.913  0.40 27.12 ? 542 ARG A CG  1 
ATOM   993  C CD  A ARG A 1 126 ? 5.100   -20.343 -1.569  0.60 30.80 ? 542 ARG A CD  1 
ATOM   994  C CD  B ARG A 1 126 ? 5.024   -20.183 -1.495  0.40 27.36 ? 542 ARG A CD  1 
ATOM   995  N NE  A ARG A 1 126 ? 5.006   -19.204 -0.652  0.60 32.29 ? 542 ARG A NE  1 
ATOM   996  N NE  B ARG A 1 126 ? 5.368   -19.186 -0.478  0.40 26.09 ? 542 ARG A NE  1 
ATOM   997  C CZ  A ARG A 1 126 ? 5.818   -18.979 0.380   0.60 32.73 ? 542 ARG A CZ  1 
ATOM   998  C CZ  B ARG A 1 126 ? 4.556   -18.217 -0.057  0.40 25.66 ? 542 ARG A CZ  1 
ATOM   999  N NH1 A ARG A 1 126 ? 6.801   -19.827 0.671   0.60 34.07 ? 542 ARG A NH1 1 
ATOM   1000 N NH1 B ARG A 1 126 ? 3.336   -18.092 -0.568  0.40 25.11 ? 542 ARG A NH1 1 
ATOM   1001 N NH2 A ARG A 1 126 ? 5.636   -17.900 1.139   0.60 32.96 ? 542 ARG A NH2 1 
ATOM   1002 N NH2 B ARG A 1 126 ? 4.968   -17.365 0.876   0.40 24.92 ? 542 ARG A NH2 1 
ATOM   1003 N N   . MET A 1 127 ? 5.693   -16.210 -4.021  1.00 27.14 ? 543 MET A N   1 
ATOM   1004 C CA  . MET A 1 127 ? 4.672   -15.201 -4.184  1.00 26.89 ? 543 MET A CA  1 
ATOM   1005 C C   . MET A 1 127 ? 4.596   -14.616 -5.601  1.00 28.38 ? 543 MET A C   1 
ATOM   1006 O O   . MET A 1 127 ? 3.507   -14.278 -6.073  1.00 28.47 ? 543 MET A O   1 
ATOM   1007 C CB  . MET A 1 127 ? 4.862   -14.067 -3.170  1.00 26.28 ? 543 MET A CB  1 
ATOM   1008 C CG  . MET A 1 127 ? 4.489   -14.459 -1.768  1.00 24.79 ? 543 MET A CG  1 
ATOM   1009 S SD  . MET A 1 127 ? 4.918   -13.264 -0.502  1.00 24.69 ? 543 MET A SD  1 
ATOM   1010 C CE  . MET A 1 127 ? 3.640   -12.034 -0.777  1.00 23.64 ? 543 MET A CE  1 
ATOM   1011 N N   . ILE A 1 128 ? 5.741   -14.444 -6.240  1.00 29.09 ? 544 ILE A N   1 
ATOM   1012 C CA  . ILE A 1 128 ? 5.776   -14.029 -7.642  1.00 31.35 ? 544 ILE A CA  1 
ATOM   1013 C C   . ILE A 1 128 ? 5.219   -15.165 -8.495  1.00 32.94 ? 544 ILE A C   1 
ATOM   1014 O O   . ILE A 1 128 ? 4.321   -14.948 -9.305  1.00 35.20 ? 544 ILE A O   1 
ATOM   1015 C CB  . ILE A 1 128 ? 7.191   -13.666 -8.112  1.00 30.84 ? 544 ILE A CB  1 
ATOM   1016 C CG1 . ILE A 1 128 ? 7.726   -12.484 -7.308  1.00 30.70 ? 544 ILE A CG1 1 
ATOM   1017 C CG2 . ILE A 1 128 ? 7.194   -13.311 -9.623  1.00 30.63 ? 544 ILE A CG2 1 
ATOM   1018 C CD1 . ILE A 1 128 ? 9.219   -12.447 -7.232  1.00 29.90 ? 544 ILE A CD1 1 
ATOM   1019 N N   . ASN A 1 129 ? 5.721   -16.377 -8.298  1.00 34.29 ? 545 ASN A N   1 
ATOM   1020 C CA  . ASN A 1 129 ? 5.185   -17.531 -9.022  1.00 36.12 ? 545 ASN A CA  1 
ATOM   1021 C C   . ASN A 1 129 ? 3.671   -17.660 -8.862  1.00 36.43 ? 545 ASN A C   1 
ATOM   1022 O O   . ASN A 1 129 ? 2.984   -18.074 -9.784  1.00 37.64 ? 545 ASN A O   1 
ATOM   1023 C CB  . ASN A 1 129 ? 5.862   -18.825 -8.557  1.00 36.18 ? 545 ASN A CB  1 
ATOM   1024 C CG  . ASN A 1 129 ? 7.344   -18.884 -8.909  1.00 38.83 ? 545 ASN A CG  1 
ATOM   1025 O OD1 . ASN A 1 129 ? 7.857   -18.087 -9.717  1.00 41.73 ? 545 ASN A OD1 1 
ATOM   1026 N ND2 . ASN A 1 129 ? 8.048   -19.838 -8.298  1.00 38.78 ? 545 ASN A ND2 1 
ATOM   1027 N N   . ASP A 1 130 ? 3.160   -17.306 -7.687  1.00 37.03 ? 546 ASP A N   1 
ATOM   1028 C CA  . ASP A 1 130 ? 1.723   -17.379 -7.386  1.00 37.87 ? 546 ASP A CA  1 
ATOM   1029 C C   . ASP A 1 130 ? 0.852   -16.488 -8.249  1.00 38.38 ? 546 ASP A C   1 
ATOM   1030 O O   . ASP A 1 130 ? -0.293  -16.836 -8.567  1.00 37.71 ? 546 ASP A O   1 
ATOM   1031 C CB  . ASP A 1 130 ? 1.458   -17.013 -5.934  1.00 37.60 ? 546 ASP A CB  1 
ATOM   1032 C CG  . ASP A 1 130 ? 1.289   -18.221 -5.048  1.00 38.30 ? 546 ASP A CG  1 
ATOM   1033 O OD1 . ASP A 1 130 ? 1.579   -19.356 -5.490  1.00 36.37 ? 546 ASP A OD1 1 
ATOM   1034 O OD2 . ASP A 1 130 ? 0.860   -18.030 -3.892  1.00 39.54 ? 546 ASP A OD2 1 
ATOM   1035 N N   . ALA A 1 131 ? 1.408   -15.346 -8.632  1.00 39.13 ? 547 ALA A N   1 
ATOM   1036 C CA  . ALA A 1 131 ? 0.665   -14.371 -9.397  1.00 39.96 ? 547 ALA A CA  1 
ATOM   1037 C C   . ALA A 1 131 ? 0.557   -14.754 -10.862 1.00 40.67 ? 547 ALA A C   1 
ATOM   1038 O O   . ALA A 1 131 ? -0.414  -14.349 -11.501 1.00 40.96 ? 547 ALA A O   1 
ATOM   1039 C CB  . ALA A 1 131 ? 1.251   -12.987 -9.235  1.00 39.86 ? 547 ALA A CB  1 
ATOM   1040 N N   . ASP A 1 132 ? 1.539   -15.498 -11.392 1.00 41.33 ? 548 ASP A N   1 
ATOM   1041 C CA  A ASP A 1 132 ? 1.459   -16.077 -12.741 0.60 42.05 ? 548 ASP A CA  1 
ATOM   1042 C CA  B ASP A 1 132 ? 1.407   -16.038 -12.742 0.40 41.49 ? 548 ASP A CA  1 
ATOM   1043 C C   . ASP A 1 132 ? 0.458   -17.234 -12.726 1.00 41.63 ? 548 ASP A C   1 
ATOM   1044 O O   . ASP A 1 132 ? -0.355  -17.388 -13.638 1.00 41.23 ? 548 ASP A O   1 
ATOM   1045 C CB  A ASP A 1 132 ? 2.809   -16.629 -13.242 0.60 42.75 ? 548 ASP A CB  1 
ATOM   1046 C CB  B ASP A 1 132 ? 2.759   -16.419 -13.354 0.40 41.74 ? 548 ASP A CB  1 
ATOM   1047 C CG  A ASP A 1 132 ? 4.025   -15.871 -12.713 0.60 44.59 ? 548 ASP A CG  1 
ATOM   1048 C CG  B ASP A 1 132 ? 2.622   -17.025 -14.745 0.40 41.58 ? 548 ASP A CG  1 
ATOM   1049 O OD1 A ASP A 1 132 ? 3.913   -14.700 -12.283 0.60 45.49 ? 548 ASP A OD1 1 
ATOM   1050 O OD1 B ASP A 1 132 ? 2.092   -16.352 -15.659 0.40 42.14 ? 548 ASP A OD1 1 
ATOM   1051 O OD2 A ASP A 1 132 ? 5.122   -16.475 -12.746 0.60 47.57 ? 548 ASP A OD2 1 
ATOM   1052 O OD2 B ASP A 1 132 ? 3.048   -18.183 -14.922 0.40 41.97 ? 548 ASP A OD2 1 
ATOM   1053 N N   . LYS A 1 133 ? 0.551   -18.048 -11.676 1.00 41.03 ? 549 LYS A N   1 
ATOM   1054 C CA  . LYS A 1 133 ? -0.280  -19.220 -11.476 1.00 40.34 ? 549 LYS A CA  1 
ATOM   1055 C C   . LYS A 1 133 ? -1.772  -18.891 -11.449 1.00 40.44 ? 549 LYS A C   1 
ATOM   1056 O O   . LYS A 1 133 ? -2.584  -19.625 -12.013 1.00 39.66 ? 549 LYS A O   1 
ATOM   1057 C CB  . LYS A 1 133 ? 0.131   -19.893 -10.177 1.00 40.33 ? 549 LYS A CB  1 
ATOM   1058 C CG  . LYS A 1 133 ? -0.509  -21.242 -9.955  1.00 41.45 ? 549 LYS A CG  1 
ATOM   1059 C CD  . LYS A 1 133 ? -0.059  -21.871 -8.655  1.00 41.08 ? 549 LYS A CD  1 
ATOM   1060 C CE  . LYS A 1 133 ? -0.979  -23.007 -8.288  1.00 41.39 ? 549 LYS A CE  1 
ATOM   1061 N NZ  . LYS A 1 133 ? -0.710  -23.470 -6.894  1.00 43.29 ? 549 LYS A NZ  1 
ATOM   1062 N N   . PHE A 1 134 ? -2.121  -17.792 -10.772 1.00 40.78 ? 550 PHE A N   1 
ATOM   1063 C CA  . PHE A 1 134 ? -3.504  -17.346 -10.633 1.00 40.78 ? 550 PHE A CA  1 
ATOM   1064 C C   . PHE A 1 134 ? -3.802  -16.102 -11.485 1.00 41.17 ? 550 PHE A C   1 
ATOM   1065 O O   . PHE A 1 134 ? -4.766  -15.383 -11.226 1.00 40.74 ? 550 PHE A O   1 
ATOM   1066 C CB  . PHE A 1 134 ? -3.837  -17.097 -9.152  1.00 41.04 ? 550 PHE A CB  1 
ATOM   1067 C CG  . PHE A 1 134 ? -3.683  -18.319 -8.287  1.00 40.38 ? 550 PHE A CG  1 
ATOM   1068 C CD1 . PHE A 1 134 ? -4.509  -19.417 -8.466  1.00 41.02 ? 550 PHE A CD1 1 
ATOM   1069 C CD2 . PHE A 1 134 ? -2.698  -18.375 -7.307  1.00 40.83 ? 550 PHE A CD2 1 
ATOM   1070 C CE1 . PHE A 1 134 ? -4.351  -20.569 -7.686  1.00 41.06 ? 550 PHE A CE1 1 
ATOM   1071 C CE2 . PHE A 1 134 ? -2.527  -19.502 -6.522  1.00 39.81 ? 550 PHE A CE2 1 
ATOM   1072 C CZ  . PHE A 1 134 ? -3.356  -20.606 -6.710  1.00 41.20 ? 550 PHE A CZ  1 
ATOM   1073 N N   . ALA A 1 135 ? -2.971  -15.855 -12.495 1.00 41.76 ? 551 ALA A N   1 
ATOM   1074 C CA  . ALA A 1 135 ? -3.160  -14.710 -13.388 1.00 42.55 ? 551 ALA A CA  1 
ATOM   1075 C C   . ALA A 1 135 ? -4.635  -14.523 -13.760 1.00 42.99 ? 551 ALA A C   1 
ATOM   1076 O O   . ALA A 1 135 ? -5.193  -13.453 -13.515 1.00 43.33 ? 551 ALA A O   1 
ATOM   1077 C CB  . ALA A 1 135 ? -2.289  -14.840 -14.656 1.00 42.60 ? 551 ALA A CB  1 
ATOM   1078 N N   . ALA A 1 136 ? -5.258  -15.565 -14.325 1.00 43.13 ? 552 ALA A N   1 
ATOM   1079 C CA  . ALA A 1 136 ? -6.665  -15.527 -14.754 1.00 43.49 ? 552 ALA A CA  1 
ATOM   1080 C C   . ALA A 1 136 ? -7.664  -15.282 -13.617 1.00 43.79 ? 552 ALA A C   1 
ATOM   1081 O O   . ALA A 1 136 ? -8.587  -14.475 -13.785 1.00 43.62 ? 552 ALA A O   1 
ATOM   1082 C CB  . ALA A 1 136 ? -7.047  -16.792 -15.569 1.00 42.91 ? 552 ALA A CB  1 
ATOM   1083 N N   . ASP A 1 137 ? -7.499  -15.961 -12.475 1.00 44.23 ? 553 ASP A N   1 
ATOM   1084 C CA  . ASP A 1 137 ? -8.306  -15.623 -11.290 1.00 45.25 ? 553 ASP A CA  1 
ATOM   1085 C C   . ASP A 1 137 ? -8.091  -14.150 -10.865 1.00 45.43 ? 553 ASP A C   1 
ATOM   1086 O O   . ASP A 1 137 ? -9.055  -13.429 -10.606 1.00 45.65 ? 553 ASP A O   1 
ATOM   1087 C CB  . ASP A 1 137 ? -8.000  -16.531 -10.097 1.00 45.10 ? 553 ASP A CB  1 
ATOM   1088 C CG  . ASP A 1 137 ? -8.156  -17.983 -10.404 1.00 46.47 ? 553 ASP A CG  1 
ATOM   1089 O OD1 . ASP A 1 137 ? -8.539  -18.721 -9.472  1.00 47.54 ? 553 ASP A OD1 1 
ATOM   1090 O OD2 . ASP A 1 137 ? -7.886  -18.402 -11.554 1.00 47.99 ? 553 ASP A OD2 1 
ATOM   1091 N N   . ASP A 1 138 ? -6.829  -13.720 -10.807 1.00 45.88 ? 554 ASP A N   1 
ATOM   1092 C CA  . ASP A 1 138 ? -6.476  -12.353 -10.398 1.00 46.43 ? 554 ASP A CA  1 
ATOM   1093 C C   . ASP A 1 138 ? -6.916  -11.257 -11.401 1.00 47.22 ? 554 ASP A C   1 
ATOM   1094 O O   . ASP A 1 138 ? -7.544  -10.280 -10.983 1.00 47.26 ? 554 ASP A O   1 
ATOM   1095 C CB  . ASP A 1 138 ? -4.972  -12.223 -10.157 1.00 45.71 ? 554 ASP A CB  1 
ATOM   1096 C CG  . ASP A 1 138 ? -4.466  -13.049 -8.976  1.00 44.33 ? 554 ASP A CG  1 
ATOM   1097 O OD1 . ASP A 1 138 ? -5.243  -13.674 -8.216  1.00 41.15 ? 554 ASP A OD1 1 
ATOM   1098 O OD2 . ASP A 1 138 ? -3.235  -13.046 -8.814  1.00 43.49 ? 554 ASP A OD2 1 
ATOM   1099 N N   . GLN A 1 139 ? -6.566  -11.411 -12.694 1.00 47.63 ? 555 GLN A N   1 
ATOM   1100 C CA  . GLN A 1 139 ? -6.865  -10.406 -13.756 1.00 47.73 ? 555 GLN A CA  1 
ATOM   1101 C C   . GLN A 1 139 ? -8.372  -10.201 -13.850 1.00 47.98 ? 555 GLN A C   1 
ATOM   1102 O O   . GLN A 1 139 ? -8.848  -9.083  -14.089 1.00 47.80 ? 555 GLN A O   1 
ATOM   1103 C CB  . GLN A 1 139 ? -6.286  -10.820 -15.133 1.00 47.88 ? 555 GLN A CB  1 
ATOM   1104 C CG  . GLN A 1 139 ? -6.451  -9.776  -16.297 1.00 47.85 ? 555 GLN A CG  1 
ATOM   1105 C CD  . GLN A 1 139 ? -5.818  -10.221 -17.649 1.00 47.92 ? 555 GLN A CD  1 
ATOM   1106 O OE1 . GLN A 1 139 ? -4.845  -10.980 -17.680 1.00 48.21 ? 555 GLN A OE1 1 
ATOM   1107 N NE2 . GLN A 1 139 ? -6.373  -9.732  -18.760 1.00 47.14 ? 555 GLN A NE2 1 
ATOM   1108 N N   . ALA A 1 140 ? -9.098  -11.300 -13.647 1.00 48.12 ? 556 ALA A N   1 
ATOM   1109 C CA  . ALA A 1 140 ? -10.544 -11.288 -13.504 1.00 48.37 ? 556 ALA A CA  1 
ATOM   1110 C C   . ALA A 1 140 ? -10.964 -10.496 -12.273 1.00 48.35 ? 556 ALA A C   1 
ATOM   1111 O O   . ALA A 1 140 ? -11.695 -9.517  -12.389 1.00 48.65 ? 556 ALA A O   1 
ATOM   1112 C CB  . ALA A 1 140 ? -11.095 -12.712 -13.428 1.00 48.23 ? 556 ALA A CB  1 
ATOM   1113 N N   . GLN A 1 141 ? -10.496 -10.913 -11.099 1.00 48.50 ? 557 GLN A N   1 
ATOM   1114 C CA  . GLN A 1 141 ? -10.996 -10.329 -9.855  1.00 48.29 ? 557 GLN A CA  1 
ATOM   1115 C C   . GLN A 1 141 ? -10.620 -8.869  -9.655  1.00 47.85 ? 557 GLN A C   1 
ATOM   1116 O O   . GLN A 1 141 ? -11.381 -8.115  -9.062  1.00 47.54 ? 557 GLN A O   1 
ATOM   1117 C CB  . GLN A 1 141 ? -10.590 -11.146 -8.644  1.00 48.40 ? 557 GLN A CB  1 
ATOM   1118 C CG  . GLN A 1 141 ? -11.781 -11.379 -7.773  1.00 49.14 ? 557 GLN A CG  1 
ATOM   1119 C CD  . GLN A 1 141 ? -11.480 -11.111 -6.342  1.00 50.34 ? 557 GLN A CD  1 
ATOM   1120 O OE1 . GLN A 1 141 ? -10.498 -11.621 -5.810  1.00 51.16 ? 557 GLN A OE1 1 
ATOM   1121 N NE2 . GLN A 1 141 ? -12.324 -10.306 -5.692  1.00 50.54 ? 557 GLN A NE2 1 
ATOM   1122 N N   . LYS A 1 142 ? -9.437  -8.504  -10.150 1.00 47.80 ? 558 LYS A N   1 
ATOM   1123 C CA  . LYS A 1 142 ? -8.972  -7.124  -10.232 1.00 47.68 ? 558 LYS A CA  1 
ATOM   1124 C C   . LYS A 1 142 ? -9.949  -6.289  -11.065 1.00 48.06 ? 558 LYS A C   1 
ATOM   1125 O O   . LYS A 1 142 ? -10.249 -5.141  -10.716 1.00 48.07 ? 558 LYS A O   1 
ATOM   1126 C CB  . LYS A 1 142 ? -7.569  -7.079  -10.844 1.00 47.49 ? 558 LYS A CB  1 
ATOM   1127 C CG  . LYS A 1 142 ? -6.976  -5.696  -10.948 1.00 46.64 ? 558 LYS A CG  1 
ATOM   1128 C CD  . LYS A 1 142 ? -5.640  -5.708  -11.662 1.00 46.42 ? 558 LYS A CD  1 
ATOM   1129 C CE  . LYS A 1 142 ? -5.091  -4.286  -11.783 1.00 47.34 ? 558 LYS A CE  1 
ATOM   1130 N NZ  . LYS A 1 142 ? -3.660  -4.277  -12.199 1.00 46.74 ? 558 LYS A NZ  1 
ATOM   1131 N N   . GLU A 1 143 ? -10.449 -6.874  -12.156 1.00 47.91 ? 559 GLU A N   1 
ATOM   1132 C CA  . GLU A 1 143 ? -11.480 -6.227  -12.968 1.00 47.65 ? 559 GLU A CA  1 
ATOM   1133 C C   . GLU A 1 143 ? -12.903 -6.285  -12.350 1.00 47.42 ? 559 GLU A C   1 
ATOM   1134 O O   . GLU A 1 143 ? -13.767 -5.475  -12.728 1.00 47.69 ? 559 GLU A O   1 
ATOM   1135 C CB  . GLU A 1 143 ? -11.454 -6.752  -14.417 1.00 47.76 ? 559 GLU A CB  1 
ATOM   1136 C CG  . GLU A 1 143 ? -10.221 -6.283  -15.230 1.00 47.82 ? 559 GLU A CG  1 
ATOM   1137 C CD  . GLU A 1 143 ? -10.133 -6.911  -16.630 1.00 47.63 ? 559 GLU A CD  1 
ATOM   1138 O OE1 . GLU A 1 143 ? -11.181 -7.042  -17.300 1.00 47.72 ? 559 GLU A OE1 1 
ATOM   1139 O OE2 . GLU A 1 143 ? -9.013  -7.271  -17.069 1.00 46.97 ? 559 GLU A OE2 1 
ATOM   1140 N N   . LYS A 1 144 ? -13.152 -7.208  -11.408 1.00 46.49 ? 560 LYS A N   1 
ATOM   1141 C CA  . LYS A 1 144 ? -14.425 -7.209  -10.655 1.00 45.50 ? 560 LYS A CA  1 
ATOM   1142 C C   . LYS A 1 144 ? -14.513 -6.137  -9.573  1.00 45.20 ? 560 LYS A C   1 
ATOM   1143 O O   . LYS A 1 144 ? -15.503 -5.399  -9.530  1.00 45.74 ? 560 LYS A O   1 
ATOM   1144 C CB  . LYS A 1 144 ? -14.722 -8.546  -9.977  1.00 45.59 ? 560 LYS A CB  1 
ATOM   1145 C CG  . LYS A 1 144 ? -15.860 -8.428  -8.926  1.00 44.31 ? 560 LYS A CG  1 
ATOM   1146 C CD  . LYS A 1 144 ? -15.957 -9.630  -8.016  1.00 43.17 ? 560 LYS A CD  1 
ATOM   1147 C CE  . LYS A 1 144 ? -16.497 -10.824 -8.758  1.00 41.94 ? 560 LYS A CE  1 
ATOM   1148 N NZ  . LYS A 1 144 ? -15.947 -12.084 -8.228  1.00 42.65 ? 560 LYS A NZ  1 
ATOM   1149 N N   . VAL A 1 145 ? -13.513 -6.081  -8.684  1.00 43.81 ? 561 VAL A N   1 
ATOM   1150 C CA  . VAL A 1 145 ? -13.606 -5.245  -7.472  1.00 42.71 ? 561 VAL A CA  1 
ATOM   1151 C C   . VAL A 1 145 ? -13.723 -3.760  -7.789  1.00 41.56 ? 561 VAL A C   1 
ATOM   1152 O O   . VAL A 1 145 ? -13.266 -3.306  -8.840  1.00 41.63 ? 561 VAL A O   1 
ATOM   1153 C CB  . VAL A 1 145 ? -12.439 -5.495  -6.453  1.00 42.67 ? 561 VAL A CB  1 
ATOM   1154 C CG1 . VAL A 1 145 ? -12.491 -6.918  -5.939  1.00 43.42 ? 561 VAL A CG1 1 
ATOM   1155 C CG2 . VAL A 1 145 ? -11.055 -5.176  -7.056  1.00 42.07 ? 561 VAL A CG2 1 
ATOM   1156 N N   . GLU A 1 146 ? -14.380 -3.018  -6.901  1.00 40.72 ? 562 GLU A N   1 
ATOM   1157 C CA  A GLU A 1 146 ? -14.441 -1.564  -7.028  0.60 39.96 ? 562 GLU A CA  1 
ATOM   1158 C CA  B GLU A 1 146 ? -14.442 -1.563  -7.020  0.40 39.82 ? 562 GLU A CA  1 
ATOM   1159 C C   . GLU A 1 146 ? -13.194 -0.974  -6.372  1.00 39.28 ? 562 GLU A C   1 
ATOM   1160 O O   . GLU A 1 146 ? -13.083 -0.924  -5.142  1.00 39.66 ? 562 GLU A O   1 
ATOM   1161 C CB  A GLU A 1 146 ? -15.737 -1.003  -6.426  0.60 40.06 ? 562 GLU A CB  1 
ATOM   1162 C CB  B GLU A 1 146 ? -15.709 -1.001  -6.368  0.40 39.84 ? 562 GLU A CB  1 
ATOM   1163 C CG  A GLU A 1 146 ? -16.886 -0.899  -7.433  0.60 40.08 ? 562 GLU A CG  1 
ATOM   1164 C CG  B GLU A 1 146 ? -15.881 0.501   -6.561  0.40 39.24 ? 562 GLU A CG  1 
ATOM   1165 C CD  A GLU A 1 146 ? -18.112 -1.700  -7.018  0.60 39.92 ? 562 GLU A CD  1 
ATOM   1166 C CD  B GLU A 1 146 ? -16.959 1.092   -5.674  0.40 38.93 ? 562 GLU A CD  1 
ATOM   1167 O OE1 A GLU A 1 146 ? -19.187 -1.096  -6.801  0.60 39.86 ? 562 GLU A OE1 1 
ATOM   1168 O OE1 B GLU A 1 146 ? -17.651 2.024   -6.136  0.40 38.93 ? 562 GLU A OE1 1 
ATOM   1169 O OE2 A GLU A 1 146 ? -17.996 -2.938  -6.914  0.60 39.22 ? 562 GLU A OE2 1 
ATOM   1170 O OE2 B GLU A 1 146 ? -17.114 0.635   -4.520  0.40 38.45 ? 562 GLU A OE2 1 
ATOM   1171 N N   . SER A 1 147 ? -12.252 -0.549  -7.210  1.00 37.76 ? 563 SER A N   1 
ATOM   1172 C CA  . SER A 1 147 ? -10.976 -0.026  -6.749  1.00 35.59 ? 563 SER A CA  1 
ATOM   1173 C C   . SER A 1 147 ? -10.966 1.509   -6.766  1.00 34.09 ? 563 SER A C   1 
ATOM   1174 O O   . SER A 1 147 ? -10.309 2.144   -7.595  1.00 34.41 ? 563 SER A O   1 
ATOM   1175 C CB  . SER A 1 147 ? -9.834  -0.606  -7.586  1.00 35.67 ? 563 SER A CB  1 
ATOM   1176 O OG  . SER A 1 147 ? -9.876  -2.021  -7.574  1.00 36.07 ? 563 SER A OG  1 
ATOM   1177 N N   . ARG A 1 148 ? -11.735 2.090   -5.859  1.00 31.63 ? 564 ARG A N   1 
ATOM   1178 C CA  . ARG A 1 148 ? -11.680 3.514   -5.600  1.00 29.36 ? 564 ARG A CA  1 
ATOM   1179 C C   . ARG A 1 148 ? -10.722 3.687   -4.450  1.00 27.11 ? 564 ARG A C   1 
ATOM   1180 O O   . ARG A 1 148 ? -10.691 2.846   -3.522  1.00 26.34 ? 564 ARG A O   1 
ATOM   1181 C CB  . ARG A 1 148 ? -13.054 4.063   -5.216  1.00 30.08 ? 564 ARG A CB  1 
ATOM   1182 C CG  . ARG A 1 148 ? -13.981 4.337   -6.404  1.00 32.38 ? 564 ARG A CG  1 
ATOM   1183 C CD  . ARG A 1 148 ? -15.197 5.088   -5.937  1.00 35.09 ? 564 ARG A CD  1 
ATOM   1184 N NE  . ARG A 1 148 ? -16.083 4.228   -5.145  1.00 39.82 ? 564 ARG A NE  1 
ATOM   1185 C CZ  . ARG A 1 148 ? -16.903 4.663   -4.186  1.00 42.66 ? 564 ARG A CZ  1 
ATOM   1186 N NH1 . ARG A 1 148 ? -17.678 3.804   -3.536  1.00 44.47 ? 564 ARG A NH1 1 
ATOM   1187 N NH2 . ARG A 1 148 ? -16.957 5.953   -3.866  1.00 45.12 ? 564 ARG A NH2 1 
ATOM   1188 N N   . ASN A 1 149 ? -9.940  4.758   -4.525  1.00 23.37 ? 565 ASN A N   1 
ATOM   1189 C CA  . ASN A 1 149 ? -8.867  5.014   -3.577  1.00 20.71 ? 565 ASN A CA  1 
ATOM   1190 C C   . ASN A 1 149 ? -9.433  5.579   -2.263  1.00 19.80 ? 565 ASN A C   1 
ATOM   1191 O O   . ASN A 1 149 ? -9.264  6.757   -1.934  1.00 18.29 ? 565 ASN A O   1 
ATOM   1192 C CB  . ASN A 1 149 ? -7.825  5.952   -4.225  1.00 21.21 ? 565 ASN A CB  1 
ATOM   1193 C CG  . ASN A 1 149 ? -6.814  5.196   -5.119  1.00 20.05 ? 565 ASN A CG  1 
ATOM   1194 O OD1 . ASN A 1 149 ? -6.883  3.970   -5.292  1.00 19.80 ? 565 ASN A OD1 1 
ATOM   1195 N ND2 . ASN A 1 149 ? -5.867  5.938   -5.678  1.00 23.46 ? 565 ASN A ND2 1 
ATOM   1196 N N   . GLU A 1 150 ? -10.190 4.735   -1.565  1.00 17.47 ? 566 GLU A N   1 
ATOM   1197 C CA  . GLU A 1 150 ? -10.862 5.129   -0.332  1.00 17.58 ? 566 GLU A CA  1 
ATOM   1198 C C   . GLU A 1 150 ? -10.421 4.157   0.738   1.00 16.70 ? 566 GLU A C   1 
ATOM   1199 O O   . GLU A 1 150 ? -10.317 2.963   0.484   1.00 17.66 ? 566 GLU A O   1 
ATOM   1200 C CB  . GLU A 1 150 ? -12.398 5.137   -0.475  1.00 17.59 ? 566 GLU A CB  1 
ATOM   1201 C CG  . GLU A 1 150 ? -12.899 6.128   -1.532  1.00 16.72 ? 566 GLU A CG  1 
ATOM   1202 C CD  . GLU A 1 150 ? -14.386 6.103   -1.667  1.00 19.85 ? 566 GLU A CD  1 
ATOM   1203 O OE1 . GLU A 1 150 ? -15.016 5.122   -1.234  1.00 21.63 ? 566 GLU A OE1 1 
ATOM   1204 O OE2 . GLU A 1 150 ? -14.922 7.067   -2.226  1.00 20.91 ? 566 GLU A OE2 1 
ATOM   1205 N N   . LEU A 1 151 ? -10.153 4.709   1.912   1.00 16.46 ? 567 LEU A N   1 
ATOM   1206 C CA  . LEU A 1 151 ? -9.678  3.981   3.064   1.00 16.48 ? 567 LEU A CA  1 
ATOM   1207 C C   . LEU A 1 151 ? -10.672 3.931   4.257   1.00 17.32 ? 567 LEU A C   1 
ATOM   1208 O O   . LEU A 1 151 ? -11.283 4.938   4.661   1.00 15.75 ? 567 LEU A O   1 
ATOM   1209 C CB  . LEU A 1 151 ? -8.362  4.614   3.537   1.00 16.82 ? 567 LEU A CB  1 
ATOM   1210 C CG  . LEU A 1 151 ? -7.263  4.919   2.494   1.00 15.55 ? 567 LEU A CG  1 
ATOM   1211 C CD1 . LEU A 1 151 ? -6.159  5.780   3.092   1.00 14.63 ? 567 LEU A CD1 1 
ATOM   1212 C CD2 . LEU A 1 151 ? -6.676  3.600   1.923   1.00 14.30 ? 567 LEU A CD2 1 
ATOM   1213 N N   . GLU A 1 152 ? -10.769 2.739   4.836   1.00 17.28 ? 568 GLU A N   1 
ATOM   1214 C CA  . GLU A 1 152 ? -11.374 2.542   6.158   1.00 18.41 ? 568 GLU A CA  1 
ATOM   1215 C C   . GLU A 1 152 ? -10.433 3.031   7.289   1.00 18.73 ? 568 GLU A C   1 
ATOM   1216 O O   . GLU A 1 152 ? -10.726 3.001   8.501   1.00 19.13 ? 568 GLU A O   1 
ATOM   1217 C CB  . GLU A 1 152 ? -11.745 1.064   6.321   1.00 18.60 ? 568 GLU A CB  1 
ATOM   1218 C CG  . GLU A 1 152 ? -12.681 0.641   5.216   1.00 20.89 ? 568 GLU A CG  1 
ATOM   1219 C CD  . GLU A 1 152 ? -13.255 -0.737  5.365   1.00 23.46 ? 568 GLU A CD  1 
ATOM   1220 O OE1 . GLU A 1 152 ? -14.499 -0.860  5.449   1.00 23.11 ? 568 GLU A OE1 1 
ATOM   1221 O OE2 . GLU A 1 152 ? -12.462 -1.699  5.341   1.00 25.24 ? 568 GLU A OE2 1 
ATOM   1222 O OXT . GLU A 1 152 ? -9.311  3.488   7.036   1.00 17.60 ? 568 GLU A OXT 1 
HETATM 1223 O O   . HOH B 2 .   ? 16.087  4.731   -9.096  1.00 12.04 ? 1   HOH A O   1 
HETATM 1224 O O   . HOH B 2 .   ? -8.362  -9.046  1.067   1.00 15.75 ? 2   HOH A O   1 
HETATM 1225 O O   . HOH B 2 .   ? -10.781 -0.332  -2.922  1.00 17.05 ? 3   HOH A O   1 
HETATM 1226 O O   . HOH B 2 .   ? -9.039  0.521   3.763   1.00 20.31 ? 4   HOH A O   1 
HETATM 1227 O O   . HOH B 2 .   ? 17.707  8.268   -0.145  1.00 16.59 ? 5   HOH A O   1 
HETATM 1228 O O   . HOH B 2 .   ? -4.650  1.396   3.836   1.00 13.75 ? 6   HOH A O   1 
HETATM 1229 O O   . HOH B 2 .   ? 9.384   -5.202  -2.549  1.00 19.97 ? 7   HOH A O   1 
HETATM 1230 O O   . HOH B 2 .   ? 7.477   8.290   2.949   1.00 14.45 ? 8   HOH A O   1 
HETATM 1231 O O   . HOH B 2 .   ? 6.676   2.174   -9.372  1.00 17.06 ? 9   HOH A O   1 
HETATM 1232 O O   . HOH B 2 .   ? 13.143  4.526   -10.275 1.00 15.76 ? 10  HOH A O   1 
HETATM 1233 O O   . HOH B 2 .   ? -7.758  1.324   5.877   1.00 17.76 ? 11  HOH A O   1 
HETATM 1234 O O   . HOH B 2 .   ? -8.433  16.912  3.400   1.00 19.93 ? 12  HOH A O   1 
HETATM 1235 O O   . HOH B 2 .   ? -1.174  5.249   14.317  1.00 19.89 ? 13  HOH A O   1 
HETATM 1236 O O   . HOH B 2 .   ? -24.448 10.810  3.044   1.00 25.79 ? 14  HOH A O   1 
HETATM 1237 O O   . HOH B 2 .   ? 7.776   -6.194  12.480  1.00 23.08 ? 15  HOH A O   1 
HETATM 1238 O O   . HOH B 2 .   ? -14.820 3.596   7.017   1.00 24.27 ? 16  HOH A O   1 
HETATM 1239 O O   . HOH B 2 .   ? -20.963 6.148   4.482   1.00 24.27 ? 17  HOH A O   1 
HETATM 1240 O O   . HOH B 2 .   ? -15.478 10.890  5.564   1.00 23.05 ? 18  HOH A O   1 
HETATM 1241 O O   . HOH B 2 .   ? 12.614  -1.393  -14.121 1.00 22.95 ? 19  HOH A O   1 
HETATM 1242 O O   . HOH B 2 .   ? 14.143  8.090   -2.784  1.00 23.58 ? 20  HOH A O   1 
HETATM 1243 O O   . HOH B 2 .   ? -14.557 13.004  7.530   1.00 22.15 ? 21  HOH A O   1 
HETATM 1244 O O   . HOH B 2 .   ? -6.595  15.397  9.559   1.00 22.95 ? 22  HOH A O   1 
HETATM 1245 O O   . HOH B 2 .   ? 12.292  -1.713  3.783   1.00 19.75 ? 23  HOH A O   1 
HETATM 1246 O O   . HOH B 2 .   ? 3.205   -1.510  12.247  1.00 20.17 ? 24  HOH A O   1 
HETATM 1247 O O   . HOH B 2 .   ? -12.478 14.838  13.530  1.00 26.17 ? 25  HOH A O   1 
HETATM 1248 O O   . HOH B 2 .   ? -4.674  -9.091  5.288   1.00 25.03 ? 26  HOH A O   1 
HETATM 1249 O O   . HOH B 2 .   ? -2.479  1.931   -8.016  1.00 25.17 ? 27  HOH A O   1 
HETATM 1250 O O   . HOH B 2 .   ? 9.170   10.212  2.041   1.00 20.02 ? 28  HOH A O   1 
HETATM 1251 O O   . HOH B 2 .   ? 19.869  9.976   -0.152  1.00 23.28 ? 29  HOH A O   1 
HETATM 1252 O O   . HOH B 2 .   ? -12.458 16.712  6.303   1.00 18.62 ? 30  HOH A O   1 
HETATM 1253 O O   . HOH B 2 .   ? -2.507  11.962  12.843  1.00 29.08 ? 31  HOH A O   1 
HETATM 1254 O O   . HOH B 2 .   ? 4.769   -7.849  9.107   1.00 21.50 ? 32  HOH A O   1 
HETATM 1255 O O   . HOH B 2 .   ? 5.587   -10.305 9.206   1.00 20.67 ? 33  HOH A O   1 
HETATM 1256 O O   . HOH B 2 .   ? -10.299 -2.076  3.768   1.00 25.26 ? 34  HOH A O   1 
HETATM 1257 O O   . HOH B 2 .   ? -9.701  17.143  6.026   1.00 23.29 ? 35  HOH A O   1 
HETATM 1258 O O   . HOH B 2 .   ? 5.438   -2.663  11.143  1.00 26.20 ? 36  HOH A O   1 
HETATM 1259 O O   . HOH B 2 .   ? 4.542   10.401  -7.103  1.00 24.45 ? 37  HOH A O   1 
HETATM 1260 O O   . HOH B 2 .   ? 0.427   10.876  -7.883  1.00 37.51 ? 38  HOH A O   1 
HETATM 1261 O O   . HOH B 2 .   ? 9.380   -9.038  3.678   1.00 22.99 ? 39  HOH A O   1 
HETATM 1262 O O   . HOH B 2 .   ? -6.001  -12.043 -4.404  1.00 20.91 ? 40  HOH A O   1 
HETATM 1263 O O   . HOH B 2 .   ? 23.915  2.490   0.946   1.00 26.37 ? 41  HOH A O   1 
HETATM 1264 O O   . HOH B 2 .   ? 17.966  4.217   5.345   1.00 24.66 ? 42  HOH A O   1 
HETATM 1265 O O   . HOH B 2 .   ? 2.322   12.001  2.031   1.00 20.20 ? 43  HOH A O   1 
HETATM 1266 O O   . HOH B 2 .   ? -0.491  -6.500  -5.801  1.00 24.73 ? 44  HOH A O   1 
HETATM 1267 O O   . HOH B 2 .   ? -6.109  -4.994  -6.509  1.00 24.57 ? 45  HOH A O   1 
HETATM 1268 O O   . HOH B 2 .   ? -9.673  11.348  15.204  1.00 28.75 ? 46  HOH A O   1 
HETATM 1269 O O   . HOH B 2 .   ? 19.664  0.974   -8.362  1.00 31.95 ? 47  HOH A O   1 
HETATM 1270 O O   . HOH B 2 .   ? -3.749  -0.835  -7.940  1.00 25.93 ? 48  HOH A O   1 
HETATM 1271 O O   . HOH B 2 .   ? 12.882  -2.905  12.876  1.00 32.65 ? 49  HOH A O   1 
HETATM 1272 O O   . HOH B 2 .   ? -0.056  12.438  -5.162  1.00 29.98 ? 50  HOH A O   1 
HETATM 1273 O O   . HOH B 2 .   ? -24.231 8.037   6.057   1.00 25.40 ? 51  HOH A O   1 
HETATM 1274 O O   . HOH B 2 .   ? 0.998   -13.609 -2.681  1.00 27.97 ? 52  HOH A O   1 
HETATM 1275 O O   . HOH B 2 .   ? -6.484  -4.361  7.640   1.00 24.36 ? 53  HOH A O   1 
HETATM 1276 O O   . HOH B 2 .   ? 9.603   -7.460  -0.744  1.00 25.44 ? 54  HOH A O   1 
HETATM 1277 O O   . HOH B 2 .   ? -12.117 17.063  -1.782  1.00 36.52 ? 55  HOH A O   1 
HETATM 1278 O O   . HOH B 2 .   ? -4.464  -6.096  7.949   1.00 25.19 ? 56  HOH A O   1 
HETATM 1279 O O   . HOH B 2 .   ? 20.898  2.816   -4.153  1.00 26.23 ? 57  HOH A O   1 
HETATM 1280 O O   . HOH B 2 .   ? -3.694  -5.848  -8.412  1.00 31.00 ? 58  HOH A O   1 
HETATM 1281 O O   . HOH B 2 .   ? -6.454  -0.728  -6.794  1.00 33.36 ? 59  HOH A O   1 
HETATM 1282 O O   . HOH B 2 .   ? 2.964   -5.758  10.622  1.00 26.86 ? 60  HOH A O   1 
HETATM 1283 O O   . HOH B 2 .   ? -20.578 6.677   8.682   1.00 34.23 ? 61  HOH A O   1 
HETATM 1284 O O   . HOH B 2 .   ? 2.788   -4.329  -10.293 1.00 31.40 ? 62  HOH A O   1 
HETATM 1285 O O   . HOH B 2 .   ? -3.415  1.429   11.823  1.00 32.35 ? 63  HOH A O   1 
HETATM 1286 O O   . HOH B 2 .   ? -13.291 2.681   9.084   1.00 28.85 ? 64  HOH A O   1 
HETATM 1287 O O   . HOH B 2 .   ? 11.139  -3.448  -1.212  1.00 29.71 ? 65  HOH A O   1 
HETATM 1288 O O   . HOH B 2 .   ? 1.637   5.399   14.720  1.00 34.27 ? 66  HOH A O   1 
HETATM 1289 O O   . HOH B 2 .   ? -3.661  10.308  -6.741  1.00 33.84 ? 67  HOH A O   1 
HETATM 1290 O O   . HOH B 2 .   ? -6.139  16.385  -3.902  1.00 37.14 ? 68  HOH A O   1 
HETATM 1291 O O   . HOH B 2 .   ? 3.398   -8.809  -10.576 1.00 31.13 ? 69  HOH A O   1 
HETATM 1292 O O   . HOH B 2 .   ? 20.098  -0.282  -10.644 1.00 26.22 ? 70  HOH A O   1 
HETATM 1293 O O   . HOH B 2 .   ? -4.571  -18.323 -14.258 1.00 32.25 ? 71  HOH A O   1 
HETATM 1294 O O   . HOH B 2 .   ? 2.153   -12.325 -4.702  1.00 28.29 ? 72  HOH A O   1 
HETATM 1295 O O   . HOH B 2 .   ? -21.660 10.234  1.118   1.00 26.68 ? 73  HOH A O   1 
HETATM 1296 O O   . HOH B 2 .   ? -9.388  3.964   10.574  1.00 29.87 ? 74  HOH A O   1 
HETATM 1297 O O   . HOH B 2 .   ? 15.585  9.226   1.278   1.00 28.96 ? 75  HOH A O   1 
HETATM 1298 O O   . HOH B 2 .   ? -7.826  -12.841 -6.046  1.00 33.09 ? 76  HOH A O   1 
HETATM 1299 O O   . HOH B 2 .   ? 7.616   -5.110  8.517   1.00 29.60 ? 77  HOH A O   1 
HETATM 1300 O O   . HOH B 2 .   ? 17.498  -6.525  -7.479  1.00 32.34 ? 78  HOH A O   1 
HETATM 1301 O O   . HOH B 2 .   ? -1.360  19.134  11.778  1.00 29.92 ? 79  HOH A O   1 
HETATM 1302 O O   . HOH B 2 .   ? 9.831   -20.477 -3.900  1.00 33.57 ? 80  HOH A O   1 
HETATM 1303 O O   . HOH B 2 .   ? -16.151 19.464  9.432   1.00 35.78 ? 81  HOH A O   1 
HETATM 1304 O O   . HOH B 2 .   ? -0.320  -15.979 -3.269  1.00 29.67 ? 82  HOH A O   1 
HETATM 1305 O O   . HOH B 2 .   ? -4.900  3.840   -8.098  1.00 40.62 ? 83  HOH A O   1 
HETATM 1306 O O   . HOH B 2 .   ? 10.380  -3.357  1.390   1.00 36.82 ? 84  HOH A O   1 
HETATM 1307 O O   . HOH B 2 .   ? 5.098   10.826  13.068  1.00 35.51 ? 85  HOH A O   1 
HETATM 1308 O O   . HOH B 2 .   ? 1.642   -15.781 0.074   1.00 36.16 ? 86  HOH A O   1 
HETATM 1309 O O   . HOH B 2 .   ? 0.231   15.499  12.761  1.00 34.91 ? 87  HOH A O   1 
HETATM 1310 O O   . HOH B 2 .   ? -14.858 12.873  11.108  1.00 40.51 ? 88  HOH A O   1 
HETATM 1311 O O   . HOH B 2 .   ? -4.928  6.048   15.899  1.00 36.99 ? 89  HOH A O   1 
HETATM 1312 O O   . HOH B 2 .   ? 6.383   11.850  -4.379  1.00 37.56 ? 90  HOH A O   1 
HETATM 1313 O O   . HOH B 2 .   ? -8.090  0.483   11.716  1.00 32.41 ? 91  HOH A O   1 
HETATM 1314 O O   . HOH B 2 .   ? -1.170  20.197  4.667   1.00 35.10 ? 92  HOH A O   1 
HETATM 1315 O O   . HOH B 2 .   ? 16.874  9.086   -2.757  1.00 29.04 ? 93  HOH A O   1 
HETATM 1316 O O   . HOH B 2 .   ? 11.129  14.373  -3.957  1.00 39.79 ? 94  HOH A O   1 
HETATM 1317 O O   . HOH B 2 .   ? 10.527  -9.312  -8.951  1.00 38.16 ? 95  HOH A O   1 
HETATM 1318 O O   . HOH B 2 .   ? 9.530   6.829   9.802   1.00 32.40 ? 96  HOH A O   1 
HETATM 1319 O O   . HOH B 2 .   ? 9.906   -17.555 6.009   1.00 34.64 ? 97  HOH A O   1 
HETATM 1320 O O   . HOH B 2 .   ? 1.896   2.282   13.730  1.00 38.58 ? 98  HOH A O   1 
HETATM 1321 O O   . HOH B 2 .   ? 8.415   -21.098 -6.317  1.00 40.82 ? 99  HOH A O   1 
HETATM 1322 O O   . HOH B 2 .   ? -10.577 8.777   -3.460  1.00 36.70 ? 100 HOH A O   1 
HETATM 1323 O O   . HOH B 2 .   ? 14.826  -7.770  -6.472  1.00 35.45 ? 101 HOH A O   1 
HETATM 1324 O O   . HOH B 2 .   ? -15.342 19.820  12.329  1.00 39.81 ? 102 HOH A O   1 
HETATM 1325 O O   . HOH B 2 .   ? -1.892  9.955   14.756  1.00 42.25 ? 103 HOH A O   1 
HETATM 1326 O O   . HOH B 2 .   ? 3.368   5.225   13.184  1.00 33.44 ? 104 HOH A O   1 
HETATM 1327 O O   . HOH B 2 .   ? 2.020   11.758  13.964  1.00 39.67 ? 105 HOH A O   1 
HETATM 1328 O O   . HOH B 2 .   ? -10.256 0.735   9.361   1.00 37.87 ? 106 HOH A O   1 
HETATM 1329 O O   . HOH B 2 .   ? 13.462  -2.680  -1.485  1.00 39.56 ? 107 HOH A O   1 
HETATM 1330 O O   . HOH B 2 .   ? 2.165   12.159  -6.888  1.00 37.85 ? 108 HOH A O   1 
HETATM 1331 O O   . HOH B 2 .   ? 12.480  12.288  1.227   1.00 35.71 ? 109 HOH A O   1 
HETATM 1332 O O   . HOH B 2 .   ? 14.101  11.767  -0.980  1.00 37.81 ? 110 HOH A O   1 
HETATM 1333 O O   . HOH B 2 .   ? -1.945  14.668  14.247  1.00 41.59 ? 111 HOH A O   1 
HETATM 1334 O O   . HOH B 2 .   ? 11.188  -19.788 3.433   1.00 41.66 ? 112 HOH A O   1 
HETATM 1335 O O   . HOH B 2 .   ? -15.179 13.474  14.777  1.00 32.29 ? 113 HOH A O   1 
HETATM 1336 O O   . HOH B 2 .   ? -2.741  1.629   15.213  1.00 45.45 ? 114 HOH A O   1 
HETATM 1337 O O   . HOH B 2 .   ? -13.426 -3.356  3.516   1.00 43.43 ? 115 HOH A O   1 
HETATM 1338 O O   . HOH B 2 .   ? 9.261   -2.509  10.305  1.00 35.75 ? 116 HOH A O   1 
HETATM 1339 O O   . HOH B 2 .   ? 22.197  -0.861  2.522   1.00 40.58 ? 117 HOH A O   1 
HETATM 1340 O O   . HOH B 2 .   ? -1.464  -4.538  -7.676  1.00 36.60 ? 118 HOH A O   1 
HETATM 1341 O O   . HOH B 2 .   ? -22.505 6.078   7.566   1.00 40.07 ? 119 HOH A O   1 
HETATM 1342 O O   . HOH B 2 .   ? 16.104  -4.713  -4.180  1.00 44.05 ? 120 HOH A O   1 
HETATM 1343 O O   . HOH B 2 .   ? -24.810 9.175   0.756   1.00 44.03 ? 121 HOH A O   1 
HETATM 1344 O O   . HOH B 2 .   ? -16.824 11.706  13.073  1.00 37.81 ? 122 HOH A O   1 
HETATM 1345 O O   . HOH B 2 .   ? -4.688  19.505  13.348  1.00 39.86 ? 123 HOH A O   1 
HETATM 1346 O O   . HOH B 2 .   ? 10.591  12.437  9.302   1.00 43.23 ? 124 HOH A O   1 
HETATM 1347 O O   . HOH B 2 .   ? 4.231   -0.349  -12.012 1.00 40.59 ? 125 HOH A O   1 
HETATM 1348 O O   . HOH B 2 .   ? -8.469  -0.899  7.415   1.00 39.61 ? 126 HOH A O   1 
HETATM 1349 O O   . HOH B 2 .   ? -19.957 11.346  -0.469  1.00 33.34 ? 127 HOH A O   1 
HETATM 1350 O O   . HOH B 2 .   ? -14.838 8.034   12.800  1.00 39.66 ? 128 HOH A O   1 
HETATM 1351 O O   . HOH B 2 .   ? 13.580  -10.583 9.096   1.00 43.13 ? 129 HOH A O   1 
HETATM 1352 O O   . HOH B 2 .   ? -2.582  7.112   15.926  1.00 40.26 ? 130 HOH A O   1 
HETATM 1353 O O   . HOH B 2 .   ? -0.691  -19.168 -16.023 1.00 49.23 ? 131 HOH A O   1 
HETATM 1354 O O   . HOH B 2 .   ? -7.109  -2.182  9.259   1.00 38.16 ? 132 HOH A O   1 
HETATM 1355 O O   . HOH B 2 .   ? 7.675   11.669  5.951   1.00 41.03 ? 133 HOH A O   1 
HETATM 1356 O O   . HOH B 2 .   ? -1.502  12.560  -7.101  1.00 44.67 ? 134 HOH A O   1 
HETATM 1357 O O   . HOH B 2 .   ? 7.287   -13.078 9.037   1.00 42.50 ? 135 HOH A O   1 
HETATM 1358 O O   . HOH B 2 .   ? -0.717  -15.789 -0.361  1.00 38.93 ? 136 HOH A O   1 
HETATM 1359 O O   . HOH B 2 .   ? 22.075  -1.862  -10.138 1.00 44.80 ? 137 HOH A O   1 
HETATM 1360 O O   . HOH B 2 .   ? 15.659  -8.025  -3.338  1.00 58.78 ? 138 HOH A O   1 
HETATM 1361 O O   . HOH B 2 .   ? 14.581  -10.953 -3.043  1.00 41.14 ? 139 HOH A O   1 
HETATM 1362 O O   . HOH B 2 .   ? -17.254 18.747  6.099   1.00 41.59 ? 140 HOH A O   1 
HETATM 1363 O O   . HOH B 2 .   ? 1.497   16.100  -4.498  1.00 44.14 ? 141 HOH A O   1 
HETATM 1364 O O   . HOH B 2 .   ? 2.533   6.987   -7.802  1.00 40.00 ? 142 HOH A O   1 
HETATM 1365 O O   . HOH B 2 .   ? 11.957  -7.416  0.087   1.00 36.25 ? 143 HOH A O   1 
HETATM 1366 O O   . HOH B 2 .   ? 9.311   8.558   7.589   1.00 51.83 ? 144 HOH A O   1 
HETATM 1367 O O   . HOH B 2 .   ? -12.414 17.270  13.686  1.00 42.40 ? 145 HOH A O   1 
HETATM 1368 O O   . HOH B 2 .   ? -10.742 -2.397  8.001   1.00 47.15 ? 146 HOH A O   1 
HETATM 1369 O O   . HOH B 2 .   ? 3.577   -15.251 1.689   1.00 35.39 ? 147 HOH A O   1 
HETATM 1370 O O   . HOH B 2 .   ? -7.307  -2.877  -8.041  1.00 41.75 ? 148 HOH A O   1 
HETATM 1371 O O   . HOH B 2 .   ? -6.583  -6.355  -17.507 1.00 49.27 ? 149 HOH A O   1 
HETATM 1372 O O   . HOH B 2 .   ? -4.995  12.760  -7.553  1.00 39.70 ? 150 HOH A O   1 
HETATM 1373 O O   . HOH B 2 .   ? 2.754   9.875   15.791  1.00 45.41 ? 151 HOH A O   1 
HETATM 1374 O O   . HOH B 2 .   ? -10.794 3.264   -9.742  1.00 50.27 ? 152 HOH A O   1 
HETATM 1375 O O   . HOH B 2 .   ? -12.134 -12.093 -3.283  1.00 43.24 ? 153 HOH A O   1 
HETATM 1376 O O   . HOH B 2 .   ? -8.394  -14.432 -2.101  1.00 44.69 ? 154 HOH A O   1 
HETATM 1377 O O   . HOH B 2 .   ? -14.186 19.638  6.365   1.00 42.61 ? 155 HOH A O   1 
HETATM 1378 O O   . HOH B 2 .   ? -3.827  -7.557  -19.007 1.00 45.91 ? 156 HOH A O   1 
HETATM 1379 O O   . HOH B 2 .   ? -17.858 2.522   3.860   1.00 46.64 ? 157 HOH A O   1 
HETATM 1380 O O   . HOH B 2 .   ? -2.251  22.754  10.168  1.00 49.53 ? 158 HOH A O   1 
HETATM 1381 O O   . HOH B 2 .   ? 5.321   12.528  10.985  1.00 51.82 ? 159 HOH A O   1 
HETATM 1382 O O   . HOH B 2 .   ? 17.191  -2.841  7.396   1.00 58.14 ? 160 HOH A O   1 
HETATM 1383 O O   . HOH B 2 .   ? 2.386   7.275   17.912  1.00 55.77 ? 161 HOH A O   1 
HETATM 1384 O O   A HOH B 2 .   ? 2.952   -17.954 -1.612  0.60 25.81 ? 162 HOH A O   1 
HETATM 1385 O O   B HOH B 2 .   ? 8.109   -20.381 0.837   0.40 31.60 ? 162 HOH A O   1 
HETATM 1386 O O   . HOH B 2 .   ? 18.597  -3.311  5.328   1.00 48.66 ? 163 HOH A O   1 
HETATM 1387 O O   . HOH B 2 .   ? -12.423 -8.472  1.929   1.00 48.59 ? 164 HOH A O   1 
HETATM 1388 O O   . HOH B 2 .   ? 3.882   7.877   14.792  1.00 38.45 ? 165 HOH A O   1 
HETATM 1389 O O   . HOH B 2 .   ? -23.542 9.689   -1.733  1.00 45.89 ? 166 HOH A O   1 
# 
loop_
_pdbx_poly_seq_scheme.asym_id 
_pdbx_poly_seq_scheme.entity_id 
_pdbx_poly_seq_scheme.seq_id 
_pdbx_poly_seq_scheme.mon_id 
_pdbx_poly_seq_scheme.ndb_seq_num 
_pdbx_poly_seq_scheme.pdb_seq_num 
_pdbx_poly_seq_scheme.auth_seq_num 
_pdbx_poly_seq_scheme.pdb_mon_id 
_pdbx_poly_seq_scheme.auth_mon_id 
_pdbx_poly_seq_scheme.pdb_strand_id 
_pdbx_poly_seq_scheme.pdb_ins_code 
_pdbx_poly_seq_scheme.hetero 
A 1 1   SER 1   417 ?   ?   ?   A . n 
A 1 2   ASN 2   418 ?   ?   ?   A . n 
A 1 3   ALA 3   419 419 ALA ALA A . n 
A 1 4   ASP 4   420 420 ASP ASP A . n 
A 1 5   VAL 5   421 421 VAL VAL A . n 
A 1 6   ASN 6   422 422 ASN ASN A . n 
A 1 7   PRO 7   423 423 PRO PRO A . n 
A 1 8   LEU 8   424 424 LEU LEU A . n 
A 1 9   THR 9   425 425 THR THR A . n 
A 1 10  LEU 10  426 426 LEU LEU A . n 
A 1 11  GLY 11  427 427 GLY GLY A . n 
A 1 12  ILE 12  428 428 ILE ILE A . n 
A 1 13  GLU 13  429 429 GLU GLU A . n 
A 1 14  THR 14  430 430 THR THR A . n 
A 1 15  VAL 15  431 431 VAL VAL A . n 
A 1 16  GLY 16  432 432 GLY GLY A . n 
A 1 17  GLY 17  433 433 GLY GLY A . n 
A 1 18  VAL 18  434 434 VAL VAL A . n 
A 1 19  MET 19  435 435 MET MET A . n 
A 1 20  THR 20  436 436 THR THR A . n 
A 1 21  LYS 21  437 437 LYS LYS A . n 
A 1 22  LEU 22  438 438 LEU LEU A . n 
A 1 23  ILE 23  439 439 ILE ILE A . n 
A 1 24  GLY 24  440 440 GLY GLY A . n 
A 1 25  ARG 25  441 441 ARG ARG A . n 
A 1 26  ASN 26  442 442 ASN ASN A . n 
A 1 27  THR 27  443 443 THR THR A . n 
A 1 28  VAL 28  444 444 VAL VAL A . n 
A 1 29  ILE 29  445 445 ILE ILE A . n 
A 1 30  PRO 30  446 446 PRO PRO A . n 
A 1 31  THR 31  447 447 THR THR A . n 
A 1 32  LYS 32  448 448 LYS LYS A . n 
A 1 33  LYS 33  449 449 LYS LYS A . n 
A 1 34  SER 34  450 450 SER SER A . n 
A 1 35  GLN 35  451 451 GLN GLN A . n 
A 1 36  VAL 36  452 452 VAL VAL A . n 
A 1 37  PHE 37  453 453 PHE PHE A . n 
A 1 38  SER 38  454 454 SER SER A . n 
A 1 39  THR 39  455 455 THR THR A . n 
A 1 40  ALA 40  456 456 ALA ALA A . n 
A 1 41  ALA 41  457 457 ALA ALA A . n 
A 1 42  ASP 42  458 458 ASP ASP A . n 
A 1 43  SER 43  459 459 SER SER A . n 
A 1 44  GLN 44  460 460 GLN GLN A . n 
A 1 45  SER 45  461 461 SER SER A . n 
A 1 46  ALA 46  462 462 ALA ALA A . n 
A 1 47  VAL 47  463 463 VAL VAL A . n 
A 1 48  SER 48  464 464 SER SER A . n 
A 1 49  ILE 49  465 465 ILE ILE A . n 
A 1 50  VAL 50  466 466 VAL VAL A . n 
A 1 51  ILE 51  467 467 ILE ILE A . n 
A 1 52  TYR 52  468 468 TYR TYR A . n 
A 1 53  GLU 53  469 469 GLU GLU A . n 
A 1 54  GLY 54  470 470 GLY GLY A . n 
A 1 55  GLU 55  471 471 GLU GLU A . n 
A 1 56  ARG 56  472 472 ARG ARG A . n 
A 1 57  PRO 57  473 473 PRO PRO A . n 
A 1 58  MET 58  474 474 MET MET A . n 
A 1 59  VAL 59  475 475 VAL VAL A . n 
A 1 60  MET 60  476 476 MET MET A . n 
A 1 61  ASP 61  477 477 ASP ASP A . n 
A 1 62  ASN 62  478 478 ASN ASN A . n 
A 1 63  HIS 63  479 479 HIS HIS A . n 
A 1 64  LYS 64  480 480 LYS LYS A . n 
A 1 65  LEU 65  481 481 LEU LEU A . n 
A 1 66  GLY 66  482 482 GLY GLY A . n 
A 1 67  ASN 67  483 483 ASN ASN A . n 
A 1 68  PHE 68  484 484 PHE PHE A . n 
A 1 69  ASP 69  485 485 ASP ASP A . n 
A 1 70  VAL 70  486 486 VAL VAL A . n 
A 1 71  THR 71  487 487 THR THR A . n 
A 1 72  GLY 72  488 488 GLY GLY A . n 
A 1 73  ILE 73  489 489 ILE ILE A . n 
A 1 74  PRO 74  490 490 PRO PRO A . n 
A 1 75  PRO 75  491 491 PRO PRO A . n 
A 1 76  ALA 76  492 492 ALA ALA A . n 
A 1 77  PRO 77  493 493 PRO PRO A . n 
A 1 78  ARG 78  494 494 ARG ARG A . n 
A 1 79  GLY 79  495 495 GLY GLY A . n 
A 1 80  VAL 80  496 496 VAL VAL A . n 
A 1 81  PRO 81  497 497 PRO PRO A . n 
A 1 82  GLN 82  498 498 GLN GLN A . n 
A 1 83  ILE 83  499 499 ILE ILE A . n 
A 1 84  GLU 84  500 500 GLU GLU A . n 
A 1 85  VAL 85  501 501 VAL VAL A . n 
A 1 86  THR 86  502 502 THR THR A . n 
A 1 87  PHE 87  503 503 PHE PHE A . n 
A 1 88  GLU 88  504 504 GLU GLU A . n 
A 1 89  ILE 89  505 505 ILE ILE A . n 
A 1 90  ASP 90  506 506 ASP ASP A . n 
A 1 91  VAL 91  507 507 VAL VAL A . n 
A 1 92  ASN 92  508 508 ASN ASN A . n 
A 1 93  GLY 93  509 509 GLY GLY A . n 
A 1 94  ILE 94  510 510 ILE ILE A . n 
A 1 95  LEU 95  511 511 LEU LEU A . n 
A 1 96  HIS 96  512 512 HIS HIS A . n 
A 1 97  VAL 97  513 513 VAL VAL A . n 
A 1 98  SER 98  514 514 SER SER A . n 
A 1 99  ALA 99  515 515 ALA ALA A . n 
A 1 100 GLU 100 516 516 GLU GLU A . n 
A 1 101 ASP 101 517 517 ASP ASP A . n 
A 1 102 LYS 102 518 518 LYS LYS A . n 
A 1 103 GLY 103 519 519 GLY GLY A . n 
A 1 104 THR 104 520 520 THR THR A . n 
A 1 105 GLY 105 521 521 GLY GLY A . n 
A 1 106 ASN 106 522 522 ASN ASN A . n 
A 1 107 LYS 107 523 523 LYS LYS A . n 
A 1 108 ASN 108 524 524 ASN ASN A . n 
A 1 109 LYS 109 525 525 LYS LYS A . n 
A 1 110 LEU 110 526 526 LEU LEU A . n 
A 1 111 THR 111 527 527 THR THR A . n 
A 1 112 ILE 112 528 528 ILE ILE A . n 
A 1 113 THR 113 529 529 THR THR A . n 
A 1 114 ASN 114 530 530 ASN ASN A . n 
A 1 115 ASP 115 531 531 ASP ASP A . n 
A 1 116 HIS 116 532 532 HIS HIS A . n 
A 1 117 ASN 117 533 533 ASN ASN A . n 
A 1 118 ARG 118 534 534 ARG ARG A . n 
A 1 119 LEU 119 535 535 LEU LEU A . n 
A 1 120 SER 120 536 536 SER SER A . n 
A 1 121 PRO 121 537 537 PRO PRO A . n 
A 1 122 GLU 122 538 538 GLU GLU A . n 
A 1 123 ASP 123 539 539 ASP ASP A . n 
A 1 124 ILE 124 540 540 ILE ILE A . n 
A 1 125 GLU 125 541 541 GLU GLU A . n 
A 1 126 ARG 126 542 542 ARG ARG A . n 
A 1 127 MET 127 543 543 MET MET A . n 
A 1 128 ILE 128 544 544 ILE ILE A . n 
A 1 129 ASN 129 545 545 ASN ASN A . n 
A 1 130 ASP 130 546 546 ASP ASP A . n 
A 1 131 ALA 131 547 547 ALA ALA A . n 
A 1 132 ASP 132 548 548 ASP ASP A . n 
A 1 133 LYS 133 549 549 LYS LYS A . n 
A 1 134 PHE 134 550 550 PHE PHE A . n 
A 1 135 ALA 135 551 551 ALA ALA A . n 
A 1 136 ALA 136 552 552 ALA ALA A . n 
A 1 137 ASP 137 553 553 ASP ASP A . n 
A 1 138 ASP 138 554 554 ASP ASP A . n 
A 1 139 GLN 139 555 555 GLN GLN A . n 
A 1 140 ALA 140 556 556 ALA ALA A . n 
A 1 141 GLN 141 557 557 GLN GLN A . n 
A 1 142 LYS 142 558 558 LYS LYS A . n 
A 1 143 GLU 143 559 559 GLU GLU A . n 
A 1 144 LYS 144 560 560 LYS LYS A . n 
A 1 145 VAL 145 561 561 VAL VAL A . n 
A 1 146 GLU 146 562 562 GLU GLU A . n 
A 1 147 SER 147 563 563 SER SER A . n 
A 1 148 ARG 148 564 564 ARG ARG A . n 
A 1 149 ASN 149 565 565 ASN ASN A . n 
A 1 150 GLU 150 566 566 GLU GLU A . n 
A 1 151 LEU 151 567 567 LEU LEU A . n 
A 1 152 GLU 152 568 568 GLU GLU A . n 
# 
_pdbx_SG_project.id                    1 
_pdbx_SG_project.project_name          'PSI, Protein Structure Initiative' 
_pdbx_SG_project.full_name_of_center   'Midwest Center for Structural Genomics' 
_pdbx_SG_project.initial_of_center     MCSG 
# 
loop_
_pdbx_nonpoly_scheme.asym_id 
_pdbx_nonpoly_scheme.entity_id 
_pdbx_nonpoly_scheme.mon_id 
_pdbx_nonpoly_scheme.ndb_seq_num 
_pdbx_nonpoly_scheme.pdb_seq_num 
_pdbx_nonpoly_scheme.auth_seq_num 
_pdbx_nonpoly_scheme.pdb_mon_id 
_pdbx_nonpoly_scheme.auth_mon_id 
_pdbx_nonpoly_scheme.pdb_strand_id 
_pdbx_nonpoly_scheme.pdb_ins_code 
B 2 HOH 1   1   1   HOH HOH A . 
B 2 HOH 2   2   2   HOH HOH A . 
B 2 HOH 3   3   3   HOH HOH A . 
B 2 HOH 4   4   4   HOH HOH A . 
B 2 HOH 5   5   5   HOH HOH A . 
B 2 HOH 6   6   6   HOH HOH A . 
B 2 HOH 7   7   7   HOH HOH A . 
B 2 HOH 8   8   8   HOH HOH A . 
B 2 HOH 9   9   9   HOH HOH A . 
B 2 HOH 10  10  10  HOH HOH A . 
B 2 HOH 11  11  11  HOH HOH A . 
B 2 HOH 12  12  12  HOH HOH A . 
B 2 HOH 13  13  13  HOH HOH A . 
B 2 HOH 14  14  14  HOH HOH A . 
B 2 HOH 15  15  15  HOH HOH A . 
B 2 HOH 16  16  16  HOH HOH A . 
B 2 HOH 17  17  17  HOH HOH A . 
B 2 HOH 18  18  18  HOH HOH A . 
B 2 HOH 19  19  19  HOH HOH A . 
B 2 HOH 20  20  20  HOH HOH A . 
B 2 HOH 21  21  21  HOH HOH A . 
B 2 HOH 22  22  22  HOH HOH A . 
B 2 HOH 23  23  23  HOH HOH A . 
B 2 HOH 24  24  24  HOH HOH A . 
B 2 HOH 25  25  25  HOH HOH A . 
B 2 HOH 26  26  26  HOH HOH A . 
B 2 HOH 27  27  27  HOH HOH A . 
B 2 HOH 28  28  28  HOH HOH A . 
B 2 HOH 29  29  29  HOH HOH A . 
B 2 HOH 30  30  30  HOH HOH A . 
B 2 HOH 31  31  31  HOH HOH A . 
B 2 HOH 32  32  32  HOH HOH A . 
B 2 HOH 33  33  33  HOH HOH A . 
B 2 HOH 34  34  34  HOH HOH A . 
B 2 HOH 35  35  35  HOH HOH A . 
B 2 HOH 36  36  36  HOH HOH A . 
B 2 HOH 37  37  37  HOH HOH A . 
B 2 HOH 38  38  38  HOH HOH A . 
B 2 HOH 39  39  39  HOH HOH A . 
B 2 HOH 40  40  40  HOH HOH A . 
B 2 HOH 41  41  41  HOH HOH A . 
B 2 HOH 42  42  42  HOH HOH A . 
B 2 HOH 43  43  43  HOH HOH A . 
B 2 HOH 44  44  44  HOH HOH A . 
B 2 HOH 45  45  45  HOH HOH A . 
B 2 HOH 46  46  46  HOH HOH A . 
B 2 HOH 47  47  47  HOH HOH A . 
B 2 HOH 48  48  48  HOH HOH A . 
B 2 HOH 49  49  49  HOH HOH A . 
B 2 HOH 50  50  50  HOH HOH A . 
B 2 HOH 51  51  51  HOH HOH A . 
B 2 HOH 52  52  52  HOH HOH A . 
B 2 HOH 53  53  53  HOH HOH A . 
B 2 HOH 54  54  54  HOH HOH A . 
B 2 HOH 55  55  55  HOH HOH A . 
B 2 HOH 56  56  56  HOH HOH A . 
B 2 HOH 57  57  57  HOH HOH A . 
B 2 HOH 58  58  58  HOH HOH A . 
B 2 HOH 59  59  59  HOH HOH A . 
B 2 HOH 60  60  60  HOH HOH A . 
B 2 HOH 61  61  61  HOH HOH A . 
B 2 HOH 62  62  62  HOH HOH A . 
B 2 HOH 63  63  63  HOH HOH A . 
B 2 HOH 64  64  64  HOH HOH A . 
B 2 HOH 65  65  65  HOH HOH A . 
B 2 HOH 66  66  66  HOH HOH A . 
B 2 HOH 67  67  67  HOH HOH A . 
B 2 HOH 68  68  68  HOH HOH A . 
B 2 HOH 69  69  69  HOH HOH A . 
B 2 HOH 70  70  70  HOH HOH A . 
B 2 HOH 71  71  71  HOH HOH A . 
B 2 HOH 72  72  72  HOH HOH A . 
B 2 HOH 73  73  73  HOH HOH A . 
B 2 HOH 74  74  74  HOH HOH A . 
B 2 HOH 75  75  75  HOH HOH A . 
B 2 HOH 76  76  76  HOH HOH A . 
B 2 HOH 77  77  77  HOH HOH A . 
B 2 HOH 78  78  78  HOH HOH A . 
B 2 HOH 79  79  79  HOH HOH A . 
B 2 HOH 80  80  80  HOH HOH A . 
B 2 HOH 81  81  81  HOH HOH A . 
B 2 HOH 82  82  82  HOH HOH A . 
B 2 HOH 83  83  83  HOH HOH A . 
B 2 HOH 84  84  84  HOH HOH A . 
B 2 HOH 85  85  85  HOH HOH A . 
B 2 HOH 86  86  86  HOH HOH A . 
B 2 HOH 87  87  87  HOH HOH A . 
B 2 HOH 88  88  88  HOH HOH A . 
B 2 HOH 89  89  89  HOH HOH A . 
B 2 HOH 90  90  90  HOH HOH A . 
B 2 HOH 91  91  91  HOH HOH A . 
B 2 HOH 92  92  92  HOH HOH A . 
B 2 HOH 93  93  93  HOH HOH A . 
B 2 HOH 94  94  94  HOH HOH A . 
B 2 HOH 95  95  95  HOH HOH A . 
B 2 HOH 96  96  96  HOH HOH A . 
B 2 HOH 97  97  97  HOH HOH A . 
B 2 HOH 98  98  98  HOH HOH A . 
B 2 HOH 99  99  99  HOH HOH A . 
B 2 HOH 100 100 100 HOH HOH A . 
B 2 HOH 101 101 101 HOH HOH A . 
B 2 HOH 102 102 102 HOH HOH A . 
B 2 HOH 103 103 103 HOH HOH A . 
B 2 HOH 104 104 104 HOH HOH A . 
B 2 HOH 105 105 105 HOH HOH A . 
B 2 HOH 106 106 106 HOH HOH A . 
B 2 HOH 107 107 107 HOH HOH A . 
B 2 HOH 108 108 108 HOH HOH A . 
B 2 HOH 109 109 109 HOH HOH A . 
B 2 HOH 110 110 110 HOH HOH A . 
B 2 HOH 111 111 111 HOH HOH A . 
B 2 HOH 112 112 112 HOH HOH A . 
B 2 HOH 113 113 113 HOH HOH A . 
B 2 HOH 114 114 114 HOH HOH A . 
B 2 HOH 115 115 115 HOH HOH A . 
B 2 HOH 116 116 116 HOH HOH A . 
B 2 HOH 117 117 117 HOH HOH A . 
B 2 HOH 118 118 118 HOH HOH A . 
B 2 HOH 119 119 119 HOH HOH A . 
B 2 HOH 120 120 120 HOH HOH A . 
B 2 HOH 121 121 121 HOH HOH A . 
B 2 HOH 122 122 122 HOH HOH A . 
B 2 HOH 123 123 123 HOH HOH A . 
B 2 HOH 124 124 124 HOH HOH A . 
B 2 HOH 125 125 125 HOH HOH A . 
B 2 HOH 126 126 126 HOH HOH A . 
B 2 HOH 127 127 127 HOH HOH A . 
B 2 HOH 128 128 128 HOH HOH A . 
B 2 HOH 129 129 129 HOH HOH A . 
B 2 HOH 130 130 130 HOH HOH A . 
B 2 HOH 131 131 131 HOH HOH A . 
B 2 HOH 132 132 132 HOH HOH A . 
B 2 HOH 133 133 133 HOH HOH A . 
B 2 HOH 134 134 134 HOH HOH A . 
B 2 HOH 135 135 135 HOH HOH A . 
B 2 HOH 136 136 136 HOH HOH A . 
B 2 HOH 137 137 137 HOH HOH A . 
B 2 HOH 138 138 138 HOH HOH A . 
B 2 HOH 139 139 139 HOH HOH A . 
B 2 HOH 140 140 140 HOH HOH A . 
B 2 HOH 141 141 141 HOH HOH A . 
B 2 HOH 142 142 142 HOH HOH A . 
B 2 HOH 143 143 143 HOH HOH A . 
B 2 HOH 144 144 144 HOH HOH A . 
B 2 HOH 145 145 145 HOH HOH A . 
B 2 HOH 146 146 146 HOH HOH A . 
B 2 HOH 147 147 147 HOH HOH A . 
B 2 HOH 148 148 148 HOH HOH A . 
B 2 HOH 149 149 149 HOH HOH A . 
B 2 HOH 150 150 150 HOH HOH A . 
B 2 HOH 151 151 151 HOH HOH A . 
B 2 HOH 152 152 152 HOH HOH A . 
B 2 HOH 153 153 153 HOH HOH A . 
B 2 HOH 154 154 154 HOH HOH A . 
B 2 HOH 155 155 155 HOH HOH A . 
B 2 HOH 156 156 156 HOH HOH A . 
B 2 HOH 157 157 157 HOH HOH A . 
B 2 HOH 158 158 158 HOH HOH A . 
B 2 HOH 159 159 159 HOH HOH A . 
B 2 HOH 160 160 160 HOH HOH A . 
B 2 HOH 161 161 161 HOH HOH A . 
B 2 HOH 162 162 162 HOH HOH A . 
B 2 HOH 163 163 163 HOH HOH A . 
B 2 HOH 164 164 164 HOH HOH A . 
B 2 HOH 165 165 165 HOH HOH A . 
B 2 HOH 166 166 166 HOH HOH A . 
# 
_pdbx_struct_assembly.id                   1 
_pdbx_struct_assembly.details              author_defined_assembly 
_pdbx_struct_assembly.method_details       ? 
_pdbx_struct_assembly.oligomeric_details   monomeric 
_pdbx_struct_assembly.oligomeric_count     1 
# 
_pdbx_struct_assembly_gen.assembly_id       1 
_pdbx_struct_assembly_gen.oper_expression   1 
_pdbx_struct_assembly_gen.asym_id_list      A,B 
# 
_pdbx_struct_oper_list.id                   1 
_pdbx_struct_oper_list.type                 'identity operation' 
_pdbx_struct_oper_list.name                 1_555 
_pdbx_struct_oper_list.symmetry_operation   x,y,z 
_pdbx_struct_oper_list.matrix[1][1]         1.0000000000 
_pdbx_struct_oper_list.matrix[1][2]         0.0000000000 
_pdbx_struct_oper_list.matrix[1][3]         0.0000000000 
_pdbx_struct_oper_list.vector[1]            0.0000000000 
_pdbx_struct_oper_list.matrix[2][1]         0.0000000000 
_pdbx_struct_oper_list.matrix[2][2]         1.0000000000 
_pdbx_struct_oper_list.matrix[2][3]         0.0000000000 
_pdbx_struct_oper_list.vector[2]            0.0000000000 
_pdbx_struct_oper_list.matrix[3][1]         0.0000000000 
_pdbx_struct_oper_list.matrix[3][2]         0.0000000000 
_pdbx_struct_oper_list.matrix[3][3]         1.0000000000 
_pdbx_struct_oper_list.vector[3]            0.0000000000 
# 
loop_
_pdbx_audit_revision_history.ordinal 
_pdbx_audit_revision_history.data_content_type 
_pdbx_audit_revision_history.major_revision 
_pdbx_audit_revision_history.minor_revision 
_pdbx_audit_revision_history.revision_date 
1 'Structure model' 1 0 2007-02-27 
2 'Structure model' 1 1 2008-05-01 
3 'Structure model' 1 2 2011-07-13 
4 'Structure model' 1 3 2023-08-30 
# 
_pdbx_audit_revision_details.ordinal             1 
_pdbx_audit_revision_details.revision_ordinal    1 
_pdbx_audit_revision_details.data_content_type   'Structure model' 
_pdbx_audit_revision_details.provider            repository 
_pdbx_audit_revision_details.type                'Initial release' 
_pdbx_audit_revision_details.description         ? 
_pdbx_audit_revision_details.details             ? 
# 
loop_
_pdbx_audit_revision_group.ordinal 
_pdbx_audit_revision_group.revision_ordinal 
_pdbx_audit_revision_group.data_content_type 
_pdbx_audit_revision_group.group 
1 2 'Structure model' 'Version format compliance' 
2 3 'Structure model' Advisory                    
3 3 'Structure model' 'Version format compliance' 
4 4 'Structure model' 'Data collection'           
5 4 'Structure model' 'Database references'       
6 4 'Structure model' 'Refinement description'    
# 
loop_
_pdbx_audit_revision_category.ordinal 
_pdbx_audit_revision_category.revision_ordinal 
_pdbx_audit_revision_category.data_content_type 
_pdbx_audit_revision_category.category 
1 4 'Structure model' chem_comp_atom                
2 4 'Structure model' chem_comp_bond                
3 4 'Structure model' database_2                    
4 4 'Structure model' pdbx_initial_refinement_model 
5 4 'Structure model' struct_ref_seq_dif            
# 
loop_
_pdbx_audit_revision_item.ordinal 
_pdbx_audit_revision_item.revision_ordinal 
_pdbx_audit_revision_item.data_content_type 
_pdbx_audit_revision_item.item 
1 4 'Structure model' '_database_2.pdbx_DOI'                
2 4 'Structure model' '_database_2.pdbx_database_accession' 
3 4 'Structure model' '_struct_ref_seq_dif.details'         
# 
loop_
_pdbx_refine_tls.id 
_pdbx_refine_tls.details 
_pdbx_refine_tls.method 
_pdbx_refine_tls.origin_x 
_pdbx_refine_tls.origin_y 
_pdbx_refine_tls.origin_z 
_pdbx_refine_tls.T[1][1] 
_pdbx_refine_tls.T[2][2] 
_pdbx_refine_tls.T[3][3] 
_pdbx_refine_tls.T[1][2] 
_pdbx_refine_tls.T[1][3] 
_pdbx_refine_tls.T[2][3] 
_pdbx_refine_tls.L[1][1] 
_pdbx_refine_tls.L[2][2] 
_pdbx_refine_tls.L[3][3] 
_pdbx_refine_tls.L[1][2] 
_pdbx_refine_tls.L[1][3] 
_pdbx_refine_tls.L[2][3] 
_pdbx_refine_tls.S[1][1] 
_pdbx_refine_tls.S[1][2] 
_pdbx_refine_tls.S[1][3] 
_pdbx_refine_tls.S[2][1] 
_pdbx_refine_tls.S[2][2] 
_pdbx_refine_tls.S[2][3] 
_pdbx_refine_tls.S[3][1] 
_pdbx_refine_tls.S[3][2] 
_pdbx_refine_tls.S[3][3] 
_pdbx_refine_tls.pdbx_refine_id 
1 ? refined 10.3239  -4.2670  -5.5437  0.0116  -0.0289 0.0203  -0.0085 0.0615  0.0277  2.4159  2.4305  3.7189  2.1873   -1.5740 -0.3239 -0.3015 -0.0392 -0.3542 -0.2483 0.0418  -0.1968 0.1072  -0.0873 0.2597  'X-RAY DIFFRACTION' 
2 ? refined 2.7271   -0.2129  -4.6112  -0.0085 -0.0028 -0.0005 -0.0133 0.0053  0.0106  2.6992  0.9666  0.3800  0.9956   -0.9569 -0.3658 -0.1294 0.0479  -0.0270 -0.1633 0.0225  0.0597  -0.0028 -0.0497 0.1069  'X-RAY DIFFRACTION' 
3 ? refined -2.2081  3.7493   2.9436   -0.0122 0.0050  0.0022  0.0012  0.0083  0.0048  0.6084  0.3182  0.0621  -0.2568  0.0132  -0.0271 -0.0307 -0.0072 0.0351  0.0075  0.0103  -0.0110 0.0147  -0.0381 0.0203  'X-RAY DIFFRACTION' 
4 ? refined 4.6631   6.5128   8.3835   -0.0108 0.0014  -0.0059 0.0141  -0.0068 -0.0019 2.7896  6.0359  0.6707  -4.0278  1.0949  -1.8112 0.0443  0.0552  0.2422  -0.0613 -0.0648 -0.2236 0.0144  0.0194  0.0205  'X-RAY DIFFRACTION' 
5 ? refined 8.2176   -15.3219 -2.2587  -0.0064 -0.0582 -0.0213 0.0128  0.0555  0.0075  4.4673  6.9588  8.2150  -1.1462  0.1486  6.7725  -0.0106 -0.1330 -0.1532 -0.2153 -0.2348 -0.1440 0.0497  -0.0550 0.2453  'X-RAY DIFFRACTION' 
6 ? refined -7.7928  -11.4382 -10.9248 0.2733  -0.0689 0.0796  -0.0195 -0.2785 -0.1430 20.3138 17.6420 2.7101  -18.0203 -3.9716 1.7336  0.1955  0.0913  -0.8955 -1.7792 -0.2962 1.9253  -0.3307 -0.2504 0.1007  'X-RAY DIFFRACTION' 
7 ? refined -11.1896 3.5216   -0.9892  -0.0178 -0.0026 0.0849  -0.0200 0.0093  -0.0228 9.1849  7.5917  25.1207 2.0335   -1.6884 -8.2506 -0.0126 0.4702  -0.5728 -0.2644 0.2540  0.4512  0.5133  -0.7216 -0.2414 'X-RAY DIFFRACTION' 
# 
loop_
_pdbx_refine_tls_group.id 
_pdbx_refine_tls_group.refine_tls_id 
_pdbx_refine_tls_group.beg_auth_asym_id 
_pdbx_refine_tls_group.beg_auth_seq_id 
_pdbx_refine_tls_group.beg_label_asym_id 
_pdbx_refine_tls_group.beg_label_seq_id 
_pdbx_refine_tls_group.end_auth_asym_id 
_pdbx_refine_tls_group.end_auth_seq_id 
_pdbx_refine_tls_group.end_label_asym_id 
_pdbx_refine_tls_group.end_label_seq_id 
_pdbx_refine_tls_group.selection 
_pdbx_refine_tls_group.pdbx_refine_id 
_pdbx_refine_tls_group.selection_details 
1 1 A 419 A 3   A 427 A 11  ? 'X-RAY DIFFRACTION' ? 
2 2 A 428 A 12  A 448 A 32  ? 'X-RAY DIFFRACTION' ? 
3 3 A 449 A 33  A 515 A 99  ? 'X-RAY DIFFRACTION' ? 
4 4 A 516 A 100 A 533 A 117 ? 'X-RAY DIFFRACTION' ? 
5 5 A 534 A 118 A 547 A 131 ? 'X-RAY DIFFRACTION' ? 
6 6 A 548 A 132 A 562 A 146 ? 'X-RAY DIFFRACTION' ? 
7 7 A 563 A 147 A 568 A 152 ? 'X-RAY DIFFRACTION' ? 
# 
loop_
_software.name 
_software.classification 
_software.version 
_software.citation_id 
_software.pdbx_ordinal 
REFMAC      refinement        5.2.0019 ? 1 
SBC-Collect 'data collection' .        ? 2 
HKL-2000    'data reduction'  .        ? 3 
HKL-2000    'data scaling'    .        ? 4 
MOLREP      phasing           .        ? 5 
# 
_pdbx_validate_torsion.id              1 
_pdbx_validate_torsion.PDB_model_num   1 
_pdbx_validate_torsion.auth_comp_id    ARG 
_pdbx_validate_torsion.auth_asym_id    A 
_pdbx_validate_torsion.auth_seq_id     494 
_pdbx_validate_torsion.PDB_ins_code    ? 
_pdbx_validate_torsion.label_alt_id    ? 
_pdbx_validate_torsion.phi             -38.23 
_pdbx_validate_torsion.psi             130.58 
# 
loop_
_pdbx_unobs_or_zero_occ_residues.id 
_pdbx_unobs_or_zero_occ_residues.PDB_model_num 
_pdbx_unobs_or_zero_occ_residues.polymer_flag 
_pdbx_unobs_or_zero_occ_residues.occupancy_flag 
_pdbx_unobs_or_zero_occ_residues.auth_asym_id 
_pdbx_unobs_or_zero_occ_residues.auth_comp_id 
_pdbx_unobs_or_zero_occ_residues.auth_seq_id 
_pdbx_unobs_or_zero_occ_residues.PDB_ins_code 
_pdbx_unobs_or_zero_occ_residues.label_asym_id 
_pdbx_unobs_or_zero_occ_residues.label_comp_id 
_pdbx_unobs_or_zero_occ_residues.label_seq_id 
1 1 Y 1 A SER 417 ? A SER 1 
2 1 Y 1 A ASN 418 ? A ASN 2 
# 
loop_
_chem_comp_atom.comp_id 
_chem_comp_atom.atom_id 
_chem_comp_atom.type_symbol 
_chem_comp_atom.pdbx_aromatic_flag 
_chem_comp_atom.pdbx_stereo_config 
_chem_comp_atom.pdbx_ordinal 
ALA N    N N N 1   
ALA CA   C N S 2   
ALA C    C N N 3   
ALA O    O N N 4   
ALA CB   C N N 5   
ALA OXT  O N N 6   
ALA H    H N N 7   
ALA H2   H N N 8   
ALA HA   H N N 9   
ALA HB1  H N N 10  
ALA HB2  H N N 11  
ALA HB3  H N N 12  
ALA HXT  H N N 13  
ARG N    N N N 14  
ARG CA   C N S 15  
ARG C    C N N 16  
ARG O    O N N 17  
ARG CB   C N N 18  
ARG CG   C N N 19  
ARG CD   C N N 20  
ARG NE   N N N 21  
ARG CZ   C N N 22  
ARG NH1  N N N 23  
ARG NH2  N N N 24  
ARG OXT  O N N 25  
ARG H    H N N 26  
ARG H2   H N N 27  
ARG HA   H N N 28  
ARG HB2  H N N 29  
ARG HB3  H N N 30  
ARG HG2  H N N 31  
ARG HG3  H N N 32  
ARG HD2  H N N 33  
ARG HD3  H N N 34  
ARG HE   H N N 35  
ARG HH11 H N N 36  
ARG HH12 H N N 37  
ARG HH21 H N N 38  
ARG HH22 H N N 39  
ARG HXT  H N N 40  
ASN N    N N N 41  
ASN CA   C N S 42  
ASN C    C N N 43  
ASN O    O N N 44  
ASN CB   C N N 45  
ASN CG   C N N 46  
ASN OD1  O N N 47  
ASN ND2  N N N 48  
ASN OXT  O N N 49  
ASN H    H N N 50  
ASN H2   H N N 51  
ASN HA   H N N 52  
ASN HB2  H N N 53  
ASN HB3  H N N 54  
ASN HD21 H N N 55  
ASN HD22 H N N 56  
ASN HXT  H N N 57  
ASP N    N N N 58  
ASP CA   C N S 59  
ASP C    C N N 60  
ASP O    O N N 61  
ASP CB   C N N 62  
ASP CG   C N N 63  
ASP OD1  O N N 64  
ASP OD2  O N N 65  
ASP OXT  O N N 66  
ASP H    H N N 67  
ASP H2   H N N 68  
ASP HA   H N N 69  
ASP HB2  H N N 70  
ASP HB3  H N N 71  
ASP HD2  H N N 72  
ASP HXT  H N N 73  
GLN N    N N N 74  
GLN CA   C N S 75  
GLN C    C N N 76  
GLN O    O N N 77  
GLN CB   C N N 78  
GLN CG   C N N 79  
GLN CD   C N N 80  
GLN OE1  O N N 81  
GLN NE2  N N N 82  
GLN OXT  O N N 83  
GLN H    H N N 84  
GLN H2   H N N 85  
GLN HA   H N N 86  
GLN HB2  H N N 87  
GLN HB3  H N N 88  
GLN HG2  H N N 89  
GLN HG3  H N N 90  
GLN HE21 H N N 91  
GLN HE22 H N N 92  
GLN HXT  H N N 93  
GLU N    N N N 94  
GLU CA   C N S 95  
GLU C    C N N 96  
GLU O    O N N 97  
GLU CB   C N N 98  
GLU CG   C N N 99  
GLU CD   C N N 100 
GLU OE1  O N N 101 
GLU OE2  O N N 102 
GLU OXT  O N N 103 
GLU H    H N N 104 
GLU H2   H N N 105 
GLU HA   H N N 106 
GLU HB2  H N N 107 
GLU HB3  H N N 108 
GLU HG2  H N N 109 
GLU HG3  H N N 110 
GLU HE2  H N N 111 
GLU HXT  H N N 112 
GLY N    N N N 113 
GLY CA   C N N 114 
GLY C    C N N 115 
GLY O    O N N 116 
GLY OXT  O N N 117 
GLY H    H N N 118 
GLY H2   H N N 119 
GLY HA2  H N N 120 
GLY HA3  H N N 121 
GLY HXT  H N N 122 
HIS N    N N N 123 
HIS CA   C N S 124 
HIS C    C N N 125 
HIS O    O N N 126 
HIS CB   C N N 127 
HIS CG   C Y N 128 
HIS ND1  N Y N 129 
HIS CD2  C Y N 130 
HIS CE1  C Y N 131 
HIS NE2  N Y N 132 
HIS OXT  O N N 133 
HIS H    H N N 134 
HIS H2   H N N 135 
HIS HA   H N N 136 
HIS HB2  H N N 137 
HIS HB3  H N N 138 
HIS HD1  H N N 139 
HIS HD2  H N N 140 
HIS HE1  H N N 141 
HIS HE2  H N N 142 
HIS HXT  H N N 143 
HOH O    O N N 144 
HOH H1   H N N 145 
HOH H2   H N N 146 
ILE N    N N N 147 
ILE CA   C N S 148 
ILE C    C N N 149 
ILE O    O N N 150 
ILE CB   C N S 151 
ILE CG1  C N N 152 
ILE CG2  C N N 153 
ILE CD1  C N N 154 
ILE OXT  O N N 155 
ILE H    H N N 156 
ILE H2   H N N 157 
ILE HA   H N N 158 
ILE HB   H N N 159 
ILE HG12 H N N 160 
ILE HG13 H N N 161 
ILE HG21 H N N 162 
ILE HG22 H N N 163 
ILE HG23 H N N 164 
ILE HD11 H N N 165 
ILE HD12 H N N 166 
ILE HD13 H N N 167 
ILE HXT  H N N 168 
LEU N    N N N 169 
LEU CA   C N S 170 
LEU C    C N N 171 
LEU O    O N N 172 
LEU CB   C N N 173 
LEU CG   C N N 174 
LEU CD1  C N N 175 
LEU CD2  C N N 176 
LEU OXT  O N N 177 
LEU H    H N N 178 
LEU H2   H N N 179 
LEU HA   H N N 180 
LEU HB2  H N N 181 
LEU HB3  H N N 182 
LEU HG   H N N 183 
LEU HD11 H N N 184 
LEU HD12 H N N 185 
LEU HD13 H N N 186 
LEU HD21 H N N 187 
LEU HD22 H N N 188 
LEU HD23 H N N 189 
LEU HXT  H N N 190 
LYS N    N N N 191 
LYS CA   C N S 192 
LYS C    C N N 193 
LYS O    O N N 194 
LYS CB   C N N 195 
LYS CG   C N N 196 
LYS CD   C N N 197 
LYS CE   C N N 198 
LYS NZ   N N N 199 
LYS OXT  O N N 200 
LYS H    H N N 201 
LYS H2   H N N 202 
LYS HA   H N N 203 
LYS HB2  H N N 204 
LYS HB3  H N N 205 
LYS HG2  H N N 206 
LYS HG3  H N N 207 
LYS HD2  H N N 208 
LYS HD3  H N N 209 
LYS HE2  H N N 210 
LYS HE3  H N N 211 
LYS HZ1  H N N 212 
LYS HZ2  H N N 213 
LYS HZ3  H N N 214 
LYS HXT  H N N 215 
MET N    N N N 216 
MET CA   C N S 217 
MET C    C N N 218 
MET O    O N N 219 
MET CB   C N N 220 
MET CG   C N N 221 
MET SD   S N N 222 
MET CE   C N N 223 
MET OXT  O N N 224 
MET H    H N N 225 
MET H2   H N N 226 
MET HA   H N N 227 
MET HB2  H N N 228 
MET HB3  H N N 229 
MET HG2  H N N 230 
MET HG3  H N N 231 
MET HE1  H N N 232 
MET HE2  H N N 233 
MET HE3  H N N 234 
MET HXT  H N N 235 
PHE N    N N N 236 
PHE CA   C N S 237 
PHE C    C N N 238 
PHE O    O N N 239 
PHE CB   C N N 240 
PHE CG   C Y N 241 
PHE CD1  C Y N 242 
PHE CD2  C Y N 243 
PHE CE1  C Y N 244 
PHE CE2  C Y N 245 
PHE CZ   C Y N 246 
PHE OXT  O N N 247 
PHE H    H N N 248 
PHE H2   H N N 249 
PHE HA   H N N 250 
PHE HB2  H N N 251 
PHE HB3  H N N 252 
PHE HD1  H N N 253 
PHE HD2  H N N 254 
PHE HE1  H N N 255 
PHE HE2  H N N 256 
PHE HZ   H N N 257 
PHE HXT  H N N 258 
PRO N    N N N 259 
PRO CA   C N S 260 
PRO C    C N N 261 
PRO O    O N N 262 
PRO CB   C N N 263 
PRO CG   C N N 264 
PRO CD   C N N 265 
PRO OXT  O N N 266 
PRO H    H N N 267 
PRO HA   H N N 268 
PRO HB2  H N N 269 
PRO HB3  H N N 270 
PRO HG2  H N N 271 
PRO HG3  H N N 272 
PRO HD2  H N N 273 
PRO HD3  H N N 274 
PRO HXT  H N N 275 
SER N    N N N 276 
SER CA   C N S 277 
SER C    C N N 278 
SER O    O N N 279 
SER CB   C N N 280 
SER OG   O N N 281 
SER OXT  O N N 282 
SER H    H N N 283 
SER H2   H N N 284 
SER HA   H N N 285 
SER HB2  H N N 286 
SER HB3  H N N 287 
SER HG   H N N 288 
SER HXT  H N N 289 
THR N    N N N 290 
THR CA   C N S 291 
THR C    C N N 292 
THR O    O N N 293 
THR CB   C N R 294 
THR OG1  O N N 295 
THR CG2  C N N 296 
THR OXT  O N N 297 
THR H    H N N 298 
THR H2   H N N 299 
THR HA   H N N 300 
THR HB   H N N 301 
THR HG1  H N N 302 
THR HG21 H N N 303 
THR HG22 H N N 304 
THR HG23 H N N 305 
THR HXT  H N N 306 
TYR N    N N N 307 
TYR CA   C N S 308 
TYR C    C N N 309 
TYR O    O N N 310 
TYR CB   C N N 311 
TYR CG   C Y N 312 
TYR CD1  C Y N 313 
TYR CD2  C Y N 314 
TYR CE1  C Y N 315 
TYR CE2  C Y N 316 
TYR CZ   C Y N 317 
TYR OH   O N N 318 
TYR OXT  O N N 319 
TYR H    H N N 320 
TYR H2   H N N 321 
TYR HA   H N N 322 
TYR HB2  H N N 323 
TYR HB3  H N N 324 
TYR HD1  H N N 325 
TYR HD2  H N N 326 
TYR HE1  H N N 327 
TYR HE2  H N N 328 
TYR HH   H N N 329 
TYR HXT  H N N 330 
VAL N    N N N 331 
VAL CA   C N S 332 
VAL C    C N N 333 
VAL O    O N N 334 
VAL CB   C N N 335 
VAL CG1  C N N 336 
VAL CG2  C N N 337 
VAL OXT  O N N 338 
VAL H    H N N 339 
VAL H2   H N N 340 
VAL HA   H N N 341 
VAL HB   H N N 342 
VAL HG11 H N N 343 
VAL HG12 H N N 344 
VAL HG13 H N N 345 
VAL HG21 H N N 346 
VAL HG22 H N N 347 
VAL HG23 H N N 348 
VAL HXT  H N N 349 
# 
loop_
_chem_comp_bond.comp_id 
_chem_comp_bond.atom_id_1 
_chem_comp_bond.atom_id_2 
_chem_comp_bond.value_order 
_chem_comp_bond.pdbx_aromatic_flag 
_chem_comp_bond.pdbx_stereo_config 
_chem_comp_bond.pdbx_ordinal 
ALA N   CA   sing N N 1   
ALA N   H    sing N N 2   
ALA N   H2   sing N N 3   
ALA CA  C    sing N N 4   
ALA CA  CB   sing N N 5   
ALA CA  HA   sing N N 6   
ALA C   O    doub N N 7   
ALA C   OXT  sing N N 8   
ALA CB  HB1  sing N N 9   
ALA CB  HB2  sing N N 10  
ALA CB  HB3  sing N N 11  
ALA OXT HXT  sing N N 12  
ARG N   CA   sing N N 13  
ARG N   H    sing N N 14  
ARG N   H2   sing N N 15  
ARG CA  C    sing N N 16  
ARG CA  CB   sing N N 17  
ARG CA  HA   sing N N 18  
ARG C   O    doub N N 19  
ARG C   OXT  sing N N 20  
ARG CB  CG   sing N N 21  
ARG CB  HB2  sing N N 22  
ARG CB  HB3  sing N N 23  
ARG CG  CD   sing N N 24  
ARG CG  HG2  sing N N 25  
ARG CG  HG3  sing N N 26  
ARG CD  NE   sing N N 27  
ARG CD  HD2  sing N N 28  
ARG CD  HD3  sing N N 29  
ARG NE  CZ   sing N N 30  
ARG NE  HE   sing N N 31  
ARG CZ  NH1  sing N N 32  
ARG CZ  NH2  doub N N 33  
ARG NH1 HH11 sing N N 34  
ARG NH1 HH12 sing N N 35  
ARG NH2 HH21 sing N N 36  
ARG NH2 HH22 sing N N 37  
ARG OXT HXT  sing N N 38  
ASN N   CA   sing N N 39  
ASN N   H    sing N N 40  
ASN N   H2   sing N N 41  
ASN CA  C    sing N N 42  
ASN CA  CB   sing N N 43  
ASN CA  HA   sing N N 44  
ASN C   O    doub N N 45  
ASN C   OXT  sing N N 46  
ASN CB  CG   sing N N 47  
ASN CB  HB2  sing N N 48  
ASN CB  HB3  sing N N 49  
ASN CG  OD1  doub N N 50  
ASN CG  ND2  sing N N 51  
ASN ND2 HD21 sing N N 52  
ASN ND2 HD22 sing N N 53  
ASN OXT HXT  sing N N 54  
ASP N   CA   sing N N 55  
ASP N   H    sing N N 56  
ASP N   H2   sing N N 57  
ASP CA  C    sing N N 58  
ASP CA  CB   sing N N 59  
ASP CA  HA   sing N N 60  
ASP C   O    doub N N 61  
ASP C   OXT  sing N N 62  
ASP CB  CG   sing N N 63  
ASP CB  HB2  sing N N 64  
ASP CB  HB3  sing N N 65  
ASP CG  OD1  doub N N 66  
ASP CG  OD2  sing N N 67  
ASP OD2 HD2  sing N N 68  
ASP OXT HXT  sing N N 69  
GLN N   CA   sing N N 70  
GLN N   H    sing N N 71  
GLN N   H2   sing N N 72  
GLN CA  C    sing N N 73  
GLN CA  CB   sing N N 74  
GLN CA  HA   sing N N 75  
GLN C   O    doub N N 76  
GLN C   OXT  sing N N 77  
GLN CB  CG   sing N N 78  
GLN CB  HB2  sing N N 79  
GLN CB  HB3  sing N N 80  
GLN CG  CD   sing N N 81  
GLN CG  HG2  sing N N 82  
GLN CG  HG3  sing N N 83  
GLN CD  OE1  doub N N 84  
GLN CD  NE2  sing N N 85  
GLN NE2 HE21 sing N N 86  
GLN NE2 HE22 sing N N 87  
GLN OXT HXT  sing N N 88  
GLU N   CA   sing N N 89  
GLU N   H    sing N N 90  
GLU N   H2   sing N N 91  
GLU CA  C    sing N N 92  
GLU CA  CB   sing N N 93  
GLU CA  HA   sing N N 94  
GLU C   O    doub N N 95  
GLU C   OXT  sing N N 96  
GLU CB  CG   sing N N 97  
GLU CB  HB2  sing N N 98  
GLU CB  HB3  sing N N 99  
GLU CG  CD   sing N N 100 
GLU CG  HG2  sing N N 101 
GLU CG  HG3  sing N N 102 
GLU CD  OE1  doub N N 103 
GLU CD  OE2  sing N N 104 
GLU OE2 HE2  sing N N 105 
GLU OXT HXT  sing N N 106 
GLY N   CA   sing N N 107 
GLY N   H    sing N N 108 
GLY N   H2   sing N N 109 
GLY CA  C    sing N N 110 
GLY CA  HA2  sing N N 111 
GLY CA  HA3  sing N N 112 
GLY C   O    doub N N 113 
GLY C   OXT  sing N N 114 
GLY OXT HXT  sing N N 115 
HIS N   CA   sing N N 116 
HIS N   H    sing N N 117 
HIS N   H2   sing N N 118 
HIS CA  C    sing N N 119 
HIS CA  CB   sing N N 120 
HIS CA  HA   sing N N 121 
HIS C   O    doub N N 122 
HIS C   OXT  sing N N 123 
HIS CB  CG   sing N N 124 
HIS CB  HB2  sing N N 125 
HIS CB  HB3  sing N N 126 
HIS CG  ND1  sing Y N 127 
HIS CG  CD2  doub Y N 128 
HIS ND1 CE1  doub Y N 129 
HIS ND1 HD1  sing N N 130 
HIS CD2 NE2  sing Y N 131 
HIS CD2 HD2  sing N N 132 
HIS CE1 NE2  sing Y N 133 
HIS CE1 HE1  sing N N 134 
HIS NE2 HE2  sing N N 135 
HIS OXT HXT  sing N N 136 
HOH O   H1   sing N N 137 
HOH O   H2   sing N N 138 
ILE N   CA   sing N N 139 
ILE N   H    sing N N 140 
ILE N   H2   sing N N 141 
ILE CA  C    sing N N 142 
ILE CA  CB   sing N N 143 
ILE CA  HA   sing N N 144 
ILE C   O    doub N N 145 
ILE C   OXT  sing N N 146 
ILE CB  CG1  sing N N 147 
ILE CB  CG2  sing N N 148 
ILE CB  HB   sing N N 149 
ILE CG1 CD1  sing N N 150 
ILE CG1 HG12 sing N N 151 
ILE CG1 HG13 sing N N 152 
ILE CG2 HG21 sing N N 153 
ILE CG2 HG22 sing N N 154 
ILE CG2 HG23 sing N N 155 
ILE CD1 HD11 sing N N 156 
ILE CD1 HD12 sing N N 157 
ILE CD1 HD13 sing N N 158 
ILE OXT HXT  sing N N 159 
LEU N   CA   sing N N 160 
LEU N   H    sing N N 161 
LEU N   H2   sing N N 162 
LEU CA  C    sing N N 163 
LEU CA  CB   sing N N 164 
LEU CA  HA   sing N N 165 
LEU C   O    doub N N 166 
LEU C   OXT  sing N N 167 
LEU CB  CG   sing N N 168 
LEU CB  HB2  sing N N 169 
LEU CB  HB3  sing N N 170 
LEU CG  CD1  sing N N 171 
LEU CG  CD2  sing N N 172 
LEU CG  HG   sing N N 173 
LEU CD1 HD11 sing N N 174 
LEU CD1 HD12 sing N N 175 
LEU CD1 HD13 sing N N 176 
LEU CD2 HD21 sing N N 177 
LEU CD2 HD22 sing N N 178 
LEU CD2 HD23 sing N N 179 
LEU OXT HXT  sing N N 180 
LYS N   CA   sing N N 181 
LYS N   H    sing N N 182 
LYS N   H2   sing N N 183 
LYS CA  C    sing N N 184 
LYS CA  CB   sing N N 185 
LYS CA  HA   sing N N 186 
LYS C   O    doub N N 187 
LYS C   OXT  sing N N 188 
LYS CB  CG   sing N N 189 
LYS CB  HB2  sing N N 190 
LYS CB  HB3  sing N N 191 
LYS CG  CD   sing N N 192 
LYS CG  HG2  sing N N 193 
LYS CG  HG3  sing N N 194 
LYS CD  CE   sing N N 195 
LYS CD  HD2  sing N N 196 
LYS CD  HD3  sing N N 197 
LYS CE  NZ   sing N N 198 
LYS CE  HE2  sing N N 199 
LYS CE  HE3  sing N N 200 
LYS NZ  HZ1  sing N N 201 
LYS NZ  HZ2  sing N N 202 
LYS NZ  HZ3  sing N N 203 
LYS OXT HXT  sing N N 204 
MET N   CA   sing N N 205 
MET N   H    sing N N 206 
MET N   H2   sing N N 207 
MET CA  C    sing N N 208 
MET CA  CB   sing N N 209 
MET CA  HA   sing N N 210 
MET C   O    doub N N 211 
MET C   OXT  sing N N 212 
MET CB  CG   sing N N 213 
MET CB  HB2  sing N N 214 
MET CB  HB3  sing N N 215 
MET CG  SD   sing N N 216 
MET CG  HG2  sing N N 217 
MET CG  HG3  sing N N 218 
MET SD  CE   sing N N 219 
MET CE  HE1  sing N N 220 
MET CE  HE2  sing N N 221 
MET CE  HE3  sing N N 222 
MET OXT HXT  sing N N 223 
PHE N   CA   sing N N 224 
PHE N   H    sing N N 225 
PHE N   H2   sing N N 226 
PHE CA  C    sing N N 227 
PHE CA  CB   sing N N 228 
PHE CA  HA   sing N N 229 
PHE C   O    doub N N 230 
PHE C   OXT  sing N N 231 
PHE CB  CG   sing N N 232 
PHE CB  HB2  sing N N 233 
PHE CB  HB3  sing N N 234 
PHE CG  CD1  doub Y N 235 
PHE CG  CD2  sing Y N 236 
PHE CD1 CE1  sing Y N 237 
PHE CD1 HD1  sing N N 238 
PHE CD2 CE2  doub Y N 239 
PHE CD2 HD2  sing N N 240 
PHE CE1 CZ   doub Y N 241 
PHE CE1 HE1  sing N N 242 
PHE CE2 CZ   sing Y N 243 
PHE CE2 HE2  sing N N 244 
PHE CZ  HZ   sing N N 245 
PHE OXT HXT  sing N N 246 
PRO N   CA   sing N N 247 
PRO N   CD   sing N N 248 
PRO N   H    sing N N 249 
PRO CA  C    sing N N 250 
PRO CA  CB   sing N N 251 
PRO CA  HA   sing N N 252 
PRO C   O    doub N N 253 
PRO C   OXT  sing N N 254 
PRO CB  CG   sing N N 255 
PRO CB  HB2  sing N N 256 
PRO CB  HB3  sing N N 257 
PRO CG  CD   sing N N 258 
PRO CG  HG2  sing N N 259 
PRO CG  HG3  sing N N 260 
PRO CD  HD2  sing N N 261 
PRO CD  HD3  sing N N 262 
PRO OXT HXT  sing N N 263 
SER N   CA   sing N N 264 
SER N   H    sing N N 265 
SER N   H2   sing N N 266 
SER CA  C    sing N N 267 
SER CA  CB   sing N N 268 
SER CA  HA   sing N N 269 
SER C   O    doub N N 270 
SER C   OXT  sing N N 271 
SER CB  OG   sing N N 272 
SER CB  HB2  sing N N 273 
SER CB  HB3  sing N N 274 
SER OG  HG   sing N N 275 
SER OXT HXT  sing N N 276 
THR N   CA   sing N N 277 
THR N   H    sing N N 278 
THR N   H2   sing N N 279 
THR CA  C    sing N N 280 
THR CA  CB   sing N N 281 
THR CA  HA   sing N N 282 
THR C   O    doub N N 283 
THR C   OXT  sing N N 284 
THR CB  OG1  sing N N 285 
THR CB  CG2  sing N N 286 
THR CB  HB   sing N N 287 
THR OG1 HG1  sing N N 288 
THR CG2 HG21 sing N N 289 
THR CG2 HG22 sing N N 290 
THR CG2 HG23 sing N N 291 
THR OXT HXT  sing N N 292 
TYR N   CA   sing N N 293 
TYR N   H    sing N N 294 
TYR N   H2   sing N N 295 
TYR CA  C    sing N N 296 
TYR CA  CB   sing N N 297 
TYR CA  HA   sing N N 298 
TYR C   O    doub N N 299 
TYR C   OXT  sing N N 300 
TYR CB  CG   sing N N 301 
TYR CB  HB2  sing N N 302 
TYR CB  HB3  sing N N 303 
TYR CG  CD1  doub Y N 304 
TYR CG  CD2  sing Y N 305 
TYR CD1 CE1  sing Y N 306 
TYR CD1 HD1  sing N N 307 
TYR CD2 CE2  doub Y N 308 
TYR CD2 HD2  sing N N 309 
TYR CE1 CZ   doub Y N 310 
TYR CE1 HE1  sing N N 311 
TYR CE2 CZ   sing Y N 312 
TYR CE2 HE2  sing N N 313 
TYR CZ  OH   sing N N 314 
TYR OH  HH   sing N N 315 
TYR OXT HXT  sing N N 316 
VAL N   CA   sing N N 317 
VAL N   H    sing N N 318 
VAL N   H2   sing N N 319 
VAL CA  C    sing N N 320 
VAL CA  CB   sing N N 321 
VAL CA  HA   sing N N 322 
VAL C   O    doub N N 323 
VAL C   OXT  sing N N 324 
VAL CB  CG1  sing N N 325 
VAL CB  CG2  sing N N 326 
VAL CB  HB   sing N N 327 
VAL CG1 HG11 sing N N 328 
VAL CG1 HG12 sing N N 329 
VAL CG1 HG13 sing N N 330 
VAL CG2 HG21 sing N N 331 
VAL CG2 HG22 sing N N 332 
VAL CG2 HG23 sing N N 333 
VAL OXT HXT  sing N N 334 
# 
_pdbx_entity_nonpoly.entity_id   2 
_pdbx_entity_nonpoly.name        water 
_pdbx_entity_nonpoly.comp_id     HOH 
# 
_pdbx_initial_refinement_model.id               1 
_pdbx_initial_refinement_model.entity_id_list   ? 
_pdbx_initial_refinement_model.type             'experimental model' 
_pdbx_initial_refinement_model.source_name      PDB 
_pdbx_initial_refinement_model.accession_code   1YUW 
_pdbx_initial_refinement_model.details          'PDB entry 1YUW' 
# 
